data_7CQF
# 
_entry.id   7CQF 
# 
_audit_conform.dict_name       mmcif_pdbx.dic 
_audit_conform.dict_version    5.380 
_audit_conform.dict_location   http://mmcif.pdb.org/dictionaries/ascii/mmcif_pdbx.dic 
# 
loop_
_database_2.database_id 
_database_2.database_code 
_database_2.pdbx_database_accession 
_database_2.pdbx_DOI 
PDB   7CQF         pdb_00007cqf 10.2210/pdb7cqf/pdb 
WWPDB D_1300018011 ?            ?                   
# 
_pdbx_database_status.status_code                     REL 
_pdbx_database_status.status_code_sf                  REL 
_pdbx_database_status.status_code_mr                  ? 
_pdbx_database_status.entry_id                        7CQF 
_pdbx_database_status.recvd_initial_deposition_date   2020-08-10 
_pdbx_database_status.SG_entry                        N 
_pdbx_database_status.deposit_site                    PDBJ 
_pdbx_database_status.process_site                    PDBJ 
_pdbx_database_status.status_code_cs                  ? 
_pdbx_database_status.status_code_nmr_data            ? 
_pdbx_database_status.methods_development_category    ? 
_pdbx_database_status.pdb_format_compatible           Y 
# 
loop_
_audit_author.name 
_audit_author.pdbx_ordinal 
_audit_author.identifier_ORCID 
'Yamagata, A.' 1 ? 
'Fukai, S.'    2 ? 
# 
_citation.abstract                  ? 
_citation.abstract_id_CAS           ? 
_citation.book_id_ISBN              ? 
_citation.book_publisher            ? 
_citation.book_publisher_city       ? 
_citation.book_title                ? 
_citation.coordinate_linkage        ? 
_citation.country                   US 
_citation.database_id_Medline       ? 
_citation.details                   ? 
_citation.id                        primary 
_citation.journal_abbrev            Proc.Natl.Acad.Sci.USA 
_citation.journal_id_ASTM           PNASA6 
_citation.journal_id_CSD            0040 
_citation.journal_id_ISSN           1091-6490 
_citation.journal_full              ? 
_citation.journal_issue             ? 
_citation.journal_volume            118 
_citation.language                  ? 
_citation.page_first                ? 
_citation.page_last                 ? 
_citation.title                     
'LGI1-ADAM22-MAGUK configures transsynaptic nanoalignment for synaptic transmission and epilepsy prevention.' 
_citation.year                      2021 
_citation.database_id_CSD           ? 
_citation.pdbx_database_id_DOI      10.1073/pnas.2022580118 
_citation.pdbx_database_id_PubMed   33397806 
_citation.unpublished_flag          ? 
# 
loop_
_citation_author.citation_id 
_citation_author.name 
_citation_author.ordinal 
_citation_author.identifier_ORCID 
primary 'Fukata, Y.'      1  ? 
primary 'Chen, X.'        2  ? 
primary 'Chiken, S.'      3  ? 
primary 'Hirano, Y.'      4  ? 
primary 'Yamagata, A.'    5  ? 
primary 'Inahashi, H.'    6  ? 
primary 'Sanbo, M.'       7  ? 
primary 'Sano, H.'        8  ? 
primary 'Goto, T.'        9  ? 
primary 'Hirabayashi, M.' 10 ? 
primary 'Kornau, H.C.'    11 ? 
primary 'Pruss, H.'       12 ? 
primary 'Nambu, A.'       13 ? 
primary 'Fukai, S.'       14 ? 
primary 'Nicoll, R.A.'    15 ? 
primary 'Fukata, M.'      16 ? 
# 
_cell.angle_alpha                  90.00 
_cell.angle_alpha_esd              ? 
_cell.angle_beta                   90.00 
_cell.angle_beta_esd               ? 
_cell.angle_gamma                  120.00 
_cell.angle_gamma_esd              ? 
_cell.entry_id                     7CQF 
_cell.details                      ? 
_cell.formula_units_Z              ? 
_cell.length_a                     63.961 
_cell.length_a_esd                 ? 
_cell.length_b                     63.961 
_cell.length_b_esd                 ? 
_cell.length_c                     48.795 
_cell.length_c_esd                 ? 
_cell.volume                       ? 
_cell.volume_esd                   ? 
_cell.Z_PDB                        6 
_cell.reciprocal_angle_alpha       ? 
_cell.reciprocal_angle_beta        ? 
_cell.reciprocal_angle_gamma       ? 
_cell.reciprocal_angle_alpha_esd   ? 
_cell.reciprocal_angle_beta_esd    ? 
_cell.reciprocal_angle_gamma_esd   ? 
_cell.reciprocal_length_a          ? 
_cell.reciprocal_length_b          ? 
_cell.reciprocal_length_c          ? 
_cell.reciprocal_length_a_esd      ? 
_cell.reciprocal_length_b_esd      ? 
_cell.reciprocal_length_c_esd      ? 
_cell.pdbx_unique_axis             ? 
# 
_symmetry.entry_id                         7CQF 
_symmetry.cell_setting                     ? 
_symmetry.Int_Tables_number                169 
_symmetry.space_group_name_Hall            ? 
_symmetry.space_group_name_H-M             'P 61' 
_symmetry.pdbx_full_space_group_name_H-M   ? 
# 
loop_
_entity.id 
_entity.type 
_entity.src_method 
_entity.pdbx_description 
_entity.formula_weight 
_entity.pdbx_number_of_molecules 
_entity.pdbx_ec 
_entity.pdbx_mutation 
_entity.pdbx_fragment 
_entity.details 
1 polymer     man 'Disks large homolog 4,Disintegrin and metalloproteinase domain-containing protein 22' 16446.395 1  ? ? ? 
'Fusion protein of PSD-95 PDZ3, linker, and ADAM22 C-terminal peptide' 
2 non-polymer man 'CHLORIDE ION'                                                                         35.453    1  ? ? ? ? 
3 non-polymer syn 'CHOLINE ION'                                                                          104.171   1  ? ? ? ? 
4 non-polymer syn 1,2-ETHANEDIOL                                                                         62.068    4  ? ? ? ? 
5 water       nat water                                                                                  18.015    46 ? ? ? ? 
# 
_entity_name_com.entity_id   1 
_entity_name_com.name        
;Postsynaptic density protein 95,PSD-95,Synapse-associated protein 90,SAP90,ADAM 22,Metalloproteinase-disintegrin ADAM22-3,Metalloproteinase-like,disintegrin-like,and cysteine-rich protein 2
;
# 
_entity_poly.entity_id                      1 
_entity_poly.type                           'polypeptide(L)' 
_entity_poly.nstd_linkage                   no 
_entity_poly.nstd_monomer                   no 
_entity_poly.pdbx_seq_one_letter_code       
;MNHKVHHHHHHIEGRHNREPRRIVIHRGSTGLGFNIVGGEDGEGIFISFILAGGPADLSGELRKGDQILSVNGVDLRNAS
HEQAAIALKNAGQTVTIIAQYKPEEYSRFEAKIHDLREQLMNSSLGSGTASGSSGKKVNRQSARLWETSI
;
_entity_poly.pdbx_seq_one_letter_code_can   
;MNHKVHHHHHHIEGRHNREPRRIVIHRGSTGLGFNIVGGEDGEGIFISFILAGGPADLSGELRKGDQILSVNGVDLRNAS
HEQAAIALKNAGQTVTIIAQYKPEEYSRFEAKIHDLREQLMNSSLGSGTASGSSGKKVNRQSARLWETSI
;
_entity_poly.pdbx_strand_id                 A 
_entity_poly.pdbx_target_identifier         ? 
# 
loop_
_entity_poly_seq.entity_id 
_entity_poly_seq.num 
_entity_poly_seq.mon_id 
_entity_poly_seq.hetero 
1 1   MET n 
1 2   ASN n 
1 3   HIS n 
1 4   LYS n 
1 5   VAL n 
1 6   HIS n 
1 7   HIS n 
1 8   HIS n 
1 9   HIS n 
1 10  HIS n 
1 11  HIS n 
1 12  ILE n 
1 13  GLU n 
1 14  GLY n 
1 15  ARG n 
1 16  HIS n 
1 17  ASN n 
1 18  ARG n 
1 19  GLU n 
1 20  PRO n 
1 21  ARG n 
1 22  ARG n 
1 23  ILE n 
1 24  VAL n 
1 25  ILE n 
1 26  HIS n 
1 27  ARG n 
1 28  GLY n 
1 29  SER n 
1 30  THR n 
1 31  GLY n 
1 32  LEU n 
1 33  GLY n 
1 34  PHE n 
1 35  ASN n 
1 36  ILE n 
1 37  VAL n 
1 38  GLY n 
1 39  GLY n 
1 40  GLU n 
1 41  ASP n 
1 42  GLY n 
1 43  GLU n 
1 44  GLY n 
1 45  ILE n 
1 46  PHE n 
1 47  ILE n 
1 48  SER n 
1 49  PHE n 
1 50  ILE n 
1 51  LEU n 
1 52  ALA n 
1 53  GLY n 
1 54  GLY n 
1 55  PRO n 
1 56  ALA n 
1 57  ASP n 
1 58  LEU n 
1 59  SER n 
1 60  GLY n 
1 61  GLU n 
1 62  LEU n 
1 63  ARG n 
1 64  LYS n 
1 65  GLY n 
1 66  ASP n 
1 67  GLN n 
1 68  ILE n 
1 69  LEU n 
1 70  SER n 
1 71  VAL n 
1 72  ASN n 
1 73  GLY n 
1 74  VAL n 
1 75  ASP n 
1 76  LEU n 
1 77  ARG n 
1 78  ASN n 
1 79  ALA n 
1 80  SER n 
1 81  HIS n 
1 82  GLU n 
1 83  GLN n 
1 84  ALA n 
1 85  ALA n 
1 86  ILE n 
1 87  ALA n 
1 88  LEU n 
1 89  LYS n 
1 90  ASN n 
1 91  ALA n 
1 92  GLY n 
1 93  GLN n 
1 94  THR n 
1 95  VAL n 
1 96  THR n 
1 97  ILE n 
1 98  ILE n 
1 99  ALA n 
1 100 GLN n 
1 101 TYR n 
1 102 LYS n 
1 103 PRO n 
1 104 GLU n 
1 105 GLU n 
1 106 TYR n 
1 107 SER n 
1 108 ARG n 
1 109 PHE n 
1 110 GLU n 
1 111 ALA n 
1 112 LYS n 
1 113 ILE n 
1 114 HIS n 
1 115 ASP n 
1 116 LEU n 
1 117 ARG n 
1 118 GLU n 
1 119 GLN n 
1 120 LEU n 
1 121 MET n 
1 122 ASN n 
1 123 SER n 
1 124 SER n 
1 125 LEU n 
1 126 GLY n 
1 127 SER n 
1 128 GLY n 
1 129 THR n 
1 130 ALA n 
1 131 SER n 
1 132 GLY n 
1 133 SER n 
1 134 SER n 
1 135 GLY n 
1 136 LYS n 
1 137 LYS n 
1 138 VAL n 
1 139 ASN n 
1 140 ARG n 
1 141 GLN n 
1 142 SER n 
1 143 ALA n 
1 144 ARG n 
1 145 LEU n 
1 146 TRP n 
1 147 GLU n 
1 148 THR n 
1 149 SER n 
1 150 ILE n 
# 
loop_
_entity_src_gen.entity_id 
_entity_src_gen.pdbx_src_id 
_entity_src_gen.pdbx_alt_source_flag 
_entity_src_gen.pdbx_seq_type 
_entity_src_gen.pdbx_beg_seq_num 
_entity_src_gen.pdbx_end_seq_num 
_entity_src_gen.gene_src_common_name 
_entity_src_gen.gene_src_genus 
_entity_src_gen.pdbx_gene_src_gene 
_entity_src_gen.gene_src_species 
_entity_src_gen.gene_src_strain 
_entity_src_gen.gene_src_tissue 
_entity_src_gen.gene_src_tissue_fraction 
_entity_src_gen.gene_src_details 
_entity_src_gen.pdbx_gene_src_fragment 
_entity_src_gen.pdbx_gene_src_scientific_name 
_entity_src_gen.pdbx_gene_src_ncbi_taxonomy_id 
_entity_src_gen.pdbx_gene_src_variant 
_entity_src_gen.pdbx_gene_src_cell_line 
_entity_src_gen.pdbx_gene_src_atcc 
_entity_src_gen.pdbx_gene_src_organ 
_entity_src_gen.pdbx_gene_src_organelle 
_entity_src_gen.pdbx_gene_src_cell 
_entity_src_gen.pdbx_gene_src_cellular_location 
_entity_src_gen.host_org_common_name 
_entity_src_gen.pdbx_host_org_scientific_name 
_entity_src_gen.pdbx_host_org_ncbi_taxonomy_id 
_entity_src_gen.host_org_genus 
_entity_src_gen.pdbx_host_org_gene 
_entity_src_gen.pdbx_host_org_organ 
_entity_src_gen.host_org_species 
_entity_src_gen.pdbx_host_org_tissue 
_entity_src_gen.pdbx_host_org_tissue_fraction 
_entity_src_gen.pdbx_host_org_strain 
_entity_src_gen.pdbx_host_org_variant 
_entity_src_gen.pdbx_host_org_cell_line 
_entity_src_gen.pdbx_host_org_atcc 
_entity_src_gen.pdbx_host_org_culture_collection 
_entity_src_gen.pdbx_host_org_cell 
_entity_src_gen.pdbx_host_org_organelle 
_entity_src_gen.pdbx_host_org_cellular_location 
_entity_src_gen.pdbx_host_org_vector_type 
_entity_src_gen.pdbx_host_org_vector 
_entity_src_gen.host_org_details 
_entity_src_gen.expression_system_id 
_entity_src_gen.plasmid_name 
_entity_src_gen.plasmid_details 
_entity_src_gen.pdbx_description 
1 1 sample 'Biological sequence' 1   131 Rat   ? 'Dlg4, Dlgh4, Psd95' ? ? ? ? ? ? 'Rattus norvegicus' 10116 ? ? ? ? ? ? ? ? 
'Escherichia coli' 562 ? ? ? ? ? ? ? ? ? ? ? ? ? ? ? ? ? ? ? ? ? 
1 2 sample 'Biological sequence' 132 150 Human ? 'ADAM22, MDC2'       ? ? ? ? ? ? 'Homo sapiens'      9606  ? ? ? ? ? ? ? ? 
'Escherichia coli' 562 ? ? ? ? ? ? ? ? ? ? ? ? ? ? ? ? ? ? ? ? ? 
# 
loop_
_struct_ref.id 
_struct_ref.db_name 
_struct_ref.db_code 
_struct_ref.pdbx_db_accession 
_struct_ref.pdbx_db_isoform 
_struct_ref.entity_id 
_struct_ref.pdbx_seq_one_letter_code 
_struct_ref.pdbx_align_begin 
1 UNP DLG4_RAT    P31016 ? 1 
;REPRRIVIHRGSTGLGFNIVGGEDGEGIFISFILAGGPADLSGELRKGDQILSVNGVDLRNASHEQAAIALKNAGQTVTI
IAQYKPEEYSRFEAKIHDLREQLMNSSLGSGTAS
;
309 
2 UNP ADA22_HUMAN Q9P0K1 ? 1 KKVNRQSARLWETSI 892 
# 
loop_
_struct_ref_seq.align_id 
_struct_ref_seq.ref_id 
_struct_ref_seq.pdbx_PDB_id_code 
_struct_ref_seq.pdbx_strand_id 
_struct_ref_seq.seq_align_beg 
_struct_ref_seq.pdbx_seq_align_beg_ins_code 
_struct_ref_seq.seq_align_end 
_struct_ref_seq.pdbx_seq_align_end_ins_code 
_struct_ref_seq.pdbx_db_accession 
_struct_ref_seq.db_align_beg 
_struct_ref_seq.pdbx_db_align_beg_ins_code 
_struct_ref_seq.db_align_end 
_struct_ref_seq.pdbx_db_align_end_ins_code 
_struct_ref_seq.pdbx_auth_seq_align_beg 
_struct_ref_seq.pdbx_auth_seq_align_end 
1 1 7CQF A 18  ? 131 ? P31016 309 ? 422 ? 309 422 
2 2 7CQF A 136 ? 150 ? Q9P0K1 892 ? 906 ? 427 441 
# 
loop_
_struct_ref_seq_dif.align_id 
_struct_ref_seq_dif.pdbx_pdb_id_code 
_struct_ref_seq_dif.mon_id 
_struct_ref_seq_dif.pdbx_pdb_strand_id 
_struct_ref_seq_dif.seq_num 
_struct_ref_seq_dif.pdbx_pdb_ins_code 
_struct_ref_seq_dif.pdbx_seq_db_name 
_struct_ref_seq_dif.pdbx_seq_db_accession_code 
_struct_ref_seq_dif.db_mon_id 
_struct_ref_seq_dif.pdbx_seq_db_seq_num 
_struct_ref_seq_dif.details 
_struct_ref_seq_dif.pdbx_auth_seq_num 
_struct_ref_seq_dif.pdbx_ordinal 
1 7CQF MET A 1   ? UNP P31016 ? ? 'initiating methionine' 292 1  
1 7CQF ASN A 2   ? UNP P31016 ? ? 'expression tag'        293 2  
1 7CQF HIS A 3   ? UNP P31016 ? ? 'expression tag'        294 3  
1 7CQF LYS A 4   ? UNP P31016 ? ? 'expression tag'        295 4  
1 7CQF VAL A 5   ? UNP P31016 ? ? 'expression tag'        296 5  
1 7CQF HIS A 6   ? UNP P31016 ? ? 'expression tag'        297 6  
1 7CQF HIS A 7   ? UNP P31016 ? ? 'expression tag'        298 7  
1 7CQF HIS A 8   ? UNP P31016 ? ? 'expression tag'        299 8  
1 7CQF HIS A 9   ? UNP P31016 ? ? 'expression tag'        300 9  
1 7CQF HIS A 10  ? UNP P31016 ? ? 'expression tag'        301 10 
1 7CQF HIS A 11  ? UNP P31016 ? ? 'expression tag'        302 11 
1 7CQF ILE A 12  ? UNP P31016 ? ? 'expression tag'        303 12 
1 7CQF GLU A 13  ? UNP P31016 ? ? 'expression tag'        304 13 
1 7CQF GLY A 14  ? UNP P31016 ? ? 'expression tag'        305 14 
1 7CQF ARG A 15  ? UNP P31016 ? ? 'expression tag'        306 15 
1 7CQF HIS A 16  ? UNP P31016 ? ? 'expression tag'        307 16 
1 7CQF ASN A 17  ? UNP P31016 ? ? 'expression tag'        308 17 
1 7CQF GLY A 132 ? UNP P31016 ? ? linker                  423 18 
1 7CQF SER A 133 ? UNP P31016 ? ? linker                  424 19 
1 7CQF SER A 134 ? UNP P31016 ? ? linker                  425 20 
1 7CQF GLY A 135 ? UNP P31016 ? ? linker                  426 21 
# 
loop_
_chem_comp.id 
_chem_comp.type 
_chem_comp.mon_nstd_flag 
_chem_comp.name 
_chem_comp.pdbx_synonyms 
_chem_comp.formula 
_chem_comp.formula_weight 
ALA 'L-peptide linking' y ALANINE         ?                 'C3 H7 N O2'     89.093  
ARG 'L-peptide linking' y ARGININE        ?                 'C6 H15 N4 O2 1' 175.209 
ASN 'L-peptide linking' y ASPARAGINE      ?                 'C4 H8 N2 O3'    132.118 
ASP 'L-peptide linking' y 'ASPARTIC ACID' ?                 'C4 H7 N O4'     133.103 
CHT non-polymer         . 'CHOLINE ION'   ?                 'C5 H14 N O 1'   104.171 
CL  non-polymer         . 'CHLORIDE ION'  ?                 'Cl -1'          35.453  
EDO non-polymer         . 1,2-ETHANEDIOL  'ETHYLENE GLYCOL' 'C2 H6 O2'       62.068  
GLN 'L-peptide linking' y GLUTAMINE       ?                 'C5 H10 N2 O3'   146.144 
GLU 'L-peptide linking' y 'GLUTAMIC ACID' ?                 'C5 H9 N O4'     147.129 
GLY 'peptide linking'   y GLYCINE         ?                 'C2 H5 N O2'     75.067  
HIS 'L-peptide linking' y HISTIDINE       ?                 'C6 H10 N3 O2 1' 156.162 
HOH non-polymer         . WATER           ?                 'H2 O'           18.015  
ILE 'L-peptide linking' y ISOLEUCINE      ?                 'C6 H13 N O2'    131.173 
LEU 'L-peptide linking' y LEUCINE         ?                 'C6 H13 N O2'    131.173 
LYS 'L-peptide linking' y LYSINE          ?                 'C6 H15 N2 O2 1' 147.195 
MET 'L-peptide linking' y METHIONINE      ?                 'C5 H11 N O2 S'  149.211 
PHE 'L-peptide linking' y PHENYLALANINE   ?                 'C9 H11 N O2'    165.189 
PRO 'L-peptide linking' y PROLINE         ?                 'C5 H9 N O2'     115.130 
SER 'L-peptide linking' y SERINE          ?                 'C3 H7 N O3'     105.093 
THR 'L-peptide linking' y THREONINE       ?                 'C4 H9 N O3'     119.119 
TRP 'L-peptide linking' y TRYPTOPHAN      ?                 'C11 H12 N2 O2'  204.225 
TYR 'L-peptide linking' y TYROSINE        ?                 'C9 H11 N O3'    181.189 
VAL 'L-peptide linking' y VALINE          ?                 'C5 H11 N O2'    117.146 
# 
_exptl.absorpt_coefficient_mu     ? 
_exptl.absorpt_correction_T_max   ? 
_exptl.absorpt_correction_T_min   ? 
_exptl.absorpt_correction_type    ? 
_exptl.absorpt_process_details    ? 
_exptl.entry_id                   7CQF 
_exptl.crystals_number            1 
_exptl.details                    ? 
_exptl.method                     'X-RAY DIFFRACTION' 
_exptl.method_details             ? 
# 
_exptl_crystal.colour                      ? 
_exptl_crystal.density_diffrn              ? 
_exptl_crystal.density_Matthews            1.75 
_exptl_crystal.density_method              ? 
_exptl_crystal.density_percent_sol         29.79 
_exptl_crystal.description                 ? 
_exptl_crystal.F_000                       ? 
_exptl_crystal.id                          1 
_exptl_crystal.preparation                 ? 
_exptl_crystal.size_max                    ? 
_exptl_crystal.size_mid                    ? 
_exptl_crystal.size_min                    ? 
_exptl_crystal.size_rad                    ? 
_exptl_crystal.colour_lustre               ? 
_exptl_crystal.colour_modifier             ? 
_exptl_crystal.colour_primary              ? 
_exptl_crystal.density_meas                ? 
_exptl_crystal.density_meas_esd            ? 
_exptl_crystal.density_meas_gt             ? 
_exptl_crystal.density_meas_lt             ? 
_exptl_crystal.density_meas_temp           ? 
_exptl_crystal.density_meas_temp_esd       ? 
_exptl_crystal.density_meas_temp_gt        ? 
_exptl_crystal.density_meas_temp_lt        ? 
_exptl_crystal.pdbx_crystal_image_url      ? 
_exptl_crystal.pdbx_crystal_image_format   ? 
_exptl_crystal.pdbx_mosaicity              ? 
_exptl_crystal.pdbx_mosaicity_esd          ? 
# 
_exptl_crystal_grow.apparatus       ? 
_exptl_crystal_grow.atmosphere      ? 
_exptl_crystal_grow.crystal_id      1 
_exptl_crystal_grow.details         ? 
_exptl_crystal_grow.method          'VAPOR DIFFUSION, SITTING DROP' 
_exptl_crystal_grow.method_ref      ? 
_exptl_crystal_grow.pH              7.5 
_exptl_crystal_grow.pressure        ? 
_exptl_crystal_grow.pressure_esd    ? 
_exptl_crystal_grow.seeding         ? 
_exptl_crystal_grow.seeding_ref     ? 
_exptl_crystal_grow.temp            293 
_exptl_crystal_grow.temp_details    ? 
_exptl_crystal_grow.temp_esd        ? 
_exptl_crystal_grow.time            ? 
_exptl_crystal_grow.pdbx_details    '0.2 M choline chloride, 0.1 M Tris-HCl (pH 7.5), 14 % (w/v) PEG 2000 MME' 
_exptl_crystal_grow.pdbx_pH_range   ? 
# 
_diffrn.ambient_environment              ? 
_diffrn.ambient_temp                     100 
_diffrn.ambient_temp_details             ? 
_diffrn.ambient_temp_esd                 ? 
_diffrn.crystal_id                       1 
_diffrn.crystal_support                  ? 
_diffrn.crystal_treatment                ? 
_diffrn.details                          ? 
_diffrn.id                               1 
_diffrn.ambient_pressure                 ? 
_diffrn.ambient_pressure_esd             ? 
_diffrn.ambient_pressure_gt              ? 
_diffrn.ambient_pressure_lt              ? 
_diffrn.ambient_temp_gt                  ? 
_diffrn.ambient_temp_lt                  ? 
_diffrn.pdbx_serial_crystal_experiment   N 
# 
_diffrn_detector.details                      ? 
_diffrn_detector.detector                     PIXEL 
_diffrn_detector.diffrn_id                    1 
_diffrn_detector.type                         'DECTRIS EIGER X 16M' 
_diffrn_detector.area_resol_mean              ? 
_diffrn_detector.dtime                        ? 
_diffrn_detector.pdbx_frames_total            ? 
_diffrn_detector.pdbx_collection_time_total   ? 
_diffrn_detector.pdbx_collection_date         2019-04-17 
_diffrn_detector.pdbx_frequency               ? 
# 
_diffrn_radiation.collimation                      ? 
_diffrn_radiation.diffrn_id                        1 
_diffrn_radiation.filter_edge                      ? 
_diffrn_radiation.inhomogeneity                    ? 
_diffrn_radiation.monochromator                    ? 
_diffrn_radiation.polarisn_norm                    ? 
_diffrn_radiation.polarisn_ratio                   ? 
_diffrn_radiation.probe                            ? 
_diffrn_radiation.type                             ? 
_diffrn_radiation.xray_symbol                      ? 
_diffrn_radiation.wavelength_id                    1 
_diffrn_radiation.pdbx_monochromatic_or_laue_m_l   M 
_diffrn_radiation.pdbx_wavelength_list             ? 
_diffrn_radiation.pdbx_wavelength                  ? 
_diffrn_radiation.pdbx_diffrn_protocol             'SINGLE WAVELENGTH' 
_diffrn_radiation.pdbx_analyzer                    ? 
_diffrn_radiation.pdbx_scattering_type             x-ray 
# 
_diffrn_radiation_wavelength.id           1 
_diffrn_radiation_wavelength.wavelength   1.000 
_diffrn_radiation_wavelength.wt           1.0 
# 
_diffrn_source.current                     ? 
_diffrn_source.details                     ? 
_diffrn_source.diffrn_id                   1 
_diffrn_source.power                       ? 
_diffrn_source.size                        ? 
_diffrn_source.source                      SYNCHROTRON 
_diffrn_source.target                      ? 
_diffrn_source.type                        'SPRING-8 BEAMLINE BL41XU' 
_diffrn_source.voltage                     ? 
_diffrn_source.take-off_angle              ? 
_diffrn_source.pdbx_wavelength_list        1.000 
_diffrn_source.pdbx_wavelength             ? 
_diffrn_source.pdbx_synchrotron_beamline   BL41XU 
_diffrn_source.pdbx_synchrotron_site       SPring-8 
# 
_reflns.B_iso_Wilson_estimate            ? 
_reflns.entry_id                         7CQF 
_reflns.data_reduction_details           ? 
_reflns.data_reduction_method            ? 
_reflns.d_resolution_high                1.80 
_reflns.d_resolution_low                 50 
_reflns.details                          ? 
_reflns.limit_h_max                      ? 
_reflns.limit_h_min                      ? 
_reflns.limit_k_max                      ? 
_reflns.limit_k_min                      ? 
_reflns.limit_l_max                      ? 
_reflns.limit_l_min                      ? 
_reflns.number_all                       ? 
_reflns.number_obs                       10624 
_reflns.observed_criterion               ? 
_reflns.observed_criterion_F_max         ? 
_reflns.observed_criterion_F_min         ? 
_reflns.observed_criterion_I_max         ? 
_reflns.observed_criterion_I_min         ? 
_reflns.observed_criterion_sigma_F       ? 
_reflns.observed_criterion_sigma_I       ? 
_reflns.percent_possible_obs             100 
_reflns.R_free_details                   ? 
_reflns.Rmerge_F_all                     ? 
_reflns.Rmerge_F_obs                     ? 
_reflns.Friedel_coverage                 ? 
_reflns.number_gt                        ? 
_reflns.threshold_expression             ? 
_reflns.pdbx_redundancy                  16.1 
_reflns.pdbx_Rmerge_I_obs                ? 
_reflns.pdbx_Rmerge_I_all                ? 
_reflns.pdbx_Rsym_value                  0.130 
_reflns.pdbx_netI_over_av_sigmaI         ? 
_reflns.pdbx_netI_over_sigmaI            26.2 
_reflns.pdbx_res_netI_over_av_sigmaI_2   ? 
_reflns.pdbx_res_netI_over_sigmaI_2      ? 
_reflns.pdbx_chi_squared                 ? 
_reflns.pdbx_scaling_rejects             ? 
_reflns.pdbx_d_res_high_opt              ? 
_reflns.pdbx_d_res_low_opt               ? 
_reflns.pdbx_d_res_opt_method            ? 
_reflns.phase_calculation_details        ? 
_reflns.pdbx_Rrim_I_all                  0.134 
_reflns.pdbx_Rpim_I_all                  0.031 
_reflns.pdbx_d_opt                       ? 
_reflns.pdbx_number_measured_all         ? 
_reflns.pdbx_diffrn_id                   1 
_reflns.pdbx_ordinal                     1 
_reflns.pdbx_CC_half                     0.999 
_reflns.pdbx_CC_star                     ? 
_reflns.pdbx_R_split                     ? 
# 
_reflns_shell.d_res_high                  1.80 
_reflns_shell.d_res_low                   1.83 
_reflns_shell.meanI_over_sigI_all         ? 
_reflns_shell.meanI_over_sigI_obs         ? 
_reflns_shell.number_measured_all         ? 
_reflns_shell.number_measured_obs         ? 
_reflns_shell.number_possible             ? 
_reflns_shell.number_unique_all           ? 
_reflns_shell.number_unique_obs           532 
_reflns_shell.percent_possible_all        ? 
_reflns_shell.percent_possible_obs        ? 
_reflns_shell.Rmerge_F_all                ? 
_reflns_shell.Rmerge_F_obs                ? 
_reflns_shell.Rmerge_I_all                ? 
_reflns_shell.Rmerge_I_obs                ? 
_reflns_shell.meanI_over_sigI_gt          ? 
_reflns_shell.meanI_over_uI_all           ? 
_reflns_shell.meanI_over_uI_gt            ? 
_reflns_shell.number_measured_gt          ? 
_reflns_shell.number_unique_gt            ? 
_reflns_shell.percent_possible_gt         ? 
_reflns_shell.Rmerge_F_gt                 ? 
_reflns_shell.Rmerge_I_gt                 ? 
_reflns_shell.pdbx_redundancy             ? 
_reflns_shell.pdbx_Rsym_value             0.745 
_reflns_shell.pdbx_chi_squared            ? 
_reflns_shell.pdbx_netI_over_sigmaI_all   ? 
_reflns_shell.pdbx_netI_over_sigmaI_obs   ? 
_reflns_shell.pdbx_Rrim_I_all             0.791 
_reflns_shell.pdbx_Rpim_I_all             0.262 
_reflns_shell.pdbx_rejects                ? 
_reflns_shell.pdbx_ordinal                1 
_reflns_shell.pdbx_diffrn_id              1 
_reflns_shell.pdbx_CC_half                0.944 
_reflns_shell.pdbx_CC_star                ? 
_reflns_shell.pdbx_R_split                ? 
# 
_refine.aniso_B[1][1]                            0.54 
_refine.aniso_B[1][2]                            0.27 
_refine.aniso_B[1][3]                            0.00 
_refine.aniso_B[2][2]                            0.54 
_refine.aniso_B[2][3]                            0.00 
_refine.aniso_B[3][3]                            -1.76 
_refine.B_iso_max                                ? 
_refine.B_iso_mean                               31.530 
_refine.B_iso_min                                ? 
_refine.correlation_coeff_Fo_to_Fc               0.966 
_refine.correlation_coeff_Fo_to_Fc_free          0.941 
_refine.details                                  'HYDROGENS HAVE BEEN ADDED IN THE RIDING POSITIONS' 
_refine.diff_density_max                         ? 
_refine.diff_density_max_esd                     ? 
_refine.diff_density_min                         ? 
_refine.diff_density_min_esd                     ? 
_refine.diff_density_rms                         ? 
_refine.diff_density_rms_esd                     ? 
_refine.entry_id                                 7CQF 
_refine.pdbx_refine_id                           'X-RAY DIFFRACTION' 
_refine.ls_abs_structure_details                 ? 
_refine.ls_abs_structure_Flack                   ? 
_refine.ls_abs_structure_Flack_esd               ? 
_refine.ls_abs_structure_Rogers                  ? 
_refine.ls_abs_structure_Rogers_esd              ? 
_refine.ls_d_res_high                            1.80 
_refine.ls_d_res_low                             36.64 
_refine.ls_extinction_coef                       ? 
_refine.ls_extinction_coef_esd                   ? 
_refine.ls_extinction_expression                 ? 
_refine.ls_extinction_method                     ? 
_refine.ls_goodness_of_fit_all                   ? 
_refine.ls_goodness_of_fit_all_esd               ? 
_refine.ls_goodness_of_fit_obs                   ? 
_refine.ls_goodness_of_fit_obs_esd               ? 
_refine.ls_hydrogen_treatment                    ? 
_refine.ls_matrix_type                           ? 
_refine.ls_number_constraints                    ? 
_refine.ls_number_parameters                     ? 
_refine.ls_number_reflns_all                     ? 
_refine.ls_number_reflns_obs                     10052 
_refine.ls_number_reflns_R_free                  548 
_refine.ls_number_reflns_R_work                  ? 
_refine.ls_number_restraints                     ? 
_refine.ls_percent_reflns_obs                    99.99 
_refine.ls_percent_reflns_R_free                 5.2 
_refine.ls_R_factor_all                          ? 
_refine.ls_R_factor_obs                          0.16893 
_refine.ls_R_factor_R_free                       0.20513 
_refine.ls_R_factor_R_free_error                 ? 
_refine.ls_R_factor_R_free_error_details         ? 
_refine.ls_R_factor_R_work                       0.16684 
_refine.ls_R_Fsqd_factor_obs                     ? 
_refine.ls_R_I_factor_obs                        ? 
_refine.ls_redundancy_reflns_all                 ? 
_refine.ls_redundancy_reflns_obs                 ? 
_refine.ls_restrained_S_all                      ? 
_refine.ls_restrained_S_obs                      ? 
_refine.ls_shift_over_esd_max                    ? 
_refine.ls_shift_over_esd_mean                   ? 
_refine.ls_structure_factor_coef                 ? 
_refine.ls_weighting_details                     ? 
_refine.ls_weighting_scheme                      ? 
_refine.ls_wR_factor_all                         ? 
_refine.ls_wR_factor_obs                         ? 
_refine.ls_wR_factor_R_free                      ? 
_refine.ls_wR_factor_R_work                      ? 
_refine.occupancy_max                            ? 
_refine.occupancy_min                            ? 
_refine.solvent_model_details                    MASK 
_refine.solvent_model_param_bsol                 ? 
_refine.solvent_model_param_ksol                 ? 
_refine.pdbx_R_complete                          ? 
_refine.ls_R_factor_gt                           ? 
_refine.ls_goodness_of_fit_gt                    ? 
_refine.ls_goodness_of_fit_ref                   ? 
_refine.ls_shift_over_su_max                     ? 
_refine.ls_shift_over_su_max_lt                  ? 
_refine.ls_shift_over_su_mean                    ? 
_refine.ls_shift_over_su_mean_lt                 ? 
_refine.pdbx_ls_sigma_I                          ? 
_refine.pdbx_ls_sigma_F                          ? 
_refine.pdbx_ls_sigma_Fsqd                       ? 
_refine.pdbx_data_cutoff_high_absF               ? 
_refine.pdbx_data_cutoff_high_rms_absF           ? 
_refine.pdbx_data_cutoff_low_absF                ? 
_refine.pdbx_isotropic_thermal_model             ? 
_refine.pdbx_ls_cross_valid_method               THROUGHOUT 
_refine.pdbx_method_to_determine_struct          'MOLECULAR REPLACEMENT' 
_refine.pdbx_starting_model                      1TP3 
_refine.pdbx_stereochemistry_target_values       'MAXIMUM LIKELIHOOD' 
_refine.pdbx_R_Free_selection_details            RANDOM 
_refine.pdbx_stereochem_target_val_spec_case     ? 
_refine.pdbx_overall_ESU_R                       0.120 
_refine.pdbx_overall_ESU_R_Free                  0.116 
_refine.pdbx_solvent_vdw_probe_radii             1.20 
_refine.pdbx_solvent_ion_probe_radii             0.80 
_refine.pdbx_solvent_shrinkage_radii             0.80 
_refine.pdbx_real_space_R                        ? 
_refine.pdbx_density_correlation                 ? 
_refine.pdbx_pd_number_of_powder_patterns        ? 
_refine.pdbx_pd_number_of_points                 ? 
_refine.pdbx_pd_meas_number_of_points            ? 
_refine.pdbx_pd_proc_ls_prof_R_factor            ? 
_refine.pdbx_pd_proc_ls_prof_wR_factor           ? 
_refine.pdbx_pd_Marquardt_correlation_coeff      ? 
_refine.pdbx_pd_Fsqrd_R_factor                   ? 
_refine.pdbx_pd_ls_matrix_band_width             ? 
_refine.pdbx_overall_phase_error                 ? 
_refine.pdbx_overall_SU_R_free_Cruickshank_DPI   ? 
_refine.pdbx_overall_SU_R_free_Blow_DPI          ? 
_refine.pdbx_overall_SU_R_Blow_DPI               ? 
_refine.pdbx_TLS_residual_ADP_flag               ? 
_refine.pdbx_diffrn_id                           1 
_refine.overall_SU_B                             2.781 
_refine.overall_SU_ML                            0.084 
_refine.overall_SU_R_Cruickshank_DPI             ? 
_refine.overall_SU_R_free                        ? 
_refine.overall_FOM_free_R_set                   ? 
_refine.overall_FOM_work_R_set                   ? 
_refine.pdbx_average_fsc_overall                 ? 
_refine.pdbx_average_fsc_work                    ? 
_refine.pdbx_average_fsc_free                    ? 
# 
_refine_hist.pdbx_refine_id                   'X-RAY DIFFRACTION' 
_refine_hist.cycle_id                         1 
_refine_hist.details                          ? 
_refine_hist.d_res_high                       1.80 
_refine_hist.d_res_low                        36.64 
_refine_hist.number_atoms_solvent             46 
_refine_hist.number_atoms_total               947 
_refine_hist.number_reflns_all                ? 
_refine_hist.number_reflns_obs                ? 
_refine_hist.number_reflns_R_free             ? 
_refine_hist.number_reflns_R_work             ? 
_refine_hist.R_factor_all                     ? 
_refine_hist.R_factor_obs                     ? 
_refine_hist.R_factor_R_free                  ? 
_refine_hist.R_factor_R_work                  ? 
_refine_hist.pdbx_number_residues_total       ? 
_refine_hist.pdbx_B_iso_mean_ligand           ? 
_refine_hist.pdbx_B_iso_mean_solvent          ? 
_refine_hist.pdbx_number_atoms_protein        877 
_refine_hist.pdbx_number_atoms_nucleic_acid   0 
_refine_hist.pdbx_number_atoms_ligand         24 
_refine_hist.pdbx_number_atoms_lipid          ? 
_refine_hist.pdbx_number_atoms_carb           ? 
_refine_hist.pdbx_pseudo_atom_details         ? 
# 
loop_
_refine_ls_restr.pdbx_refine_id 
_refine_ls_restr.criterion 
_refine_ls_restr.dev_ideal 
_refine_ls_restr.dev_ideal_target 
_refine_ls_restr.number 
_refine_ls_restr.rejects 
_refine_ls_restr.type 
_refine_ls_restr.weight 
_refine_ls_restr.pdbx_restraint_function 
'X-RAY DIFFRACTION' ? 0.010  0.013  915  ? r_bond_refined_d             ? ? 
'X-RAY DIFFRACTION' ? 0.001  0.017  876  ? r_bond_other_d               ? ? 
'X-RAY DIFFRACTION' ? 1.660  1.652  1225 ? r_angle_refined_deg          ? ? 
'X-RAY DIFFRACTION' ? 1.413  1.599  2018 ? r_angle_other_deg            ? ? 
'X-RAY DIFFRACTION' ? 7.080  5.000  113  ? r_dihedral_angle_1_deg       ? ? 
'X-RAY DIFFRACTION' ? 27.697 21.296 54   ? r_dihedral_angle_2_deg       ? ? 
'X-RAY DIFFRACTION' ? 15.046 15.000 155  ? r_dihedral_angle_3_deg       ? ? 
'X-RAY DIFFRACTION' ? 17.496 15.000 9    ? r_dihedral_angle_4_deg       ? ? 
'X-RAY DIFFRACTION' ? 0.073  0.200  118  ? r_chiral_restr               ? ? 
'X-RAY DIFFRACTION' ? 0.009  0.020  1034 ? r_gen_planes_refined         ? ? 
'X-RAY DIFFRACTION' ? 0.001  0.020  197  ? r_gen_planes_other           ? ? 
'X-RAY DIFFRACTION' ? ?      ?      ?    ? r_nbd_refined                ? ? 
'X-RAY DIFFRACTION' ? ?      ?      ?    ? r_nbd_other                  ? ? 
'X-RAY DIFFRACTION' ? ?      ?      ?    ? r_nbtor_refined              ? ? 
'X-RAY DIFFRACTION' ? ?      ?      ?    ? r_nbtor_other                ? ? 
'X-RAY DIFFRACTION' ? ?      ?      ?    ? r_xyhbond_nbd_refined        ? ? 
'X-RAY DIFFRACTION' ? ?      ?      ?    ? r_xyhbond_nbd_other          ? ? 
'X-RAY DIFFRACTION' ? ?      ?      ?    ? r_metal_ion_refined          ? ? 
'X-RAY DIFFRACTION' ? ?      ?      ?    ? r_metal_ion_other            ? ? 
'X-RAY DIFFRACTION' ? ?      ?      ?    ? r_symmetry_vdw_refined       ? ? 
'X-RAY DIFFRACTION' ? ?      ?      ?    ? r_symmetry_vdw_other         ? ? 
'X-RAY DIFFRACTION' ? ?      ?      ?    ? r_symmetry_hbond_refined     ? ? 
'X-RAY DIFFRACTION' ? ?      ?      ?    ? r_symmetry_hbond_other       ? ? 
'X-RAY DIFFRACTION' ? ?      ?      ?    ? r_symmetry_metal_ion_refined ? ? 
'X-RAY DIFFRACTION' ? ?      ?      ?    ? r_symmetry_metal_ion_other   ? ? 
'X-RAY DIFFRACTION' ? 2.521  2.962  455  ? r_mcbond_it                  ? ? 
'X-RAY DIFFRACTION' ? 2.511  2.961  454  ? r_mcbond_other               ? ? 
'X-RAY DIFFRACTION' ? 3.548  4.408  567  ? r_mcangle_it                 ? ? 
'X-RAY DIFFRACTION' ? 3.549  4.408  568  ? r_mcangle_other              ? ? 
'X-RAY DIFFRACTION' ? 4.080  3.691  460  ? r_scbond_it                  ? ? 
'X-RAY DIFFRACTION' ? 4.076  3.695  461  ? r_scbond_other               ? ? 
'X-RAY DIFFRACTION' ? ?      ?      ?    ? r_scangle_it                 ? ? 
'X-RAY DIFFRACTION' ? 6.361  5.302  659  ? r_scangle_other              ? ? 
'X-RAY DIFFRACTION' ? 8.071  35.265 951  ? r_long_range_B_refined       ? ? 
'X-RAY DIFFRACTION' ? 8.071  35.248 951  ? r_long_range_B_other         ? ? 
'X-RAY DIFFRACTION' ? ?      ?      ?    ? r_rigid_bond_restr           ? ? 
'X-RAY DIFFRACTION' ? ?      ?      ?    ? r_sphericity_free            ? ? 
'X-RAY DIFFRACTION' ? ?      ?      ?    ? r_sphericity_bonded          ? ? 
# 
_refine_ls_shell.pdbx_refine_id                   'X-RAY DIFFRACTION' 
_refine_ls_shell.d_res_high                       1.802 
_refine_ls_shell.d_res_low                        1.848 
_refine_ls_shell.number_reflns_all                ? 
_refine_ls_shell.number_reflns_obs                ? 
_refine_ls_shell.number_reflns_R_free             37 
_refine_ls_shell.number_reflns_R_work             728 
_refine_ls_shell.percent_reflns_obs               100.00 
_refine_ls_shell.percent_reflns_R_free            ? 
_refine_ls_shell.R_factor_all                     ? 
_refine_ls_shell.R_factor_obs                     ? 
_refine_ls_shell.R_factor_R_free                  0.287 
_refine_ls_shell.R_factor_R_free_error            ? 
_refine_ls_shell.R_factor_R_work                  0.264 
_refine_ls_shell.redundancy_reflns_all            ? 
_refine_ls_shell.redundancy_reflns_obs            ? 
_refine_ls_shell.wR_factor_all                    ? 
_refine_ls_shell.wR_factor_obs                    ? 
_refine_ls_shell.wR_factor_R_free                 ? 
_refine_ls_shell.wR_factor_R_work                 ? 
_refine_ls_shell.pdbx_R_complete                  ? 
_refine_ls_shell.pdbx_total_number_of_bins_used   20 
_refine_ls_shell.pdbx_phase_error                 ? 
_refine_ls_shell.pdbx_fsc_work                    ? 
_refine_ls_shell.pdbx_fsc_free                    ? 
# 
_struct.entry_id                     7CQF 
_struct.title                        'Crystal structure of PSD-95 PDZ3 fused with ADAM22 C-terminal peptide' 
_struct.pdbx_model_details           ? 
_struct.pdbx_formula_weight          ? 
_struct.pdbx_formula_weight_method   ? 
_struct.pdbx_model_type_details      ? 
_struct.pdbx_CASP_flag               N 
# 
_struct_keywords.entry_id        7CQF 
_struct_keywords.text            'Scaffold protein, Membrane receptor, SIGNALING PROTEIN' 
_struct_keywords.pdbx_keywords   'SIGNALING PROTEIN' 
# 
loop_
_struct_asym.id 
_struct_asym.pdbx_blank_PDB_chainid_flag 
_struct_asym.pdbx_modified 
_struct_asym.entity_id 
_struct_asym.details 
A N N 1 ? 
B N N 2 ? 
C N N 3 ? 
D N N 4 ? 
E N N 4 ? 
F N N 4 ? 
G N N 4 ? 
H N N 5 ? 
# 
loop_
_struct_conf.conf_type_id 
_struct_conf.id 
_struct_conf.pdbx_PDB_helix_id 
_struct_conf.beg_label_comp_id 
_struct_conf.beg_label_asym_id 
_struct_conf.beg_label_seq_id 
_struct_conf.pdbx_beg_PDB_ins_code 
_struct_conf.end_label_comp_id 
_struct_conf.end_label_asym_id 
_struct_conf.end_label_seq_id 
_struct_conf.pdbx_end_PDB_ins_code 
_struct_conf.beg_auth_comp_id 
_struct_conf.beg_auth_asym_id 
_struct_conf.beg_auth_seq_id 
_struct_conf.end_auth_comp_id 
_struct_conf.end_auth_asym_id 
_struct_conf.end_auth_seq_id 
_struct_conf.pdbx_PDB_helix_class 
_struct_conf.details 
_struct_conf.pdbx_PDB_helix_length 
HELX_P HELX_P1 AA1 GLY A 54  ? GLY A 60  ? GLY A 345 GLY A 351 1 ? 7  
HELX_P HELX_P2 AA2 SER A 80  ? ASN A 90  ? SER A 371 ASN A 381 1 ? 11 
HELX_P HELX_P3 AA3 LYS A 102 ? LEU A 120 ? LYS A 393 LEU A 411 1 ? 19 
# 
_struct_conf_type.id          HELX_P 
_struct_conf_type.criteria    ? 
_struct_conf_type.reference   ? 
# 
loop_
_struct_sheet.id 
_struct_sheet.type 
_struct_sheet.number_strands 
_struct_sheet.details 
AA1 ? 4 ? 
AA2 ? 3 ? 
# 
loop_
_struct_sheet_order.sheet_id 
_struct_sheet_order.range_id_1 
_struct_sheet_order.range_id_2 
_struct_sheet_order.offset 
_struct_sheet_order.sense 
AA1 1 2 ? anti-parallel 
AA1 2 3 ? anti-parallel 
AA1 3 4 ? anti-parallel 
AA2 1 2 ? anti-parallel 
AA2 2 3 ? anti-parallel 
# 
loop_
_struct_sheet_range.sheet_id 
_struct_sheet_range.id 
_struct_sheet_range.beg_label_comp_id 
_struct_sheet_range.beg_label_asym_id 
_struct_sheet_range.beg_label_seq_id 
_struct_sheet_range.pdbx_beg_PDB_ins_code 
_struct_sheet_range.end_label_comp_id 
_struct_sheet_range.end_label_asym_id 
_struct_sheet_range.end_label_seq_id 
_struct_sheet_range.pdbx_end_PDB_ins_code 
_struct_sheet_range.beg_auth_comp_id 
_struct_sheet_range.beg_auth_asym_id 
_struct_sheet_range.beg_auth_seq_id 
_struct_sheet_range.end_auth_comp_id 
_struct_sheet_range.end_auth_asym_id 
_struct_sheet_range.end_auth_seq_id 
AA1 1 ARG A 21  ? HIS A 26  ? ARG A 312 HIS A 317 
AA1 2 THR A 94  ? TYR A 101 ? THR A 385 TYR A 392 
AA1 3 ASP A 66  ? VAL A 71  ? ASP A 357 VAL A 362 
AA1 4 VAL A 74  ? ASP A 75  ? VAL A 365 ASP A 366 
AA2 1 ILE A 45  ? ILE A 50  ? ILE A 336 ILE A 341 
AA2 2 PHE A 34  ? GLY A 38  ? PHE A 325 GLY A 329 
AA2 3 THR A 148 ? SER A 149 ? THR A 439 SER A 440 
# 
loop_
_pdbx_struct_sheet_hbond.sheet_id 
_pdbx_struct_sheet_hbond.range_id_1 
_pdbx_struct_sheet_hbond.range_id_2 
_pdbx_struct_sheet_hbond.range_1_label_atom_id 
_pdbx_struct_sheet_hbond.range_1_label_comp_id 
_pdbx_struct_sheet_hbond.range_1_label_asym_id 
_pdbx_struct_sheet_hbond.range_1_label_seq_id 
_pdbx_struct_sheet_hbond.range_1_PDB_ins_code 
_pdbx_struct_sheet_hbond.range_1_auth_atom_id 
_pdbx_struct_sheet_hbond.range_1_auth_comp_id 
_pdbx_struct_sheet_hbond.range_1_auth_asym_id 
_pdbx_struct_sheet_hbond.range_1_auth_seq_id 
_pdbx_struct_sheet_hbond.range_2_label_atom_id 
_pdbx_struct_sheet_hbond.range_2_label_comp_id 
_pdbx_struct_sheet_hbond.range_2_label_asym_id 
_pdbx_struct_sheet_hbond.range_2_label_seq_id 
_pdbx_struct_sheet_hbond.range_2_PDB_ins_code 
_pdbx_struct_sheet_hbond.range_2_auth_atom_id 
_pdbx_struct_sheet_hbond.range_2_auth_comp_id 
_pdbx_struct_sheet_hbond.range_2_auth_asym_id 
_pdbx_struct_sheet_hbond.range_2_auth_seq_id 
AA1 1 2 N ILE A 23  ? N ILE A 314 O ILE A 97  ? O ILE A 388 
AA1 2 3 O GLN A 100 ? O GLN A 391 N GLN A 67  ? N GLN A 358 
AA1 3 4 N VAL A 71  ? N VAL A 362 O VAL A 74  ? O VAL A 365 
AA2 1 2 O PHE A 46  ? O PHE A 337 N VAL A 37  ? N VAL A 328 
AA2 2 3 N ILE A 36  ? N ILE A 327 O THR A 148 ? O THR A 439 
# 
loop_
_struct_site.id 
_struct_site.pdbx_evidence_code 
_struct_site.pdbx_auth_asym_id 
_struct_site.pdbx_auth_comp_id 
_struct_site.pdbx_auth_seq_id 
_struct_site.pdbx_auth_ins_code 
_struct_site.pdbx_num_residues 
_struct_site.details 
AC1 Software A CL  601 ? 4 'binding site for residue CL A 601'  
AC2 Software A CHT 602 ? 8 'binding site for residue CHT A 602' 
AC3 Software A EDO 603 ? 4 'binding site for residue EDO A 603' 
AC4 Software A EDO 604 ? 6 'binding site for residue EDO A 604' 
AC5 Software A EDO 605 ? 9 'binding site for residue EDO A 605' 
AC6 Software A EDO 606 ? 6 'binding site for residue EDO A 606' 
# 
loop_
_struct_site_gen.id 
_struct_site_gen.site_id 
_struct_site_gen.pdbx_num_res 
_struct_site_gen.label_comp_id 
_struct_site_gen.label_asym_id 
_struct_site_gen.label_seq_id 
_struct_site_gen.pdbx_auth_ins_code 
_struct_site_gen.auth_comp_id 
_struct_site_gen.auth_asym_id 
_struct_site_gen.auth_seq_id 
_struct_site_gen.label_atom_id 
_struct_site_gen.label_alt_id 
_struct_site_gen.symmetry 
_struct_site_gen.details 
1  AC1 4 ARG A 22  ? ARG A 313 . ? 1_555 ? 
2  AC1 4 GLY A 39  ? GLY A 330 . ? 4_445 ? 
3  AC1 4 HIS A 81  ? HIS A 372 . ? 4_445 ? 
4  AC1 4 EDO F .   ? EDO A 605 . ? 4_445 ? 
5  AC2 8 ASP A 57  ? ASP A 348 . ? 3_444 ? 
6  AC2 8 LEU A 58  ? LEU A 349 . ? 3_444 ? 
7  AC2 8 GLY A 60  ? GLY A 351 . ? 3_444 ? 
8  AC2 8 ARG A 77  ? ARG A 368 . ? 4_444 ? 
9  AC2 8 TRP A 146 ? TRP A 437 . ? 1_555 ? 
10 AC2 8 GLU A 147 ? GLU A 438 . ? 1_555 ? 
11 AC2 8 THR A 148 ? THR A 439 . ? 1_555 ? 
12 AC2 8 HOH H .   ? HOH A 743 . ? 1_555 ? 
13 AC3 4 ASN A 72  ? ASN A 363 . ? 4_444 ? 
14 AC3 4 ALA A 87  ? ALA A 378 . ? 4_444 ? 
15 AC3 4 ASN A 90  ? ASN A 381 . ? 4_444 ? 
16 AC3 4 ALA A 91  ? ALA A 382 . ? 4_444 ? 
17 AC4 6 GLU A 43  ? GLU A 334 . ? 1_555 ? 
18 AC4 6 PHE A 46  ? PHE A 337 . ? 1_555 ? 
19 AC4 6 GLU A 105 ? GLU A 396 . ? 1_555 ? 
20 AC4 6 ARG A 108 ? ARG A 399 . ? 1_555 ? 
21 AC4 6 EDO G .   ? EDO A 606 . ? 1_555 ? 
22 AC4 6 HOH H .   ? HOH A 721 . ? 1_555 ? 
23 AC5 9 GLY A 38  ? GLY A 329 . ? 1_555 ? 
24 AC5 9 GLY A 73  ? GLY A 364 . ? 4_444 ? 
25 AC5 9 HIS A 81  ? HIS A 372 . ? 1_555 ? 
26 AC5 9 THR A 96  ? THR A 387 . ? 4_444 ? 
27 AC5 9 TRP A 146 ? TRP A 437 . ? 1_555 ? 
28 AC5 9 CL  B .   ? CL  A 601 . ? 4_444 ? 
29 AC5 9 HOH H .   ? HOH A 704 . ? 1_555 ? 
30 AC5 9 HOH H .   ? HOH A 706 . ? 1_555 ? 
31 AC5 9 HOH H .   ? HOH A 710 . ? 1_555 ? 
32 AC6 6 GLY A 42  ? GLY A 333 . ? 1_555 ? 
33 AC6 6 GLN A 67  ? GLN A 358 . ? 1_555 ? 
34 AC6 6 LYS A 102 ? LYS A 393 . ? 1_555 ? 
35 AC6 6 GLU A 105 ? GLU A 396 . ? 1_555 ? 
36 AC6 6 EDO E .   ? EDO A 604 . ? 1_555 ? 
37 AC6 6 HOH H .   ? HOH A 717 . ? 1_555 ? 
# 
_atom_sites.entry_id                    7CQF 
_atom_sites.Cartn_transf_matrix[1][1]   ? 
_atom_sites.Cartn_transf_matrix[1][2]   ? 
_atom_sites.Cartn_transf_matrix[1][3]   ? 
_atom_sites.Cartn_transf_matrix[2][1]   ? 
_atom_sites.Cartn_transf_matrix[2][2]   ? 
_atom_sites.Cartn_transf_matrix[2][3]   ? 
_atom_sites.Cartn_transf_matrix[3][1]   ? 
_atom_sites.Cartn_transf_matrix[3][2]   ? 
_atom_sites.Cartn_transf_matrix[3][3]   ? 
_atom_sites.Cartn_transf_vector[1]      ? 
_atom_sites.Cartn_transf_vector[2]      ? 
_atom_sites.Cartn_transf_vector[3]      ? 
_atom_sites.fract_transf_matrix[1][1]   -0.01558970 
_atom_sites.fract_transf_matrix[1][2]   0.00092211 
_atom_sites.fract_transf_matrix[1][3]   -0.00905819 
_atom_sites.fract_transf_matrix[2][1]   -0.00031262 
_atom_sites.fract_transf_matrix[2][2]   -0.00314946 
_atom_sites.fract_transf_matrix[2][3]   -0.01777341 
_atom_sites.fract_transf_matrix[3][1]   -0.00326132 
_atom_sites.fract_transf_matrix[3][2]   -0.01991254 
_atom_sites.fract_transf_matrix[3][3]   0.00358588 
_atom_sites.fract_transf_vector[1]      -0.478161 
_atom_sites.fract_transf_vector[2]      -0.371647 
_atom_sites.fract_transf_vector[3]      -0.034303 
_atom_sites.solution_primary            ? 
_atom_sites.solution_secondary          ? 
_atom_sites.solution_hydrogens          ? 
_atom_sites.special_details             ? 
# 
loop_
_atom_type.symbol 
C  
CL 
N  
O  
# 
loop_
_atom_site.group_PDB 
_atom_site.id 
_atom_site.type_symbol 
_atom_site.label_atom_id 
_atom_site.label_alt_id 
_atom_site.label_comp_id 
_atom_site.label_asym_id 
_atom_site.label_entity_id 
_atom_site.label_seq_id 
_atom_site.pdbx_PDB_ins_code 
_atom_site.Cartn_x 
_atom_site.Cartn_y 
_atom_site.Cartn_z 
_atom_site.occupancy 
_atom_site.B_iso_or_equiv 
_atom_site.pdbx_formal_charge 
_atom_site.auth_seq_id 
_atom_site.auth_comp_id 
_atom_site.auth_asym_id 
_atom_site.auth_atom_id 
_atom_site.pdbx_PDB_model_num 
ATOM   1   N  N   . HIS A 1 16  ? -9.744  -8.524  -13.500 1.00 73.17 ? 307 HIS A N   1 
ATOM   2   C  CA  . HIS A 1 16  ? -8.803  -8.542  -12.329 1.00 72.21 ? 307 HIS A CA  1 
ATOM   3   C  C   . HIS A 1 16  ? -9.501  -9.182  -11.124 1.00 65.79 ? 307 HIS A C   1 
ATOM   4   O  O   . HIS A 1 16  ? -10.708 -8.946  -10.980 1.00 74.36 ? 307 HIS A O   1 
ATOM   5   C  CB  . HIS A 1 16  ? -8.308  -7.120  -12.024 1.00 76.61 ? 307 HIS A CB  1 
ATOM   6   C  CG  . HIS A 1 16  ? -7.472  -6.530  -13.109 1.00 79.08 ? 307 HIS A CG  1 
ATOM   7   N  ND1 . HIS A 1 16  ? -6.430  -7.231  -13.697 1.00 83.17 ? 307 HIS A ND1 1 
ATOM   8   C  CD2 . HIS A 1 16  ? -7.506  -5.320  -13.712 1.00 76.57 ? 307 HIS A CD2 1 
ATOM   9   C  CE1 . HIS A 1 16  ? -5.860  -6.478  -14.616 1.00 80.78 ? 307 HIS A CE1 1 
ATOM   10  N  NE2 . HIS A 1 16  ? -6.501  -5.298  -14.644 1.00 77.02 ? 307 HIS A NE2 1 
ATOM   11  N  N   . ASN A 1 17  ? -8.796  -9.972  -10.306 1.00 55.82 ? 308 ASN A N   1 
ATOM   12  C  CA  . ASN A 1 17  ? -9.366  -10.537 -9.046  1.00 48.65 ? 308 ASN A CA  1 
ATOM   13  C  C   . ASN A 1 17  ? -9.547  -9.379  -8.058  1.00 44.79 ? 308 ASN A C   1 
ATOM   14  O  O   . ASN A 1 17  ? -8.545  -8.686  -7.780  1.00 42.00 ? 308 ASN A O   1 
ATOM   15  C  CB  . ASN A 1 17  ? -8.511  -11.672 -8.461  1.00 48.91 ? 308 ASN A CB  1 
ATOM   16  C  CG  . ASN A 1 17  ? -9.050  -12.239 -7.157  1.00 50.25 ? 308 ASN A CG  1 
ATOM   17  O  OD1 . ASN A 1 17  ? -8.294  -12.733 -6.312  1.00 53.19 ? 308 ASN A OD1 1 
ATOM   18  N  ND2 . ASN A 1 17  ? -10.359 -12.184 -6.978  1.00 50.09 ? 308 ASN A ND2 1 
ATOM   19  N  N   . ARG A 1 18  ? -10.771 -9.181  -7.554  1.00 41.79 ? 309 ARG A N   1 
ATOM   20  C  CA  . ARG A 1 18  ? -11.165 -8.070  -6.648  1.00 42.65 ? 309 ARG A CA  1 
ATOM   21  C  C   . ARG A 1 18  ? -11.355 -8.603  -5.226  1.00 37.65 ? 309 ARG A C   1 
ATOM   22  O  O   . ARG A 1 18  ? -11.753 -7.832  -4.330  1.00 36.96 ? 309 ARG A O   1 
ATOM   23  C  CB  . ARG A 1 18  ? -12.462 -7.435  -7.155  1.00 46.63 ? 309 ARG A CB  1 
ATOM   24  C  CG  . ARG A 1 18  ? -12.408 -6.911  -8.584  1.00 55.34 ? 309 ARG A CG  1 
ATOM   25  C  CD  . ARG A 1 18  ? -11.247 -5.959  -8.820  1.00 60.57 ? 309 ARG A CD  1 
ATOM   26  N  NE  . ARG A 1 18  ? -11.395 -5.145  -10.028 1.00 66.18 ? 309 ARG A NE  1 
ATOM   27  C  CZ  . ARG A 1 18  ? -11.963 -3.939  -10.085 1.00 64.19 ? 309 ARG A CZ  1 
ATOM   28  N  NH1 . ARG A 1 18  ? -12.469 -3.369  -9.001  1.00 63.39 ? 309 ARG A NH1 1 
ATOM   29  N  NH2 . ARG A 1 18  ? -12.042 -3.315  -11.247 1.00 67.32 ? 309 ARG A NH2 1 
ATOM   30  N  N   . GLU A 1 19  ? -11.218 -9.914  -5.041  1.00 33.88 ? 310 GLU A N   1 
ATOM   31  C  CA  . GLU A 1 19  ? -11.433 -10.556 -3.730  1.00 35.91 ? 310 GLU A CA  1 
ATOM   32  C  C   . GLU A 1 19  ? -10.118 -10.412 -2.970  1.00 30.84 ? 310 GLU A C   1 
ATOM   33  O  O   . GLU A 1 19  ? -9.070  -10.299 -3.588  1.00 33.91 ? 310 GLU A O   1 
ATOM   34  C  CB  . GLU A 1 19  ? -11.798 -12.040 -3.876  1.00 41.23 ? 310 GLU A CB  1 
ATOM   35  C  CG  . GLU A 1 19  ? -13.153 -12.279 -4.530  1.00 51.37 ? 310 GLU A CG  1 
ATOM   36  C  CD  . GLU A 1 19  ? -14.309 -11.534 -3.889  1.00 56.23 ? 310 GLU A CD  1 
ATOM   37  O  OE1 . GLU A 1 19  ? -14.452 -11.613 -2.641  1.00 67.20 ? 310 GLU A OE1 1 
ATOM   38  O  OE2 . GLU A 1 19  ? -15.045 -10.856 -4.629  1.00 65.64 ? 310 GLU A OE2 1 
ATOM   39  N  N   . PRO A 1 20  ? -10.145 -10.416 -1.632  1.00 33.49 ? 311 PRO A N   1 
ATOM   40  C  CA  . PRO A 1 20  ? -8.919  -10.351 -0.854  1.00 33.26 ? 311 PRO A CA  1 
ATOM   41  C  C   . PRO A 1 20  ? -8.003  -11.506 -1.259  1.00 35.17 ? 311 PRO A C   1 
ATOM   42  O  O   . PRO A 1 20  ? -8.490  -12.611 -1.529  1.00 32.36 ? 311 PRO A O   1 
ATOM   43  C  CB  . PRO A 1 20  ? -9.393  -10.451 0.595   1.00 35.20 ? 311 PRO A CB  1 
ATOM   44  C  CG  . PRO A 1 20  ? -10.835 -9.992  0.544   1.00 36.48 ? 311 PRO A CG  1 
ATOM   45  C  CD  . PRO A 1 20  ? -11.356 -10.467 -0.794  1.00 34.42 ? 311 PRO A CD  1 
ATOM   46  N  N   . ARG A 1 21  ? -6.703  -11.237 -1.278  1.00 30.90 ? 312 ARG A N   1 
ATOM   47  C  CA  . ARG A 1 21  ? -5.648  -12.180 -1.727  1.00 32.70 ? 312 ARG A CA  1 
ATOM   48  C  C   . ARG A 1 21  ? -4.621  -12.284 -0.614  1.00 31.52 ? 312 ARG A C   1 
ATOM   49  O  O   . ARG A 1 21  ? -4.238  -11.239 -0.108  1.00 27.91 ? 312 ARG A O   1 
ATOM   50  C  CB  . ARG A 1 21  ? -4.820  -11.630 -2.886  1.00 36.09 ? 312 ARG A CB  1 
ATOM   51  C  CG  . ARG A 1 21  ? -5.448  -11.786 -4.246  1.00 37.88 ? 312 ARG A CG  1 
ATOM   52  C  CD  . ARG A 1 21  ? -5.273  -10.605 -5.161  1.00 33.66 ? 312 ARG A CD  1 
ATOM   53  N  NE  . ARG A 1 21  ? -3.981  -9.946  -5.272  1.00 30.22 ? 312 ARG A NE  1 
ATOM   54  C  CZ  . ARG A 1 21  ? -3.816  -8.632  -5.117  1.00 29.08 ? 312 ARG A CZ  1 
ATOM   55  N  NH1 . ARG A 1 21  ? -4.857  -7.871  -4.831  1.00 27.11 ? 312 ARG A NH1 1 
ATOM   56  N  NH2 . ARG A 1 21  ? -2.625  -8.080  -5.287  1.00 31.01 ? 312 ARG A NH2 1 
ATOM   57  N  N   . ARG A 1 22  ? -4.129  -13.487 -0.337  1.00 27.85 ? 313 ARG A N   1 
ATOM   58  C  CA  . ARG A 1 22  ? -3.072  -13.702 0.678   1.00 28.38 ? 313 ARG A CA  1 
ATOM   59  C  C   . ARG A 1 22  ? -1.749  -13.784 -0.069  1.00 31.40 ? 313 ARG A C   1 
ATOM   60  O  O   . ARG A 1 22  ? -1.594  -14.694 -0.875  1.00 28.98 ? 313 ARG A O   1 
ATOM   61  C  CB  . ARG A 1 22  ? -3.360  -14.986 1.452   1.00 28.16 ? 313 ARG A CB  1 
ATOM   62  C  CG  . ARG A 1 22  ? -2.392  -15.278 2.585   1.00 28.70 ? 313 ARG A CG  1 
ATOM   63  C  CD  . ARG A 1 22  ? -2.770  -16.619 3.204   1.00 26.14 ? 313 ARG A CD  1 
ATOM   64  N  NE  . ARG A 1 22  ? -1.960  -17.011 4.345   1.00 26.34 ? 313 ARG A NE  1 
ATOM   65  C  CZ  . ARG A 1 22  ? -0.752  -17.589 4.288   1.00 30.10 ? 313 ARG A CZ  1 
ATOM   66  N  NH1 . ARG A 1 22  ? -0.121  -17.912 5.407   1.00 31.30 ? 313 ARG A NH1 1 
ATOM   67  N  NH2 . ARG A 1 22  ? -0.165  -17.832 3.127   1.00 28.03 ? 313 ARG A NH2 1 
ATOM   68  N  N   . ILE A 1 23  ? -0.854  -12.850 0.175   1.00 26.29 ? 314 ILE A N   1 
ATOM   69  C  CA  . ILE A 1 23  ? 0.415   -12.725 -0.590  1.00 29.22 ? 314 ILE A CA  1 
ATOM   70  C  C   . ILE A 1 23  ? 1.553   -12.904 0.394   1.00 27.13 ? 314 ILE A C   1 
ATOM   71  O  O   . ILE A 1 23  ? 1.534   -12.318 1.479   1.00 26.40 ? 314 ILE A O   1 
ATOM   72  C  CB  . ILE A 1 23  ? 0.456   -11.373 -1.338  1.00 29.99 ? 314 ILE A CB  1 
ATOM   73  C  CG1 . ILE A 1 23  ? -0.635  -11.327 -2.407  1.00 34.09 ? 314 ILE A CG1 1 
ATOM   74  C  CG2 . ILE A 1 23  ? 1.831   -11.132 -1.938  1.00 33.23 ? 314 ILE A CG2 1 
ATOM   75  C  CD1 . ILE A 1 23  ? -1.010  -9.940  -2.817  1.00 37.72 ? 314 ILE A CD1 1 
ATOM   76  N  N   . VAL A 1 24  ? 2.554   -13.692 0.047   1.00 27.01 ? 315 VAL A N   1 
ATOM   77  C  CA  . VAL A 1 24  ? 3.702   -13.821 0.973   1.00 25.46 ? 315 VAL A CA  1 
ATOM   78  C  C   . VAL A 1 24  ? 4.918   -13.299 0.243   1.00 28.25 ? 315 VAL A C   1 
ATOM   79  O  O   . VAL A 1 24  ? 5.165   -13.779 -0.883  1.00 28.41 ? 315 VAL A O   1 
ATOM   80  C  CB  . VAL A 1 24  ? 3.884   -15.263 1.469   1.00 26.48 ? 315 VAL A CB  1 
ATOM   81  C  CG1 . VAL A 1 24  ? 5.140   -15.371 2.312   1.00 27.72 ? 315 VAL A CG1 1 
ATOM   82  C  CG2 . VAL A 1 24  ? 2.656   -15.741 2.231   1.00 29.27 ? 315 VAL A CG2 1 
ATOM   83  N  N   . ILE A 1 25  ? 5.541   -12.276 0.811   1.00 27.88 ? 316 ILE A N   1 
ATOM   84  C  CA  . ILE A 1 25  ? 6.787   -11.689 0.249   1.00 28.49 ? 316 ILE A CA  1 
ATOM   85  C  C   . ILE A 1 25  ? 7.925   -12.110 1.152   1.00 30.27 ? 316 ILE A C   1 
ATOM   86  O  O   . ILE A 1 25  ? 7.870   -11.852 2.368   1.00 32.12 ? 316 ILE A O   1 
ATOM   87  C  CB  . ILE A 1 25  ? 6.675   -10.165 0.077   1.00 30.13 ? 316 ILE A CB  1 
ATOM   88  C  CG1 . ILE A 1 25  ? 5.552   -9.815  -0.899  1.00 33.65 ? 316 ILE A CG1 1 
ATOM   89  C  CG2 . ILE A 1 25  ? 8.001   -9.589  -0.369  1.00 31.20 ? 316 ILE A CG2 1 
ATOM   90  C  CD1 . ILE A 1 25  ? 5.055   -8.431  -0.747  1.00 44.19 ? 316 ILE A CD1 1 
ATOM   91  N  N   . HIS A 1 26  ? 8.941   -12.693 0.530   1.00 30.71 ? 317 HIS A N   1 
ATOM   92  C  CA  . HIS A 1 26  ? 10.249  -12.978 1.153   1.00 32.68 ? 317 HIS A CA  1 
ATOM   93  C  C   . HIS A 1 26  ? 11.196  -11.841 0.806   1.00 38.28 ? 317 HIS A C   1 
ATOM   94  O  O   . HIS A 1 26  ? 11.344  -11.498 -0.382  1.00 39.85 ? 317 HIS A O   1 
ATOM   95  C  CB  . HIS A 1 26  ? 10.788  -14.309 0.643   1.00 38.13 ? 317 HIS A CB  1 
ATOM   96  C  CG  . HIS A 1 26  ? 9.911   -15.467 0.950   1.00 36.90 ? 317 HIS A CG  1 
ATOM   97  N  ND1 . HIS A 1 26  ? 10.045  -16.200 2.103   1.00 36.87 ? 317 HIS A ND1 1 
ATOM   98  C  CD2 . HIS A 1 26  ? 8.914   -16.040 0.248   1.00 43.92 ? 317 HIS A CD2 1 
ATOM   99  C  CE1 . HIS A 1 26  ? 9.185   -17.191 2.090   1.00 35.96 ? 317 HIS A CE1 1 
ATOM   100 N  NE2 . HIS A 1 26  ? 8.468   -17.107 0.976   1.00 40.53 ? 317 HIS A NE2 1 
ATOM   101 N  N   . ARG A 1 27  ? 11.791  -11.237 1.798   1.00 34.72 ? 318 ARG A N   1 
ATOM   102 C  CA  . ARG A 1 27  ? 12.812  -10.206 1.534   1.00 38.25 ? 318 ARG A CA  1 
ATOM   103 C  C   . ARG A 1 27  ? 14.047  -10.567 2.365   1.00 33.63 ? 318 ARG A C   1 
ATOM   104 O  O   . ARG A 1 27  ? 13.913  -11.350 3.331   1.00 36.55 ? 318 ARG A O   1 
ATOM   105 C  CB  . ARG A 1 27  ? 12.207  -8.842  1.854   1.00 35.75 ? 318 ARG A CB  1 
ATOM   106 C  CG  . ARG A 1 27  ? 11.779  -8.709  3.301   1.00 37.96 ? 318 ARG A CG  1 
ATOM   107 C  CD  . ARG A 1 27  ? 11.792  -7.264  3.758   1.00 34.51 ? 318 ARG A CD  1 
ATOM   108 N  NE  . ARG A 1 27  ? 11.005  -7.085  4.975   1.00 33.82 ? 318 ARG A NE  1 
ATOM   109 C  CZ  . ARG A 1 27  ? 10.678  -5.922  5.513   1.00 35.45 ? 318 ARG A CZ  1 
ATOM   110 N  NH1 . ARG A 1 27  ? 11.091  -4.798  4.944   1.00 35.16 ? 318 ARG A NH1 1 
ATOM   111 N  NH2 . ARG A 1 27  ? 9.878   -5.876  6.580   1.00 35.48 ? 318 ARG A NH2 1 
ATOM   112 N  N   . GLY A 1 28  ? 15.206  -10.061 1.972   1.00 33.03 ? 319 GLY A N   1 
ATOM   113 C  CA  . GLY A 1 28  ? 16.374  -10.030 2.856   1.00 32.62 ? 319 GLY A CA  1 
ATOM   114 C  C   . GLY A 1 28  ? 16.281  -8.817  3.780   1.00 35.98 ? 319 GLY A C   1 
ATOM   115 O  O   . GLY A 1 28  ? 15.176  -8.515  4.278   1.00 40.42 ? 319 GLY A O   1 
ATOM   116 N  N   . SER A 1 29  ? 17.376  -8.077  3.908   1.00 31.41 ? 320 SER A N   1 
ATOM   117 C  CA  . SER A 1 29  ? 17.541  -7.006  4.915   1.00 31.41 ? 320 SER A CA  1 
ATOM   118 C  C   . SER A 1 29  ? 17.298  -5.679  4.205   1.00 33.42 ? 320 SER A C   1 
ATOM   119 O  O   . SER A 1 29  ? 18.140  -4.777  4.356   1.00 34.23 ? 320 SER A O   1 
ATOM   120 C  CB  . SER A 1 29  ? 18.917  -7.080  5.540   1.00 28.40 ? 320 SER A CB  1 
ATOM   121 O  OG  . SER A 1 29  ? 19.909  -7.186  4.532   1.00 26.87 ? 320 SER A OG  1 
ATOM   122 N  N   . THR A 1 30  ? 16.244  -5.591  3.381   1.00 30.03 ? 321 THR A N   1 
ATOM   123 C  CA  . THR A 1 30  ? 15.934  -4.368  2.590   1.00 28.50 ? 321 THR A CA  1 
ATOM   124 C  C   . THR A 1 30  ? 14.492  -3.982  2.885   1.00 28.25 ? 321 THR A C   1 
ATOM   125 O  O   . THR A 1 30  ? 13.869  -4.640  3.725   1.00 29.69 ? 321 THR A O   1 
ATOM   126 C  CB  . THR A 1 30  ? 16.121  -4.531  1.079   1.00 33.87 ? 321 THR A CB  1 
ATOM   127 O  OG1 . THR A 1 30  ? 15.071  -5.405  0.652   1.00 33.62 ? 321 THR A OG1 1 
ATOM   128 C  CG2 . THR A 1 30  ? 17.496  -5.031  0.681   1.00 33.34 ? 321 THR A CG2 1 
ATOM   129 N  N   . GLY A 1 31  ? 14.010  -2.923  2.248   1.00 26.94 ? 322 GLY A N   1 
ATOM   130 C  CA  . GLY A 1 31  ? 12.582  -2.576  2.286   1.00 28.10 ? 322 GLY A CA  1 
ATOM   131 C  C   . GLY A 1 31  ? 11.816  -3.542  1.414   1.00 24.99 ? 322 GLY A C   1 
ATOM   132 O  O   . GLY A 1 31  ? 12.431  -4.369  0.667   1.00 24.30 ? 322 GLY A O   1 
ATOM   133 N  N   . LEU A 1 32  ? 10.505  -3.448  1.471   1.00 24.75 ? 323 LEU A N   1 
ATOM   134 C  CA  . LEU A 1 32  ? 9.612   -4.237  0.597   1.00 24.83 ? 323 LEU A CA  1 
ATOM   135 C  C   . LEU A 1 32  ? 9.569   -3.647  -0.813  1.00 25.38 ? 323 LEU A C   1 
ATOM   136 O  O   . LEU A 1 32  ? 9.185   -4.402  -1.690  1.00 25.37 ? 323 LEU A O   1 
ATOM   137 C  CB  . LEU A 1 32  ? 8.230   -4.308  1.252   1.00 25.80 ? 323 LEU A CB  1 
ATOM   138 C  CG  . LEU A 1 32  ? 8.197   -5.234  2.462   1.00 29.23 ? 323 LEU A CG  1 
ATOM   139 C  CD1 . LEU A 1 32  ? 6.909   -5.109  3.265   1.00 30.82 ? 323 LEU A CD1 1 
ATOM   140 C  CD2 . LEU A 1 32  ? 8.410   -6.672  2.003   1.00 32.88 ? 323 LEU A CD2 1 
ATOM   141 N  N   . GLY A 1 33  ? 9.957   -2.370  -1.005  1.00 22.89 ? 324 GLY A N   1 
ATOM   142 C  CA  . GLY A 1 33  ? 9.987   -1.706  -2.310  1.00 23.25 ? 324 GLY A CA  1 
ATOM   143 C  C   . GLY A 1 33  ? 8.590   -1.356  -2.793  1.00 25.84 ? 324 GLY A C   1 
ATOM   144 O  O   . GLY A 1 33  ? 8.278   -1.603  -3.954  1.00 25.09 ? 324 GLY A O   1 
ATOM   145 N  N   . PHE A 1 34  ? 7.751   -0.772  -1.940  1.00 21.90 ? 325 PHE A N   1 
ATOM   146 C  CA  . PHE A 1 34  ? 6.528   -0.098  -2.437  1.00 20.66 ? 325 PHE A CA  1 
ATOM   147 C  C   . PHE A 1 34  ? 6.223   1.080   -1.536  1.00 20.43 ? 325 PHE A C   1 
ATOM   148 O  O   . PHE A 1 34  ? 6.767   1.135   -0.396  1.00 21.83 ? 325 PHE A O   1 
ATOM   149 C  CB  . PHE A 1 34  ? 5.389   -1.101  -2.552  1.00 21.13 ? 325 PHE A CB  1 
ATOM   150 C  CG  . PHE A 1 34  ? 4.863   -1.687  -1.256  1.00 20.72 ? 325 PHE A CG  1 
ATOM   151 C  CD1 . PHE A 1 34  ? 3.910   -1.027  -0.503  1.00 22.14 ? 325 PHE A CD1 1 
ATOM   152 C  CD2 . PHE A 1 34  ? 5.276   -2.944  -0.825  1.00 21.73 ? 325 PHE A CD2 1 
ATOM   153 C  CE1 . PHE A 1 34  ? 3.381   -1.603  0.646   1.00 22.41 ? 325 PHE A CE1 1 
ATOM   154 C  CE2 . PHE A 1 34  ? 4.736   -3.529  0.311   1.00 22.75 ? 325 PHE A CE2 1 
ATOM   155 C  CZ  . PHE A 1 34  ? 3.781   -2.852  1.052   1.00 23.77 ? 325 PHE A CZ  1 
ATOM   156 N  N   . ASN A 1 35  ? 5.343   1.947   -2.027  1.00 19.79 ? 326 ASN A N   1 
ATOM   157 C  CA  . ASN A 1 35  ? 4.917   3.167   -1.316  1.00 21.06 ? 326 ASN A CA  1 
ATOM   158 C  C   . ASN A 1 35  ? 3.458   2.991   -0.890  1.00 19.64 ? 326 ASN A C   1 
ATOM   159 O  O   . ASN A 1 35  ? 2.686   2.363   -1.628  1.00 18.63 ? 326 ASN A O   1 
ATOM   160 C  CB  . ASN A 1 35  ? 5.039   4.428   -2.173  1.00 21.68 ? 326 ASN A CB  1 
ATOM   161 C  CG  . ASN A 1 35  ? 6.454   4.812   -2.549  1.00 23.73 ? 326 ASN A CG  1 
ATOM   162 O  OD1 . ASN A 1 35  ? 7.426   4.182   -2.127  1.00 24.75 ? 326 ASN A OD1 1 
ATOM   163 N  ND2 . ASN A 1 35  ? 6.559   5.872   -3.351  1.00 23.27 ? 326 ASN A ND2 1 
ATOM   164 N  N   . ILE A 1 36  ? 3.099   3.576   0.248   1.00 18.96 ? 327 ILE A N   1 
ATOM   165 C  CA  . ILE A 1 36  ? 1.682   3.631   0.699   1.00 18.93 ? 327 ILE A CA  1 
ATOM   166 C  C   . ILE A 1 36  ? 1.222   5.087   0.786   1.00 19.29 ? 327 ILE A C   1 
ATOM   167 O  O   . ILE A 1 36  ? 2.028   6.018   1.129   1.00 19.11 ? 327 ILE A O   1 
ATOM   168 C  CB  . ILE A 1 36  ? 1.492   2.901   2.037   1.00 18.55 ? 327 ILE A CB  1 
ATOM   169 C  CG1 . ILE A 1 36  ? 2.370   3.501   3.145   1.00 19.16 ? 327 ILE A CG1 1 
ATOM   170 C  CG2 . ILE A 1 36  ? 1.751   1.416   1.836   1.00 20.79 ? 327 ILE A CG2 1 
ATOM   171 C  CD1 . ILE A 1 36  ? 1.949   3.197   4.529   1.00 21.28 ? 327 ILE A CD1 1 
ATOM   172 N  N   . VAL A 1 37  ? -0.072  5.253   0.518   1.00 18.82 ? 328 VAL A N   1 
ATOM   173 C  CA  . VAL A 1 37  ? -0.845  6.475   0.830   1.00 19.49 ? 328 VAL A CA  1 
ATOM   174 C  C   . VAL A 1 37  ? -2.063  6.055   1.662   1.00 19.47 ? 328 VAL A C   1 
ATOM   175 O  O   . VAL A 1 37  ? -2.384  4.838   1.700   1.00 20.08 ? 328 VAL A O   1 
ATOM   176 C  CB  . VAL A 1 37  ? -1.256  7.184   -0.483  1.00 21.26 ? 328 VAL A CB  1 
ATOM   177 C  CG1 . VAL A 1 37  ? -0.031  7.698   -1.228  1.00 20.96 ? 328 VAL A CG1 1 
ATOM   178 C  CG2 . VAL A 1 37  ? -2.103  6.289   -1.381  1.00 21.90 ? 328 VAL A CG2 1 
ATOM   179 N  N   . GLY A 1 38  ? -2.701  7.014   2.326   1.00 20.33 ? 329 GLY A N   1 
ATOM   180 C  CA  . GLY A 1 38  ? -3.977  6.807   3.031   1.00 21.27 ? 329 GLY A CA  1 
ATOM   181 C  C   . GLY A 1 38  ? -3.793  6.949   4.526   1.00 21.84 ? 329 GLY A C   1 
ATOM   182 O  O   . GLY A 1 38  ? -2.702  7.360   4.956   1.00 22.36 ? 329 GLY A O   1 
ATOM   183 N  N   . GLY A 1 39  ? -4.820  6.612   5.295   1.00 21.50 ? 330 GLY A N   1 
ATOM   184 C  CA  . GLY A 1 39  ? -4.765  6.634   6.761   1.00 21.37 ? 330 GLY A CA  1 
ATOM   185 C  C   . GLY A 1 39  ? -5.843  7.511   7.365   1.00 22.61 ? 330 GLY A C   1 
ATOM   186 O  O   . GLY A 1 39  ? -6.120  7.350   8.560   1.00 23.26 ? 330 GLY A O   1 
ATOM   187 N  N   . GLU A 1 40  ? -6.553  8.293   6.559   1.00 23.75 ? 331 GLU A N   1 
ATOM   188 C  CA  . GLU A 1 40  ? -7.800  8.969   7.014   1.00 26.30 ? 331 GLU A CA  1 
ATOM   189 C  C   . GLU A 1 40  ? -8.858  7.946   7.447   1.00 28.35 ? 331 GLU A C   1 
ATOM   190 O  O   . GLU A 1 40  ? -8.884  6.826   6.945   1.00 26.02 ? 331 GLU A O   1 
ATOM   191 C  CB  . GLU A 1 40  ? -8.311  9.864   5.896   1.00 28.48 ? 331 GLU A CB  1 
ATOM   192 C  CG  . GLU A 1 40  ? -7.449  11.101  5.741   1.00 28.08 ? 331 GLU A CG  1 
ATOM   193 C  CD  . GLU A 1 40  ? -8.041  11.986  4.669   1.00 36.11 ? 331 GLU A CD  1 
ATOM   194 O  OE1 . GLU A 1 40  ? -9.179  12.443  4.884   1.00 35.54 ? 331 GLU A OE1 1 
ATOM   195 O  OE2 . GLU A 1 40  ? -7.423  12.111  3.577   1.00 34.12 ? 331 GLU A OE2 1 
ATOM   196 N  N   . ASP A 1 41  ? -9.702  8.300   8.405   1.00 28.11 ? 332 ASP A N   1 
ATOM   197 C  CA  . ASP A 1 41  ? -10.832 7.420   8.787   1.00 28.08 ? 332 ASP A CA  1 
ATOM   198 C  C   . ASP A 1 41  ? -11.637 7.039   7.533   1.00 29.06 ? 332 ASP A C   1 
ATOM   199 O  O   . ASP A 1 41  ? -11.947 7.935   6.741   1.00 26.33 ? 332 ASP A O   1 
ATOM   200 C  CB  . ASP A 1 41  ? -11.750 8.102   9.793   1.00 29.98 ? 332 ASP A CB  1 
ATOM   201 C  CG  . ASP A 1 41  ? -12.798 7.123   10.310  1.00 34.34 ? 332 ASP A CG  1 
ATOM   202 O  OD1 . ASP A 1 41  ? -12.389 6.054   10.833  1.00 34.20 ? 332 ASP A OD1 1 
ATOM   203 O  OD2 . ASP A 1 41  ? -13.982 7.406   10.129  1.00 33.67 ? 332 ASP A OD2 1 
ATOM   204 N  N   . GLY A 1 42  ? -11.933 5.744   7.375   1.00 30.72 ? 333 GLY A N   1 
ATOM   205 C  CA  . GLY A 1 42  ? -12.768 5.175   6.295   1.00 32.49 ? 333 GLY A CA  1 
ATOM   206 C  C   . GLY A 1 42  ? -12.003 5.084   4.990   1.00 32.53 ? 333 GLY A C   1 
ATOM   207 O  O   . GLY A 1 42  ? -12.609 4.702   3.975   1.00 31.27 ? 333 GLY A O   1 
ATOM   208 N  N   . GLU A 1 43  ? -10.720 5.470   4.971   1.00 30.03 ? 334 GLU A N   1 
ATOM   209 C  CA  . GLU A 1 43  ? -9.968  5.597   3.699   1.00 28.56 ? 334 GLU A CA  1 
ATOM   210 C  C   . GLU A 1 43  ? -9.207  4.285   3.430   1.00 25.51 ? 334 GLU A C   1 
ATOM   211 O  O   . GLU A 1 43  ? -9.230  3.803   2.299   1.00 30.58 ? 334 GLU A O   1 
ATOM   212 C  CB  . GLU A 1 43  ? -9.009  6.786   3.787   1.00 27.39 ? 334 GLU A CB  1 
ATOM   213 C  CG  . GLU A 1 43  ? -8.275  7.038   2.500   1.00 29.71 ? 334 GLU A CG  1 
ATOM   214 C  CD  . GLU A 1 43  ? -7.466  8.325   2.557   1.00 32.97 ? 334 GLU A CD  1 
ATOM   215 O  OE1 . GLU A 1 43  ? -7.691  9.169   1.670   1.00 30.49 ? 334 GLU A OE1 1 
ATOM   216 O  OE2 . GLU A 1 43  ? -6.614  8.474   3.512   1.00 30.50 ? 334 GLU A OE2 1 
ATOM   217 N  N   . GLY A 1 44  ? -8.498  3.808   4.426   1.00 23.58 ? 335 GLY A N   1 
ATOM   218 C  CA  . GLY A 1 44  ? -7.597  2.654   4.337   1.00 23.01 ? 335 GLY A CA  1 
ATOM   219 C  C   . GLY A 1 44  ? -6.219  3.045   3.791   1.00 22.48 ? 335 GLY A C   1 
ATOM   220 O  O   . GLY A 1 44  ? -5.915  4.245   3.544   1.00 20.65 ? 335 GLY A O   1 
ATOM   221 N  N   . ILE A 1 45  ? -5.413  2.029   3.548   1.00 21.52 ? 336 ILE A N   1 
ATOM   222 C  CA  . ILE A 1 45  ? -3.964  2.131   3.204   1.00 20.55 ? 336 ILE A CA  1 
ATOM   223 C  C   . ILE A 1 45  ? -3.804  1.483   1.831   1.00 20.84 ? 336 ILE A C   1 
ATOM   224 O  O   . ILE A 1 45  ? -4.144  0.290   1.693   1.00 22.76 ? 336 ILE A O   1 
ATOM   225 C  CB  . ILE A 1 45  ? -3.083  1.464   4.286   1.00 20.08 ? 336 ILE A CB  1 
ATOM   226 C  CG1 . ILE A 1 45  ? -3.305  2.010   5.709   1.00 19.69 ? 336 ILE A CG1 1 
ATOM   227 C  CG2 . ILE A 1 45  ? -1.620  1.523   3.896   1.00 21.99 ? 336 ILE A CG2 1 
ATOM   228 C  CD1 . ILE A 1 45  ? -2.891  3.455   5.870   1.00 21.94 ? 336 ILE A CD1 1 
ATOM   229 N  N   . PHE A 1 46  ? -3.329  2.241   0.841   1.00 18.43 ? 337 PHE A N   1 
ATOM   230 C  CA  . PHE A 1 46  ? -3.209  1.790   -0.551  1.00 21.26 ? 337 PHE A CA  1 
ATOM   231 C  C   . PHE A 1 46  ? -1.761  1.833   -1.018  1.00 20.69 ? 337 PHE A C   1 
ATOM   232 O  O   . PHE A 1 46  ? -1.048  2.743   -0.671  1.00 20.73 ? 337 PHE A O   1 
ATOM   233 C  CB  . PHE A 1 46  ? -4.051  2.656   -1.482  1.00 21.16 ? 337 PHE A CB  1 
ATOM   234 C  CG  . PHE A 1 46  ? -5.529  2.351   -1.390  1.00 22.19 ? 337 PHE A CG  1 
ATOM   235 C  CD1 . PHE A 1 46  ? -6.268  2.801   -0.312  1.00 22.71 ? 337 PHE A CD1 1 
ATOM   236 C  CD2 . PHE A 1 46  ? -6.152  1.587   -2.365  1.00 23.52 ? 337 PHE A CD2 1 
ATOM   237 C  CE1 . PHE A 1 46  ? -7.617  2.476   -0.222  1.00 23.48 ? 337 PHE A CE1 1 
ATOM   238 C  CE2 . PHE A 1 46  ? -7.502  1.285   -2.275  1.00 26.20 ? 337 PHE A CE2 1 
ATOM   239 C  CZ  . PHE A 1 46  ? -8.227  1.746   -1.204  1.00 22.97 ? 337 PHE A CZ  1 
ATOM   240 N  N   . ILE A 1 47  ? -1.426  0.920   -1.901  1.00 20.74 ? 338 ILE A N   1 
ATOM   241 C  CA  . ILE A 1 47  ? -0.153  0.957   -2.683  1.00 21.43 ? 338 ILE A CA  1 
ATOM   242 C  C   . ILE A 1 47  ? -0.223  2.013   -3.792  1.00 20.45 ? 338 ILE A C   1 
ATOM   243 O  O   . ILE A 1 47  ? -1.029  1.895   -4.736  1.00 23.42 ? 338 ILE A O   1 
ATOM   244 C  CB  . ILE A 1 47  ? 0.208   -0.412  -3.232  1.00 21.21 ? 338 ILE A CB  1 
ATOM   245 C  CG1 . ILE A 1 47  ? 0.321   -1.434  -2.092  1.00 24.40 ? 338 ILE A CG1 1 
ATOM   246 C  CG2 . ILE A 1 47  ? 1.489   -0.337  -4.030  1.00 20.58 ? 338 ILE A CG2 1 
ATOM   247 C  CD1 . ILE A 1 47  ? 0.723   -2.816  -2.549  1.00 24.29 ? 338 ILE A CD1 1 
ATOM   248 N  N   . SER A 1 48  ? 0.640   3.014   -3.693  1.00 20.87 ? 339 SER A N   1 
ATOM   249 C  CA  . SER A 1 48  ? 0.712   4.143   -4.658  1.00 21.02 ? 339 SER A CA  1 
ATOM   250 C  C   . SER A 1 48  ? 1.780   3.884   -5.708  1.00 24.28 ? 339 SER A C   1 
ATOM   251 O  O   . SER A 1 48  ? 1.749   4.579   -6.743  1.00 23.35 ? 339 SER A O   1 
ATOM   252 C  CB  . SER A 1 48  ? 1.017   5.425   -3.967  1.00 23.05 ? 339 SER A CB  1 
ATOM   253 O  OG  . SER A 1 48  ? 2.131   5.284   -3.088  1.00 20.30 ? 339 SER A OG  1 
ATOM   254 N  N   . PHE A 1 49  ? 2.722   2.987   -5.434  1.00 21.89 ? 340 PHE A N   1 
ATOM   255 C  CA  . PHE A 1 49  ? 3.891   2.820   -6.309  1.00 22.65 ? 340 PHE A CA  1 
ATOM   256 C  C   . PHE A 1 49  ? 4.586   1.509   -5.948  1.00 22.98 ? 340 PHE A C   1 
ATOM   257 O  O   . PHE A 1 49  ? 4.697   1.214   -4.743  1.00 23.30 ? 340 PHE A O   1 
ATOM   258 C  CB  . PHE A 1 49  ? 4.813   4.034   -6.157  1.00 24.15 ? 340 PHE A CB  1 
ATOM   259 C  CG  . PHE A 1 49  ? 6.134   3.899   -6.872  1.00 24.85 ? 340 PHE A CG  1 
ATOM   260 C  CD1 . PHE A 1 49  ? 6.237   4.104   -8.229  1.00 30.02 ? 340 PHE A CD1 1 
ATOM   261 C  CD2 . PHE A 1 49  ? 7.271   3.522   -6.184  1.00 31.16 ? 340 PHE A CD2 1 
ATOM   262 C  CE1 . PHE A 1 49  ? 7.459   3.962   -8.887  1.00 31.00 ? 340 PHE A CE1 1 
ATOM   263 C  CE2 . PHE A 1 49  ? 8.494   3.378   -6.835  1.00 36.23 ? 340 PHE A CE2 1 
ATOM   264 C  CZ  . PHE A 1 49  ? 8.587   3.620   -8.187  1.00 30.62 ? 340 PHE A CZ  1 
ATOM   265 N  N   . ILE A 1 50  ? 5.074   0.811   -6.964  1.00 21.58 ? 341 ILE A N   1 
ATOM   266 C  CA  . ILE A 1 50  ? 5.898   -0.414  -6.816  1.00 25.23 ? 341 ILE A CA  1 
ATOM   267 C  C   . ILE A 1 50  ? 7.254   -0.127  -7.436  1.00 25.87 ? 341 ILE A C   1 
ATOM   268 O  O   . ILE A 1 50  ? 7.282   0.183   -8.617  1.00 21.60 ? 341 ILE A O   1 
ATOM   269 C  CB  . ILE A 1 50  ? 5.245   -1.635  -7.493  1.00 29.56 ? 341 ILE A CB  1 
ATOM   270 C  CG1 . ILE A 1 50  ? 3.799   -1.868  -7.032  1.00 31.35 ? 341 ILE A CG1 1 
ATOM   271 C  CG2 . ILE A 1 50  ? 6.143   -2.858  -7.306  1.00 28.96 ? 341 ILE A CG2 1 
ATOM   272 C  CD1 . ILE A 1 50  ? 3.607   -2.779  -5.889  1.00 33.12 ? 341 ILE A CD1 1 
ATOM   273 N  N   . LEU A 1 51  ? 8.314   -0.213  -6.651  1.00 24.08 ? 342 LEU A N   1 
ATOM   274 C  CA  . LEU A 1 51  ? 9.693   -0.003  -7.139  1.00 27.13 ? 342 LEU A CA  1 
ATOM   275 C  C   . LEU A 1 51  ? 10.144  -1.182  -8.020  1.00 26.96 ? 342 LEU A C   1 
ATOM   276 O  O   . LEU A 1 51  ? 10.145  -2.345  -7.560  1.00 24.59 ? 342 LEU A O   1 
ATOM   277 C  CB  . LEU A 1 51  ? 10.579  0.124   -5.907  1.00 31.62 ? 342 LEU A CB  1 
ATOM   278 C  CG  . LEU A 1 51  ? 12.068  0.209   -6.218  1.00 37.32 ? 342 LEU A CG  1 
ATOM   279 C  CD1 . LEU A 1 51  ? 12.477  1.651   -6.375  1.00 43.12 ? 342 LEU A CD1 1 
ATOM   280 C  CD2 . LEU A 1 51  ? 12.866  -0.500  -5.125  1.00 41.58 ? 342 LEU A CD2 1 
ATOM   281 N  N   . ALA A 1 52  ? 10.532  -0.929  -9.267  1.00 28.82 ? 343 ALA A N   1 
ATOM   282 C  CA  . ALA A 1 52  ? 11.025  -2.010  -10.157 1.00 31.04 ? 343 ALA A CA  1 
ATOM   283 C  C   . ALA A 1 52  ? 12.304  -2.602  -9.526  1.00 28.48 ? 343 ALA A C   1 
ATOM   284 O  O   . ALA A 1 52  ? 13.178  -1.820  -9.060  1.00 29.05 ? 343 ALA A O   1 
ATOM   285 C  CB  . ALA A 1 52  ? 11.238  -1.524  -11.573 1.00 31.08 ? 343 ALA A CB  1 
ATOM   286 N  N   . GLY A 1 53  ? 12.339  -3.936  -9.408  1.00 27.69 ? 344 GLY A N   1 
ATOM   287 C  CA  . GLY A 1 53  ? 13.466  -4.726  -8.888  1.00 27.83 ? 344 GLY A CA  1 
ATOM   288 C  C   . GLY A 1 53  ? 13.437  -4.879  -7.368  1.00 29.44 ? 344 GLY A C   1 
ATOM   289 O  O   . GLY A 1 53  ? 14.284  -5.605  -6.833  1.00 27.33 ? 344 GLY A O   1 
ATOM   290 N  N   . GLY A 1 54  ? 12.475  -4.266  -6.664  1.00 26.40 ? 345 GLY A N   1 
ATOM   291 C  CA  . GLY A 1 54  ? 12.291  -4.492  -5.224  1.00 26.39 ? 345 GLY A CA  1 
ATOM   292 C  C   . GLY A 1 54  ? 11.583  -5.810  -4.938  1.00 25.18 ? 345 GLY A C   1 
ATOM   293 O  O   . GLY A 1 54  ? 11.047  -6.447  -5.843  1.00 24.01 ? 345 GLY A O   1 
ATOM   294 N  N   . PRO A 1 55  ? 11.542  -6.269  -3.666  1.00 25.49 ? 346 PRO A N   1 
ATOM   295 C  CA  . PRO A 1 55  ? 10.897  -7.553  -3.339  1.00 26.35 ? 346 PRO A CA  1 
ATOM   296 C  C   . PRO A 1 55  ? 9.418   -7.626  -3.749  1.00 24.41 ? 346 PRO A C   1 
ATOM   297 O  O   . PRO A 1 55  ? 8.969   -8.645  -4.307  1.00 24.30 ? 346 PRO A O   1 
ATOM   298 C  CB  . PRO A 1 55  ? 11.087  -7.671  -1.808  1.00 25.57 ? 346 PRO A CB  1 
ATOM   299 C  CG  . PRO A 1 55  ? 12.321  -6.835  -1.528  1.00 24.91 ? 346 PRO A CG  1 
ATOM   300 C  CD  . PRO A 1 55  ? 12.252  -5.682  -2.510  1.00 24.59 ? 346 PRO A CD  1 
ATOM   301 N  N   . ALA A 1 56  ? 8.640   -6.564  -3.499  1.00 21.91 ? 347 ALA A N   1 
ATOM   302 C  CA  . ALA A 1 56  ? 7.220   -6.558  -3.899  1.00 22.12 ? 347 ALA A CA  1 
ATOM   303 C  C   . ALA A 1 56  ? 7.096   -6.722  -5.427  1.00 21.27 ? 347 ALA A C   1 
ATOM   304 O  O   . ALA A 1 56  ? 6.218   -7.404  -5.903  1.00 22.80 ? 347 ALA A O   1 
ATOM   305 C  CB  . ALA A 1 56  ? 6.545   -5.292  -3.431  1.00 22.95 ? 347 ALA A CB  1 
ATOM   306 N  N   . ASP A 1 57  ? 7.886   -6.002  -6.191  1.00 21.54 ? 348 ASP A N   1 
ATOM   307 C  CA  . ASP A 1 57  ? 7.858   -6.114  -7.671  1.00 22.72 ? 348 ASP A CA  1 
ATOM   308 C  C   . ASP A 1 57  ? 8.234   -7.538  -8.094  1.00 22.86 ? 348 ASP A C   1 
ATOM   309 O  O   . ASP A 1 57  ? 7.542   -8.111  -8.949  1.00 23.53 ? 348 ASP A O   1 
ATOM   310 C  CB  . ASP A 1 57  ? 8.894   -5.190  -8.274  1.00 24.13 ? 348 ASP A CB  1 
ATOM   311 C  CG  . ASP A 1 57  ? 8.926   -5.248  -9.770  1.00 28.15 ? 348 ASP A CG  1 
ATOM   312 O  OD1 . ASP A 1 57  ? 7.820   -5.314  -10.399 1.00 27.91 ? 348 ASP A OD1 1 
ATOM   313 O  OD2 . ASP A 1 57  ? 10.058  -5.287  -10.284 1.00 27.02 ? 348 ASP A OD2 1 
ATOM   314 N  N   . LEU A 1 58  ? 9.332   -8.071  -7.548  1.00 23.97 ? 349 LEU A N   1 
ATOM   315 C  CA  . LEU A 1 58  ? 9.861   -9.378  -8.022  1.00 24.97 ? 349 LEU A CA  1 
ATOM   316 C  C   . LEU A 1 58  ? 8.812   -10.434 -7.760  1.00 25.68 ? 349 LEU A C   1 
ATOM   317 O  O   . LEU A 1 58  ? 8.664   -11.348 -8.584  1.00 24.24 ? 349 LEU A O   1 
ATOM   318 C  CB  . LEU A 1 58  ? 11.179  -9.728  -7.339  1.00 28.52 ? 349 LEU A CB  1 
ATOM   319 C  CG  . LEU A 1 58  ? 12.353  -8.854  -7.730  1.00 32.15 ? 349 LEU A CG  1 
ATOM   320 C  CD1 . LEU A 1 58  ? 13.616  -9.330  -7.045  1.00 33.14 ? 349 LEU A CD1 1 
ATOM   321 C  CD2 . LEU A 1 58  ? 12.521  -8.800  -9.242  1.00 41.84 ? 349 LEU A CD2 1 
ATOM   322 N  N   . SER A 1 59  ? 8.043   -10.274 -6.688  1.00 24.13 ? 350 SER A N   1 
ATOM   323 C  CA  . SER A 1 59  ? 7.009   -11.272 -6.358  1.00 24.68 ? 350 SER A CA  1 
ATOM   324 C  C   . SER A 1 59  ? 5.935   -11.265 -7.442  1.00 23.44 ? 350 SER A C   1 
ATOM   325 O  O   . SER A 1 59  ? 5.320   -12.313 -7.658  1.00 26.06 ? 350 SER A O   1 
ATOM   326 C  CB  . SER A 1 59  ? 6.459   -11.042 -4.964  1.00 31.91 ? 350 SER A CB  1 
ATOM   327 O  OG  . SER A 1 59  ? 5.171   -10.492 -5.018  1.00 37.28 ? 350 SER A OG  1 
ATOM   328 N  N   . GLY A 1 60  ? 5.683   -10.125 -8.075  1.00 24.60 ? 351 GLY A N   1 
ATOM   329 C  CA  . GLY A 1 60  ? 4.644   -9.971  -9.115  1.00 24.79 ? 351 GLY A CA  1 
ATOM   330 C  C   . GLY A 1 60  ? 3.226   -10.037 -8.571  1.00 29.64 ? 351 GLY A C   1 
ATOM   331 O  O   . GLY A 1 60  ? 2.308   -10.007 -9.386  1.00 34.67 ? 351 GLY A O   1 
ATOM   332 N  N   . GLU A 1 61  ? 2.985   -10.038 -7.253  1.00 27.78 ? 352 GLU A N   1 
ATOM   333 C  CA  . GLU A 1 61  ? 1.604   -10.282 -6.756  1.00 32.95 ? 352 GLU A CA  1 
ATOM   334 C  C   . GLU A 1 61  ? 0.913   -8.975  -6.332  1.00 34.36 ? 352 GLU A C   1 
ATOM   335 O  O   . GLU A 1 61  ? -0.306  -8.894  -6.450  1.00 40.73 ? 352 GLU A O   1 
ATOM   336 C  CB  . GLU A 1 61  ? 1.652   -11.342 -5.657  1.00 37.27 ? 352 GLU A CB  1 
ATOM   337 C  CG  . GLU A 1 61  ? 2.005   -12.709 -6.235  1.00 44.09 ? 352 GLU A CG  1 
ATOM   338 C  CD  . GLU A 1 61  ? 1.907   -13.883 -5.275  1.00 53.21 ? 352 GLU A CD  1 
ATOM   339 O  OE1 . GLU A 1 61  ? 2.815   -14.737 -5.309  1.00 62.89 ? 352 GLU A OE1 1 
ATOM   340 O  OE2 . GLU A 1 61  ? 0.908   -13.960 -4.523  1.00 57.05 ? 352 GLU A OE2 1 
ATOM   341 N  N   . LEU A 1 62  ? 1.653   -7.942  -5.957  1.00 28.32 ? 353 LEU A N   1 
ATOM   342 C  CA  . LEU A 1 62  ? 1.026   -6.684  -5.475  1.00 25.72 ? 353 LEU A CA  1 
ATOM   343 C  C   . LEU A 1 62  ? 0.957   -5.678  -6.617  1.00 25.65 ? 353 LEU A C   1 
ATOM   344 O  O   . LEU A 1 62  ? 1.825   -5.694  -7.488  1.00 25.36 ? 353 LEU A O   1 
ATOM   345 C  CB  . LEU A 1 62  ? 1.865   -6.146  -4.321  1.00 26.17 ? 353 LEU A CB  1 
ATOM   346 C  CG  . LEU A 1 62  ? 1.725   -6.900  -3.005  1.00 25.45 ? 353 LEU A CG  1 
ATOM   347 C  CD1 . LEU A 1 62  ? 2.722   -6.336  -2.008  1.00 29.53 ? 353 LEU A CD1 1 
ATOM   348 C  CD2 . LEU A 1 62  ? 0.333   -6.782  -2.428  1.00 26.26 ? 353 LEU A CD2 1 
ATOM   349 N  N   . ARG A 1 63  ? -0.011  -4.779  -6.576  1.00 27.53 ? 354 ARG A N   1 
ATOM   350 C  CA  . ARG A 1 63  ? -0.148  -3.755  -7.631  1.00 29.77 ? 354 ARG A CA  1 
ATOM   351 C  C   . ARG A 1 63  ? -0.502  -2.418  -6.999  1.00 27.11 ? 354 ARG A C   1 
ATOM   352 O  O   . ARG A 1 63  ? -1.137  -2.395  -5.948  1.00 24.27 ? 354 ARG A O   1 
ATOM   353 C  CB  . ARG A 1 63  ? -1.214  -4.115  -8.676  1.00 37.29 ? 354 ARG A CB  1 
ATOM   354 C  CG  . ARG A 1 63  ? -2.019  -5.374  -8.394  1.00 49.54 ? 354 ARG A CG  1 
ATOM   355 C  CD  . ARG A 1 63  ? -3.438  -5.335  -8.945  1.00 55.81 ? 354 ARG A CD  1 
ATOM   356 N  NE  . ARG A 1 63  ? -3.552  -5.732  -10.335 1.00 58.64 ? 354 ARG A NE  1 
ATOM   357 C  CZ  . ARG A 1 63  ? -3.414  -4.929  -11.391 1.00 66.43 ? 354 ARG A CZ  1 
ATOM   358 N  NH1 . ARG A 1 63  ? -3.132  -3.645  -11.238 1.00 70.65 ? 354 ARG A NH1 1 
ATOM   359 N  NH2 . ARG A 1 63  ? -3.546  -5.425  -12.612 1.00 64.22 ? 354 ARG A NH2 1 
ATOM   360 N  N   . LYS A 1 64  ? -0.175  -1.354  -7.715  1.00 25.03 ? 355 LYS A N   1 
ATOM   361 C  CA  . LYS A 1 64  ? -0.677  -0.003  -7.444  1.00 24.81 ? 355 LYS A CA  1 
ATOM   362 C  C   . LYS A 1 64  ? -2.214  -0.057  -7.462  1.00 26.18 ? 355 LYS A C   1 
ATOM   363 O  O   . LYS A 1 64  ? -2.788  -0.650  -8.403  1.00 26.60 ? 355 LYS A O   1 
ATOM   364 C  CB  . LYS A 1 64  ? -0.051  0.940   -8.474  1.00 27.98 ? 355 LYS A CB  1 
ATOM   365 C  CG  . LYS A 1 64  ? -0.653  2.329   -8.453  1.00 31.11 ? 355 LYS A CG  1 
ATOM   366 C  CD  . LYS A 1 64  ? -0.087  3.196   -9.517  1.00 35.37 ? 355 LYS A CD  1 
ATOM   367 C  CE  . LYS A 1 64  ? -0.693  4.569   -9.430  1.00 41.82 ? 355 LYS A CE  1 
ATOM   368 N  NZ  . LYS A 1 64  ? 0.111   5.538   -10.201 1.00 47.95 ? 355 LYS A NZ  1 
ATOM   369 N  N   . GLY A 1 65  ? -2.854  0.425   -6.393  1.00 22.92 ? 356 GLY A N   1 
ATOM   370 C  CA  . GLY A 1 65  ? -4.312  0.429   -6.243  1.00 24.49 ? 356 GLY A CA  1 
ATOM   371 C  C   . GLY A 1 65  ? -4.798  -0.721  -5.384  1.00 22.62 ? 356 GLY A C   1 
ATOM   372 O  O   . GLY A 1 65  ? -5.988  -0.793  -5.116  1.00 24.24 ? 356 GLY A O   1 
ATOM   373 N  N   . ASP A 1 66  ? -3.887  -1.586  -4.934  1.00 23.32 ? 357 ASP A N   1 
ATOM   374 C  CA  . ASP A 1 66  ? -4.187  -2.580  -3.883  1.00 23.87 ? 357 ASP A CA  1 
ATOM   375 C  C   . ASP A 1 66  ? -4.373  -1.869  -2.557  1.00 23.16 ? 357 ASP A C   1 
ATOM   376 O  O   . ASP A 1 66  ? -3.523  -1.012  -2.231  1.00 21.33 ? 357 ASP A O   1 
ATOM   377 C  CB  . ASP A 1 66  ? -3.063  -3.600  -3.690  1.00 23.54 ? 357 ASP A CB  1 
ATOM   378 C  CG  . ASP A 1 66  ? -3.175  -4.809  -4.597  1.00 28.24 ? 357 ASP A CG  1 
ATOM   379 O  OD1 . ASP A 1 66  ? -4.311  -5.130  -5.065  1.00 28.04 ? 357 ASP A OD1 1 
ATOM   380 O  OD2 . ASP A 1 66  ? -2.130  -5.438  -4.803  1.00 25.30 ? 357 ASP A OD2 1 
ATOM   381 N  N   . GLN A 1 67  ? -5.455  -2.178  -1.845  1.00 21.17 ? 358 GLN A N   1 
ATOM   382 C  CA  . GLN A 1 67  ? -5.568  -1.827  -0.411  1.00 20.50 ? 358 GLN A CA  1 
ATOM   383 C  C   . GLN A 1 67  ? -4.850  -2.896  0.395   1.00 21.38 ? 358 GLN A C   1 
ATOM   384 O  O   . GLN A 1 67  ? -5.080  -4.082  0.166   1.00 20.85 ? 358 GLN A O   1 
ATOM   385 C  CB  . GLN A 1 67  ? -7.021  -1.709  0.035   1.00 20.76 ? 358 GLN A CB  1 
ATOM   386 C  CG  . GLN A 1 67  ? -7.166  -1.098  1.407   1.00 21.15 ? 358 GLN A CG  1 
ATOM   387 C  CD  . GLN A 1 67  ? -8.581  -1.070  1.912   1.00 25.77 ? 358 GLN A CD  1 
ATOM   388 O  OE1 . GLN A 1 67  ? -9.523  -1.298  1.160   1.00 26.90 ? 358 GLN A OE1 1 
ATOM   389 N  NE2 . GLN A 1 67  ? -8.719  -0.846  3.207   1.00 24.35 ? 358 GLN A NE2 1 
ATOM   390 N  N   . ILE A 1 68  ? -4.088  -2.485  1.379   1.00 21.59 ? 359 ILE A N   1 
ATOM   391 C  CA  . ILE A 1 68  ? -3.440  -3.425  2.329   1.00 22.35 ? 359 ILE A CA  1 
ATOM   392 C  C   . ILE A 1 68  ? -4.396  -3.637  3.495   1.00 22.92 ? 359 ILE A C   1 
ATOM   393 O  O   . ILE A 1 68  ? -4.570  -2.704  4.288   1.00 20.59 ? 359 ILE A O   1 
ATOM   394 C  CB  . ILE A 1 68  ? -2.087  -2.892  2.824   1.00 21.69 ? 359 ILE A CB  1 
ATOM   395 C  CG1 . ILE A 1 68  ? -1.142  -2.527  1.673   1.00 26.02 ? 359 ILE A CG1 1 
ATOM   396 C  CG2 . ILE A 1 68  ? -1.444  -3.892  3.767   1.00 22.96 ? 359 ILE A CG2 1 
ATOM   397 C  CD1 . ILE A 1 68  ? -0.744  -3.670  0.801   1.00 30.59 ? 359 ILE A CD1 1 
ATOM   398 N  N   . LEU A 1 69  ? -4.995  -4.831  3.590   1.00 20.81 ? 360 LEU A N   1 
ATOM   399 C  CA  . LEU A 1 69  ? -5.967  -5.129  4.659   1.00 20.36 ? 360 LEU A CA  1 
ATOM   400 C  C   . LEU A 1 69  ? -5.248  -5.562  5.925   1.00 21.26 ? 360 LEU A C   1 
ATOM   401 O  O   . LEU A 1 69  ? -5.701  -5.217  7.032   1.00 19.44 ? 360 LEU A O   1 
ATOM   402 C  CB  . LEU A 1 69  ? -6.897  -6.226  4.163   1.00 20.22 ? 360 LEU A CB  1 
ATOM   403 C  CG  . LEU A 1 69  ? -7.594  -5.984  2.816   1.00 21.53 ? 360 LEU A CG  1 
ATOM   404 C  CD1 . LEU A 1 69  ? -8.708  -6.986  2.624   1.00 23.43 ? 360 LEU A CD1 1 
ATOM   405 C  CD2 . LEU A 1 69  ? -8.188  -4.592  2.678   1.00 26.35 ? 360 LEU A CD2 1 
ATOM   406 N  N   . SER A 1 70  ? -4.144  -6.297  5.790   1.00 20.24 ? 361 SER A N   1 
ATOM   407 C  CA  . SER A 1 70  ? -3.454  -6.898  6.931   1.00 19.63 ? 361 SER A CA  1 
ATOM   408 C  C   . SER A 1 70  ? -1.986  -7.111  6.572   1.00 19.81 ? 361 SER A C   1 
ATOM   409 O  O   . SER A 1 70  ? -1.705  -7.408  5.389   1.00 20.36 ? 361 SER A O   1 
ATOM   410 C  CB  . SER A 1 70  ? -4.136  -8.230  7.297   1.00 22.25 ? 361 SER A CB  1 
ATOM   411 O  OG  . SER A 1 70  ? -3.451  -8.853  8.377   1.00 25.09 ? 361 SER A OG  1 
ATOM   412 N  N   . VAL A 1 71  ? -1.107  -6.988  7.561   1.00 19.71 ? 362 VAL A N   1 
ATOM   413 C  CA  . VAL A 1 71  ? 0.303   -7.423  7.413   1.00 20.59 ? 362 VAL A CA  1 
ATOM   414 C  C   . VAL A 1 71  ? 0.673   -8.207  8.667   1.00 21.57 ? 362 VAL A C   1 
ATOM   415 O  O   . VAL A 1 71  ? 0.484   -7.667  9.783   1.00 21.44 ? 362 VAL A O   1 
ATOM   416 C  CB  . VAL A 1 71  ? 1.258   -6.233  7.236   1.00 25.72 ? 362 VAL A CB  1 
ATOM   417 C  CG1 . VAL A 1 71  ? 1.201   -5.289  8.407   1.00 28.93 ? 362 VAL A CG1 1 
ATOM   418 C  CG2 . VAL A 1 71  ? 2.688   -6.730  7.068   1.00 28.23 ? 362 VAL A CG2 1 
ATOM   419 N  N   . ASN A 1 72  ? 1.179   -9.433  8.484   1.00 21.99 ? 363 ASN A N   1 
ATOM   420 C  CA  . ASN A 1 72  ? 1.554   -10.322 9.606   1.00 22.59 ? 363 ASN A CA  1 
ATOM   421 C  C   . ASN A 1 72  ? 0.468   -10.288 10.692  1.00 20.39 ? 363 ASN A C   1 
ATOM   422 O  O   . ASN A 1 72  ? 0.819   -10.254 11.894  1.00 21.74 ? 363 ASN A O   1 
ATOM   423 C  CB  . ASN A 1 72  ? 2.939   -9.956  10.132  1.00 24.48 ? 363 ASN A CB  1 
ATOM   424 C  CG  . ASN A 1 72  ? 4.016   -10.347 9.142   1.00 27.17 ? 363 ASN A CG  1 
ATOM   425 O  OD1 . ASN A 1 72  ? 3.711   -10.894 8.088   1.00 29.86 ? 363 ASN A OD1 1 
ATOM   426 N  ND2 . ASN A 1 72  ? 5.271   -10.110 9.480   1.00 29.92 ? 363 ASN A ND2 1 
ATOM   427 N  N   . GLY A 1 73  ? -0.796  -10.368 10.277  1.00 21.36 ? 364 GLY A N   1 
ATOM   428 C  CA  . GLY A 1 73  ? -1.944  -10.537 11.195  1.00 21.69 ? 364 GLY A CA  1 
ATOM   429 C  C   . GLY A 1 73  ? -2.298  -9.276  11.947  1.00 21.10 ? 364 GLY A C   1 
ATOM   430 O  O   . GLY A 1 73  ? -2.967  -9.383  12.978  1.00 22.96 ? 364 GLY A O   1 
ATOM   431 N  N   . VAL A 1 74  ? -1.808  -8.121  11.490  1.00 22.37 ? 365 VAL A N   1 
ATOM   432 C  CA  . VAL A 1 74  ? -2.189  -6.796  12.036  1.00 21.46 ? 365 VAL A CA  1 
ATOM   433 C  C   . VAL A 1 74  ? -3.121  -6.140  11.017  1.00 19.88 ? 365 VAL A C   1 
ATOM   434 O  O   . VAL A 1 74  ? -2.753  -5.925  9.871   1.00 18.14 ? 365 VAL A O   1 
ATOM   435 C  CB  . VAL A 1 74  ? -0.981  -5.912  12.370  1.00 23.58 ? 365 VAL A CB  1 
ATOM   436 C  CG1 . VAL A 1 74  ? -1.429  -4.518  12.808  1.00 25.13 ? 365 VAL A CG1 1 
ATOM   437 C  CG2 . VAL A 1 74  ? -0.097  -6.558  13.438  1.00 23.93 ? 365 VAL A CG2 1 
ATOM   438 N  N   . ASP A 1 75  ? -4.332  -5.867  11.458  1.00 19.94 ? 366 ASP A N   1 
ATOM   439 C  CA  . ASP A 1 75  ? -5.421  -5.329  10.632  1.00 19.52 ? 366 ASP A CA  1 
ATOM   440 C  C   . ASP A 1 75  ? -5.120  -3.865  10.311  1.00 22.22 ? 366 ASP A C   1 
ATOM   441 O  O   . ASP A 1 75  ? -5.057  -3.100  11.248  1.00 23.73 ? 366 ASP A O   1 
ATOM   442 C  CB  . ASP A 1 75  ? -6.700  -5.419  11.442  1.00 21.09 ? 366 ASP A CB  1 
ATOM   443 C  CG  . ASP A 1 75  ? -7.953  -5.017  10.700  1.00 24.99 ? 366 ASP A CG  1 
ATOM   444 O  OD1 . ASP A 1 75  ? -7.882  -4.495  9.532   1.00 24.15 ? 366 ASP A OD1 1 
ATOM   445 O  OD2 . ASP A 1 75  ? -9.012  -5.323  11.272  1.00 27.70 ? 366 ASP A OD2 1 
ATOM   446 N  N   . LEU A 1 76  ? -4.989  -3.498  9.042   1.00 22.14 ? 367 LEU A N   1 
ATOM   447 C  CA  . LEU A 1 76  ? -4.654  -2.085  8.683   1.00 23.40 ? 367 LEU A CA  1 
ATOM   448 C  C   . LEU A 1 76  ? -5.832  -1.426  7.968   1.00 25.86 ? 367 LEU A C   1 
ATOM   449 O  O   . LEU A 1 76  ? -5.671  -0.293  7.383   1.00 23.55 ? 367 LEU A O   1 
ATOM   450 C  CB  . LEU A 1 76  ? -3.418  -2.053  7.793   1.00 21.38 ? 367 LEU A CB  1 
ATOM   451 C  CG  . LEU A 1 76  ? -2.131  -2.555  8.431   1.00 21.54 ? 367 LEU A CG  1 
ATOM   452 C  CD1 . LEU A 1 76  ? -0.962  -2.392  7.481   1.00 23.88 ? 367 LEU A CD1 1 
ATOM   453 C  CD2 . LEU A 1 76  ? -1.851  -1.846  9.715   1.00 22.17 ? 367 LEU A CD2 1 
ATOM   454 N  N   . ARG A 1 77  ? -6.999  -2.053  7.985   1.00 21.67 ? 368 ARG A N   1 
ATOM   455 C  CA  . ARG A 1 77  ? -8.105  -1.567  7.112   1.00 23.77 ? 368 ARG A CA  1 
ATOM   456 C  C   . ARG A 1 77  ? -8.469  -0.127  7.464   1.00 23.67 ? 368 ARG A C   1 
ATOM   457 O  O   . ARG A 1 77  ? -8.896  0.597   6.531   1.00 28.09 ? 368 ARG A O   1 
ATOM   458 C  CB  . ARG A 1 77  ? -9.323  -2.480  7.223   1.00 24.72 ? 368 ARG A CB  1 
ATOM   459 C  CG  . ARG A 1 77  ? -9.106  -3.745  6.405   1.00 24.96 ? 368 ARG A CG  1 
ATOM   460 C  CD  . ARG A 1 77  ? -10.189 -4.780  6.560   1.00 24.49 ? 368 ARG A CD  1 
ATOM   461 N  NE  . ARG A 1 77  ? -10.298 -5.061  7.969   1.00 25.45 ? 368 ARG A NE  1 
ATOM   462 C  CZ  . ARG A 1 77  ? -11.413 -5.437  8.555   1.00 27.70 ? 368 ARG A CZ  1 
ATOM   463 N  NH1 . ARG A 1 77  ? -12.497 -5.675  7.822   1.00 25.12 ? 368 ARG A NH1 1 
ATOM   464 N  NH2 . ARG A 1 77  ? -11.419 -5.587  9.860   1.00 25.98 ? 368 ARG A NH2 1 
ATOM   465 N  N   . ASN A 1 78  ? -8.417  0.250   8.737   1.00 23.30 ? 369 ASN A N   1 
ATOM   466 C  CA  . ASN A 1 78  ? -8.666  1.657   9.169   1.00 26.24 ? 369 ASN A CA  1 
ATOM   467 C  C   . ASN A 1 78  ? -7.457  2.196   9.953   1.00 28.08 ? 369 ASN A C   1 
ATOM   468 O  O   . ASN A 1 78  ? -7.642  3.091   10.796  1.00 25.02 ? 369 ASN A O   1 
ATOM   469 C  CB  . ASN A 1 78  ? -9.973  1.759   9.968   1.00 29.14 ? 369 ASN A CB  1 
ATOM   470 C  CG  . ASN A 1 78  ? -10.543 3.158   9.909   1.00 28.93 ? 369 ASN A CG  1 
ATOM   471 O  OD1 . ASN A 1 78  ? -10.628 3.719   8.814   1.00 31.37 ? 369 ASN A OD1 1 
ATOM   472 N  ND2 . ASN A 1 78  ? -10.921 3.710   11.058  1.00 30.92 ? 369 ASN A ND2 1 
ATOM   473 N  N   . ALA A 1 79  ? -6.236  1.726   9.652   1.00 24.57 ? 370 ALA A N   1 
ATOM   474 C  CA  . ALA A 1 79  ? -5.002  2.214   10.292  1.00 22.90 ? 370 ALA A CA  1 
ATOM   475 C  C   . ALA A 1 79  ? -4.739  3.657   9.855   1.00 21.68 ? 370 ALA A C   1 
ATOM   476 O  O   . ALA A 1 79  ? -5.154  4.059   8.768   1.00 21.06 ? 370 ALA A O   1 
ATOM   477 C  CB  . ALA A 1 79  ? -3.798  1.350   9.977   1.00 25.25 ? 370 ALA A CB  1 
ATOM   478 N  N   . SER A 1 80  ? -4.147  4.427   10.755  1.00 21.52 ? 371 SER A N   1 
ATOM   479 C  CA  . SER A 1 80  ? -3.497  5.728   10.428  1.00 21.98 ? 371 SER A CA  1 
ATOM   480 C  C   . SER A 1 80  ? -2.307  5.448   9.495   1.00 22.31 ? 371 SER A C   1 
ATOM   481 O  O   . SER A 1 80  ? -1.791  4.290   9.466   1.00 22.78 ? 371 SER A O   1 
ATOM   482 C  CB  . SER A 1 80  ? -3.055  6.463   11.672  1.00 20.83 ? 371 SER A CB  1 
ATOM   483 O  OG  . SER A 1 80  ? -1.940  5.823   12.251  1.00 22.98 ? 371 SER A OG  1 
ATOM   484 N  N   . HIS A 1 81  ? -1.868  6.453   8.743   1.00 22.87 ? 372 HIS A N   1 
ATOM   485 C  CA  . HIS A 1 81  ? -0.661  6.343   7.885   1.00 20.12 ? 372 HIS A CA  1 
ATOM   486 C  C   . HIS A 1 81  ? 0.533   5.855   8.716   1.00 22.02 ? 372 HIS A C   1 
ATOM   487 O  O   . HIS A 1 81  ? 1.200   4.916   8.308   1.00 22.00 ? 372 HIS A O   1 
ATOM   488 C  CB  . HIS A 1 81  ? -0.358  7.707   7.265   1.00 21.08 ? 372 HIS A CB  1 
ATOM   489 C  CG  . HIS A 1 81  ? 0.599   7.599   6.134   1.00 19.49 ? 372 HIS A CG  1 
ATOM   490 N  ND1 . HIS A 1 81  ? 0.181   7.410   4.861   1.00 20.68 ? 372 HIS A ND1 1 
ATOM   491 C  CD2 . HIS A 1 81  ? 1.948   7.652   6.122   1.00 20.04 ? 372 HIS A CD2 1 
ATOM   492 C  CE1 . HIS A 1 81  ? 1.250   7.341   4.068   1.00 21.84 ? 372 HIS A CE1 1 
ATOM   493 N  NE2 . HIS A 1 81  ? 2.362   7.495   4.831   1.00 20.86 ? 372 HIS A NE2 1 
ATOM   494 N  N   . GLU A 1 82  ? 0.783   6.463   9.870   1.00 23.63 ? 373 GLU A N   1 
ATOM   495 C  CA  . GLU A 1 82  ? 1.965   6.109   10.720  1.00 25.87 ? 373 GLU A CA  1 
ATOM   496 C  C   . GLU A 1 82  ? 1.857   4.677   11.253  1.00 23.56 ? 373 GLU A C   1 
ATOM   497 O  O   . GLU A 1 82  ? 2.878   3.925   11.245  1.00 24.98 ? 373 GLU A O   1 
ATOM   498 C  CB  . GLU A 1 82  ? 2.135   7.093   11.877  1.00 30.34 ? 373 GLU A CB  1 
ATOM   499 C  CG  . GLU A 1 82  ? 3.449   6.888   12.607  1.00 40.23 ? 373 GLU A CG  1 
ATOM   500 C  CD  . GLU A 1 82  ? 3.689   7.781   13.812  1.00 51.62 ? 373 GLU A CD  1 
ATOM   501 O  OE1 . GLU A 1 82  ? 2.776   8.549   14.166  1.00 58.07 ? 373 GLU A OE1 1 
ATOM   502 O  OE2 . GLU A 1 82  ? 4.789   7.676   14.411  1.00 65.80 ? 373 GLU A OE2 1 
ATOM   503 N  N   . GLN A 1 83  ? 0.670   4.263   11.673  1.00 24.83 ? 374 GLN A N   1 
ATOM   504 C  CA  . GLN A 1 83  ? 0.461   2.877   12.158  1.00 24.31 ? 374 GLN A CA  1 
ATOM   505 C  C   . GLN A 1 83  ? 0.848   1.898   11.047  1.00 22.84 ? 374 GLN A C   1 
ATOM   506 O  O   . GLN A 1 83  ? 1.556   0.935   11.288  1.00 23.23 ? 374 GLN A O   1 
ATOM   507 C  CB  . GLN A 1 83  ? -0.996  2.626   12.529  1.00 28.24 ? 374 GLN A CB  1 
ATOM   508 C  CG  . GLN A 1 83  ? -1.402  3.111   13.906  1.00 35.55 ? 374 GLN A CG  1 
ATOM   509 C  CD  . GLN A 1 83  ? -2.868  2.864   14.197  1.00 36.98 ? 374 GLN A CD  1 
ATOM   510 O  OE1 . GLN A 1 83  ? -3.757  3.084   13.369  1.00 35.16 ? 374 GLN A OE1 1 
ATOM   511 N  NE2 . GLN A 1 83  ? -3.146  2.458   15.424  1.00 42.31 ? 374 GLN A NE2 1 
ATOM   512 N  N   . ALA A 1 84  ? 0.337   2.127   9.848   1.00 22.75 ? 375 ALA A N   1 
ATOM   513 C  CA  . ALA A 1 84  ? 0.595   1.281   8.675   1.00 21.60 ? 375 ALA A CA  1 
ATOM   514 C  C   . ALA A 1 84  ? 2.094   1.227   8.351   1.00 22.74 ? 375 ALA A C   1 
ATOM   515 O  O   . ALA A 1 84  ? 2.627   0.117   8.101   1.00 21.49 ? 375 ALA A O   1 
ATOM   516 C  CB  . ALA A 1 84  ? -0.246  1.761   7.538   1.00 22.25 ? 375 ALA A CB  1 
ATOM   517 N  N   . ALA A 1 85  ? 2.743   2.384   8.258   1.00 22.64 ? 376 ALA A N   1 
ATOM   518 C  CA  . ALA A 1 85  ? 4.180   2.494   7.947   1.00 22.12 ? 376 ALA A CA  1 
ATOM   519 C  C   . ALA A 1 85  ? 4.997   1.677   8.947   1.00 21.35 ? 376 ALA A C   1 
ATOM   520 O  O   . ALA A 1 85  ? 5.850   0.849   8.523   1.00 24.54 ? 376 ALA A O   1 
ATOM   521 C  CB  . ALA A 1 85  ? 4.578   3.945   7.933   1.00 21.58 ? 376 ALA A CB  1 
ATOM   522 N  N   . ILE A 1 86  ? 4.691   1.791   10.227  1.00 23.85 ? 377 ILE A N   1 
ATOM   523 C  CA  . ILE A 1 86  ? 5.481   1.083   11.274  1.00 29.85 ? 377 ILE A CA  1 
ATOM   524 C  C   . ILE A 1 86  ? 5.239   -0.431  11.188  1.00 29.47 ? 377 ILE A C   1 
ATOM   525 O  O   . ILE A 1 86  ? 6.221   -1.171  11.233  1.00 30.56 ? 377 ILE A O   1 
ATOM   526 C  CB  . ILE A 1 86  ? 5.140   1.650   12.655  1.00 33.18 ? 377 ILE A CB  1 
ATOM   527 C  CG1 . ILE A 1 86  ? 5.610   3.097   12.764  1.00 33.24 ? 377 ILE A CG1 1 
ATOM   528 C  CG2 . ILE A 1 86  ? 5.731   0.758   13.746  1.00 35.00 ? 377 ILE A CG2 1 
ATOM   529 C  CD1 . ILE A 1 86  ? 5.035   3.802   13.956  1.00 43.46 ? 377 ILE A CD1 1 
ATOM   530 N  N   . ALA A 1 87  ? 3.983   -0.874  11.015  1.00 26.02 ? 378 ALA A N   1 
ATOM   531 C  CA  . ALA A 1 87  ? 3.627   -2.305  10.906  1.00 27.73 ? 378 ALA A CA  1 
ATOM   532 C  C   . ALA A 1 87  ? 4.367   -2.924  9.715   1.00 27.68 ? 378 ALA A C   1 
ATOM   533 O  O   . ALA A 1 87  ? 4.949   -4.023  9.862   1.00 27.39 ? 378 ALA A O   1 
ATOM   534 C  CB  . ALA A 1 87  ? 2.139   -2.490  10.770  1.00 27.01 ? 378 ALA A CB  1 
ATOM   535 N  N   . LEU A 1 88  ? 4.372   -2.240  8.569   1.00 25.42 ? 379 LEU A N   1 
ATOM   536 C  CA  . LEU A 1 88  ? 4.992   -2.767  7.334   1.00 26.22 ? 379 LEU A CA  1 
ATOM   537 C  C   . LEU A 1 88  ? 6.523   -2.812  7.495   1.00 30.05 ? 379 LEU A C   1 
ATOM   538 O  O   . LEU A 1 88  ? 7.121   -3.851  7.177   1.00 31.11 ? 379 LEU A O   1 
ATOM   539 C  CB  . LEU A 1 88  ? 4.566   -1.909  6.144   1.00 25.43 ? 379 LEU A CB  1 
ATOM   540 C  CG  . LEU A 1 88  ? 3.132   -2.150  5.686   1.00 27.35 ? 379 LEU A CG  1 
ATOM   541 C  CD1 . LEU A 1 88  ? 2.574   -0.983  4.867   1.00 25.47 ? 379 LEU A CD1 1 
ATOM   542 C  CD2 . LEU A 1 88  ? 3.039   -3.448  4.909   1.00 29.80 ? 379 LEU A CD2 1 
ATOM   543 N  N   . LYS A 1 89  ? 7.116   -1.752  8.010   1.00 29.39 ? 380 LYS A N   1 
ATOM   544 C  CA  . LYS A 1 89  ? 8.591   -1.647  8.169   1.00 32.11 ? 380 LYS A CA  1 
ATOM   545 C  C   . LYS A 1 89  ? 9.092   -2.712  9.146   1.00 38.19 ? 380 LYS A C   1 
ATOM   546 O  O   . LYS A 1 89  ? 10.195  -3.220  8.930   1.00 43.53 ? 380 LYS A O   1 
ATOM   547 C  CB  . LYS A 1 89  ? 8.987   -0.261  8.668   1.00 32.75 ? 380 LYS A CB  1 
ATOM   548 C  CG  . LYS A 1 89  ? 9.093   0.780   7.565   1.00 36.72 ? 380 LYS A CG  1 
ATOM   549 C  CD  . LYS A 1 89  ? 9.169   2.188   8.086   1.00 40.16 ? 380 LYS A CD  1 
ATOM   550 C  CE  . LYS A 1 89  ? 9.080   3.237   6.996   1.00 45.07 ? 380 LYS A CE  1 
ATOM   551 N  NZ  . LYS A 1 89  ? 10.173  3.150   5.992   1.00 47.89 ? 380 LYS A NZ  1 
ATOM   552 N  N   . ASN A 1 90  ? 8.324   -3.022  10.183  1.00 36.19 ? 381 ASN A N   1 
ATOM   553 C  CA  . ASN A 1 90  ? 8.753   -3.951  11.253  1.00 36.61 ? 381 ASN A CA  1 
ATOM   554 C  C   . ASN A 1 90  ? 8.208   -5.369  11.002  1.00 36.81 ? 381 ASN A C   1 
ATOM   555 O  O   . ASN A 1 90  ? 8.314   -6.193  11.907  1.00 38.99 ? 381 ASN A O   1 
ATOM   556 C  CB  . ASN A 1 90  ? 8.409   -3.326  12.608  1.00 43.81 ? 381 ASN A CB  1 
ATOM   557 C  CG  . ASN A 1 90  ? 9.222   -2.072  12.872  1.00 51.76 ? 381 ASN A CG  1 
ATOM   558 O  OD1 . ASN A 1 90  ? 10.450  -2.113  12.898  1.00 56.86 ? 381 ASN A OD1 1 
ATOM   559 N  ND2 . ASN A 1 90  ? 8.564   -0.938  13.037  1.00 51.24 ? 381 ASN A ND2 1 
ATOM   560 N  N   . ALA A 1 91  ? 7.803   -5.732  9.780   1.00 36.15 ? 382 ALA A N   1 
ATOM   561 C  CA  . ALA A 1 91  ? 7.169   -7.048  9.489   1.00 35.09 ? 382 ALA A CA  1 
ATOM   562 C  C   . ALA A 1 91  ? 8.186   -8.196  9.306   1.00 36.60 ? 382 ALA A C   1 
ATOM   563 O  O   . ALA A 1 91  ? 7.745   -9.331  8.997   1.00 35.50 ? 382 ALA A O   1 
ATOM   564 C  CB  . ALA A 1 91  ? 6.290   -6.955  8.280   1.00 35.08 ? 382 ALA A CB  1 
ATOM   565 N  N   . GLY A 1 92  ? 9.487   -7.960  9.394   1.00 36.41 ? 383 GLY A N   1 
ATOM   566 C  CA  . GLY A 1 92  ? 10.460  -9.078  9.289   1.00 36.19 ? 383 GLY A CA  1 
ATOM   567 C  C   . GLY A 1 92  ? 10.644  -9.563  7.862   1.00 38.62 ? 383 GLY A C   1 
ATOM   568 O  O   . GLY A 1 92  ? 10.254  -8.840  6.905   1.00 34.71 ? 383 GLY A O   1 
ATOM   569 N  N   . GLN A 1 93  ? 11.212  -10.756 7.682   1.00 36.86 ? 384 GLN A N   1 
ATOM   570 C  CA  . GLN A 1 93  ? 11.713  -11.205 6.349   1.00 38.08 ? 384 GLN A CA  1 
ATOM   571 C  C   . GLN A 1 93  ? 10.663  -12.061 5.619   1.00 38.37 ? 384 GLN A C   1 
ATOM   572 O  O   . GLN A 1 93  ? 10.787  -12.264 4.389   1.00 36.30 ? 384 GLN A O   1 
ATOM   573 C  CB  . GLN A 1 93  ? 13.071  -11.909 6.522   1.00 40.52 ? 384 GLN A CB  1 
ATOM   574 C  CG  . GLN A 1 93  ? 14.165  -10.964 7.002   1.00 46.17 ? 384 GLN A CG  1 
ATOM   575 C  CD  . GLN A 1 93  ? 15.576  -11.397 6.656   1.00 48.63 ? 384 GLN A CD  1 
ATOM   576 O  OE1 . GLN A 1 93  ? 15.865  -12.575 6.457   1.00 53.95 ? 384 GLN A OE1 1 
ATOM   577 N  NE2 . GLN A 1 93  ? 16.480  -10.433 6.586   1.00 55.83 ? 384 GLN A NE2 1 
ATOM   578 N  N   . THR A 1 94  ? 9.676   -12.609 6.325   1.00 35.66 ? 385 THR A N   1 
ATOM   579 C  CA  . THR A 1 94  ? 8.565   -13.315 5.670   1.00 32.79 ? 385 THR A CA  1 
ATOM   580 C  C   . THR A 1 94  ? 7.302   -12.514 5.964   1.00 33.69 ? 385 THR A C   1 
ATOM   581 O  O   . THR A 1 94  ? 6.823   -12.559 7.105   1.00 29.71 ? 385 THR A O   1 
ATOM   582 C  CB  . THR A 1 94  ? 8.439   -14.780 6.090   1.00 34.75 ? 385 THR A CB  1 
ATOM   583 O  OG1 . THR A 1 94  ? 9.656   -15.459 5.772   1.00 36.26 ? 385 THR A OG1 1 
ATOM   584 C  CG2 . THR A 1 94  ? 7.316   -15.485 5.369   1.00 33.50 ? 385 THR A CG2 1 
ATOM   585 N  N   . VAL A 1 95  ? 6.799   -11.818 4.951   1.00 28.98 ? 386 VAL A N   1 
ATOM   586 C  CA  . VAL A 1 95  ? 5.698   -10.835 5.130   1.00 26.78 ? 386 VAL A CA  1 
ATOM   587 C  C   . VAL A 1 95  ? 4.454   -11.422 4.499   1.00 27.31 ? 386 VAL A C   1 
ATOM   588 O  O   . VAL A 1 95  ? 4.461   -11.654 3.283   1.00 26.59 ? 386 VAL A O   1 
ATOM   589 C  CB  . VAL A 1 95  ? 6.088   -9.467  4.545   1.00 25.87 ? 386 VAL A CB  1 
ATOM   590 C  CG1 . VAL A 1 95  ? 4.992   -8.438  4.750   1.00 27.23 ? 386 VAL A CG1 1 
ATOM   591 C  CG2 . VAL A 1 95  ? 7.380   -8.974  5.161   1.00 26.84 ? 386 VAL A CG2 1 
ATOM   592 N  N   . THR A 1 96  ? 3.436   -11.690 5.314   1.00 23.23 ? 387 THR A N   1 
ATOM   593 C  CA  . THR A 1 96  ? 2.133   -12.186 4.850   1.00 23.94 ? 387 THR A CA  1 
ATOM   594 C  C   . THR A 1 96  ? 1.151   -11.016 4.834   1.00 24.02 ? 387 THR A C   1 
ATOM   595 O  O   . THR A 1 96  ? 0.792   -10.515 5.927   1.00 22.62 ? 387 THR A O   1 
ATOM   596 C  CB  . THR A 1 96  ? 1.605   -13.293 5.762   1.00 25.40 ? 387 THR A CB  1 
ATOM   597 O  OG1 . THR A 1 96  ? 2.510   -14.405 5.776   1.00 28.39 ? 387 THR A OG1 1 
ATOM   598 C  CG2 . THR A 1 96  ? 0.258   -13.770 5.288   1.00 24.84 ? 387 THR A CG2 1 
ATOM   599 N  N   . ILE A 1 97  ? 0.742   -10.628 3.635   1.00 23.35 ? 388 ILE A N   1 
ATOM   600 C  CA  . ILE A 1 97  ? -0.133  -9.469  3.369   1.00 23.13 ? 388 ILE A CA  1 
ATOM   601 C  C   . ILE A 1 97  ? -1.454  -10.021 2.859   1.00 23.77 ? 388 ILE A C   1 
ATOM   602 O  O   . ILE A 1 97  ? -1.444  -10.876 1.947   1.00 26.79 ? 388 ILE A O   1 
ATOM   603 C  CB  . ILE A 1 97  ? 0.544   -8.513  2.375   1.00 25.46 ? 388 ILE A CB  1 
ATOM   604 C  CG1 . ILE A 1 97  ? 1.767   -7.864  3.019   1.00 26.76 ? 388 ILE A CG1 1 
ATOM   605 C  CG2 . ILE A 1 97  ? -0.463  -7.506  1.827   1.00 26.55 ? 388 ILE A CG2 1 
ATOM   606 C  CD1 . ILE A 1 97  ? 2.648   -7.105  2.056   1.00 28.32 ? 388 ILE A CD1 1 
ATOM   607 N  N   . ILE A 1 98  ? -2.551  -9.493  3.383   1.00 23.86 ? 389 ILE A N   1 
ATOM   608 C  CA  . ILE A 1 98  ? -3.886  -9.617  2.740   1.00 25.07 ? 389 ILE A CA  1 
ATOM   609 C  C   . ILE A 1 98  ? -4.087  -8.309  1.976   1.00 21.98 ? 389 ILE A C   1 
ATOM   610 O  O   . ILE A 1 98  ? -4.073  -7.250  2.617   1.00 21.28 ? 389 ILE A O   1 
ATOM   611 C  CB  . ILE A 1 98  ? -5.014  -9.878  3.762   1.00 23.99 ? 389 ILE A CB  1 
ATOM   612 C  CG1 . ILE A 1 98  ? -4.692  -11.025 4.732   1.00 31.00 ? 389 ILE A CG1 1 
ATOM   613 C  CG2 . ILE A 1 98  ? -6.332  -10.102 3.027   1.00 23.37 ? 389 ILE A CG2 1 
ATOM   614 C  CD1 . ILE A 1 98  ? -4.348  -12.324 4.077   1.00 33.16 ? 389 ILE A CD1 1 
ATOM   615 N  N   . ALA A 1 99  ? -4.226  -8.394  0.646   1.00 21.61 ? 390 ALA A N   1 
ATOM   616 C  CA  . ALA A 1 99  ? -4.404  -7.215  -0.212  1.00 21.38 ? 390 ALA A CA  1 
ATOM   617 C  C   . ALA A 1 99  ? -5.728  -7.370  -0.951  1.00 25.30 ? 390 ALA A C   1 
ATOM   618 O  O   . ALA A 1 99  ? -6.214  -8.534  -1.118  1.00 26.22 ? 390 ALA A O   1 
ATOM   619 C  CB  . ALA A 1 99  ? -3.244  -7.075  -1.161  1.00 23.36 ? 390 ALA A CB  1 
ATOM   620 N  N   . GLN A 1 100 ? -6.306  -6.247  -1.359  1.00 22.85 ? 391 GLN A N   1 
ATOM   621 C  CA  . GLN A 1 100 ? -7.548  -6.277  -2.167  1.00 25.49 ? 391 GLN A CA  1 
ATOM   622 C  C   . GLN A 1 100 ? -7.479  -5.157  -3.190  1.00 25.54 ? 391 GLN A C   1 
ATOM   623 O  O   . GLN A 1 100 ? -7.258  -4.024  -2.788  1.00 23.65 ? 391 GLN A O   1 
ATOM   624 C  CB  . GLN A 1 100 ? -8.783  -6.159  -1.276  1.00 24.74 ? 391 GLN A CB  1 
ATOM   625 C  CG  . GLN A 1 100 ? -10.071 -6.361  -2.077  1.00 27.15 ? 391 GLN A CG  1 
ATOM   626 C  CD  . GLN A 1 100 ? -11.270 -6.521  -1.169  1.00 31.09 ? 391 GLN A CD  1 
ATOM   627 O  OE1 . GLN A 1 100 ? -11.216 -6.235  0.022   1.00 33.74 ? 391 GLN A OE1 1 
ATOM   628 N  NE2 . GLN A 1 100 ? -12.369 -7.014  -1.726  1.00 36.33 ? 391 GLN A NE2 1 
ATOM   629 N  N   . TYR A 1 101 ? -7.514  -5.525  -4.472  1.00 25.23 ? 392 TYR A N   1 
ATOM   630 C  CA  . TYR A 1 101 ? -7.392  -4.593  -5.612  1.00 25.31 ? 392 TYR A CA  1 
ATOM   631 C  C   . TYR A 1 101 ? -8.654  -3.726  -5.729  1.00 28.97 ? 392 TYR A C   1 
ATOM   632 O  O   . TYR A 1 101 ? -9.739  -4.256  -6.043  1.00 30.33 ? 392 TYR A O   1 
ATOM   633 C  CB  . TYR A 1 101 ? -7.110  -5.358  -6.890  1.00 26.34 ? 392 TYR A CB  1 
ATOM   634 C  CG  . TYR A 1 101 ? -6.794  -4.456  -8.054  1.00 29.58 ? 392 TYR A CG  1 
ATOM   635 C  CD1 . TYR A 1 101 ? -5.806  -3.499  -7.965  1.00 29.58 ? 392 TYR A CD1 1 
ATOM   636 C  CD2 . TYR A 1 101 ? -7.482  -4.579  -9.257  1.00 32.02 ? 392 TYR A CD2 1 
ATOM   637 C  CE1 . TYR A 1 101 ? -5.503  -2.672  -9.038  1.00 31.42 ? 392 TYR A CE1 1 
ATOM   638 C  CE2 . TYR A 1 101 ? -7.180  -3.780  -10.351 1.00 35.98 ? 392 TYR A CE2 1 
ATOM   639 C  CZ  . TYR A 1 101 ? -6.204  -2.807  -10.228 1.00 36.46 ? 392 TYR A CZ  1 
ATOM   640 O  OH  . TYR A 1 101 ? -5.909  -2.014  -11.283 1.00 40.30 ? 392 TYR A OH  1 
ATOM   641 N  N   . LYS A 1 102 ? -8.517  -2.424  -5.473  1.00 27.97 ? 393 LYS A N   1 
ATOM   642 C  CA  . LYS A 1 102 ? -9.657  -1.471  -5.437  1.00 30.22 ? 393 LYS A CA  1 
ATOM   643 C  C   . LYS A 1 102 ? -9.279  -0.203  -6.196  1.00 29.96 ? 393 LYS A C   1 
ATOM   644 O  O   . LYS A 1 102 ? -9.221  0.893   -5.641  1.00 31.08 ? 393 LYS A O   1 
ATOM   645 C  CB  . LYS A 1 102 ? -10.058 -1.186  -3.998  1.00 31.98 ? 393 LYS A CB  1 
ATOM   646 C  CG  . LYS A 1 102 ? -10.597 -2.355  -3.189  1.00 33.45 ? 393 LYS A CG  1 
ATOM   647 C  CD  . LYS A 1 102 ? -10.967 -1.869  -1.796  1.00 36.29 ? 393 LYS A CD  1 
ATOM   648 C  CE  . LYS A 1 102 ? -11.452 -2.983  -0.897  1.00 37.43 ? 393 LYS A CE  1 
ATOM   649 N  NZ  . LYS A 1 102 ? -11.800 -2.487  0.460   1.00 37.37 ? 393 LYS A NZ  1 
ATOM   650 N  N   . PRO A 1 103 ? -9.072  -0.307  -7.520  1.00 31.97 ? 394 PRO A N   1 
ATOM   651 C  CA  . PRO A 1 103 ? -8.624  0.834   -8.319  1.00 34.96 ? 394 PRO A CA  1 
ATOM   652 C  C   . PRO A 1 103 ? -9.587  2.038   -8.327  1.00 36.78 ? 394 PRO A C   1 
ATOM   653 O  O   . PRO A 1 103 ? -9.115  3.157   -8.416  1.00 37.17 ? 394 PRO A O   1 
ATOM   654 C  CB  . PRO A 1 103 ? -8.434  0.212   -9.716  1.00 39.17 ? 394 PRO A CB  1 
ATOM   655 C  CG  . PRO A 1 103 ? -9.389  -0.964  -9.738  1.00 37.53 ? 394 PRO A CG  1 
ATOM   656 C  CD  . PRO A 1 103 ? -9.363  -1.506  -8.319  1.00 34.18 ? 394 PRO A CD  1 
ATOM   657 N  N   . GLU A 1 104 ? -10.890 1.801   -8.179  1.00 40.16 ? 395 GLU A N   1 
ATOM   658 C  CA  . GLU A 1 104 ? -11.934 2.863   -8.147  1.00 42.01 ? 395 GLU A CA  1 
ATOM   659 C  C   . GLU A 1 104 ? -11.722 3.687   -6.886  1.00 39.74 ? 395 GLU A C   1 
ATOM   660 O  O   . GLU A 1 104 ? -11.779 4.921   -6.969  1.00 41.66 ? 395 GLU A O   1 
ATOM   661 C  CB  . GLU A 1 104 ? -13.388 2.366   -8.060  1.00 47.11 ? 395 GLU A CB  1 
ATOM   662 C  CG  . GLU A 1 104 ? -13.590 0.875   -8.189  1.00 54.46 ? 395 GLU A CG  1 
ATOM   663 C  CD  . GLU A 1 104 ? -13.045 0.017   -7.059  1.00 54.69 ? 395 GLU A CD  1 
ATOM   664 O  OE1 . GLU A 1 104 ? -13.382 0.243   -5.888  1.00 62.10 ? 395 GLU A OE1 1 
ATOM   665 O  OE2 . GLU A 1 104 ? -12.288 -0.871  -7.368  1.00 54.68 ? 395 GLU A OE2 1 
ATOM   666 N  N   . GLU A 1 105 ? -11.496 3.013   -5.755  1.00 38.15 ? 396 GLU A N   1 
ATOM   667 C  CA  . GLU A 1 105 ? -11.174 3.690   -4.473  1.00 37.45 ? 396 GLU A CA  1 
ATOM   668 C  C   . GLU A 1 105 ? -9.809  4.378   -4.587  1.00 36.34 ? 396 GLU A C   1 
ATOM   669 O  O   . GLU A 1 105 ? -9.701  5.530   -4.122  1.00 37.29 ? 396 GLU A O   1 
ATOM   670 C  CB  . GLU A 1 105 ? -11.245 2.720   -3.309  1.00 39.40 ? 396 GLU A CB  1 
ATOM   671 C  CG  . GLU A 1 105 ? -12.626 2.112   -3.198  1.00 47.04 ? 396 GLU A CG  1 
ATOM   672 C  CD  . GLU A 1 105 ? -12.931 1.493   -1.858  1.00 52.66 ? 396 GLU A CD  1 
ATOM   673 O  OE1 . GLU A 1 105 ? -13.968 0.798   -1.785  1.00 57.19 ? 396 GLU A OE1 1 
ATOM   674 O  OE2 . GLU A 1 105 ? -12.140 1.720   -0.884  1.00 57.16 ? 396 GLU A OE2 1 
ATOM   675 N  N   . TYR A 1 106 ? -8.825  3.723   -5.203  1.00 32.77 ? 397 TYR A N   1 
ATOM   676 C  CA  . TYR A 1 106 ? -7.479  4.296   -5.404  1.00 30.61 ? 397 TYR A CA  1 
ATOM   677 C  C   . TYR A 1 106 ? -7.566  5.611   -6.205  1.00 33.41 ? 397 TYR A C   1 
ATOM   678 O  O   . TYR A 1 106 ? -6.803  6.540   -5.912  1.00 30.12 ? 397 TYR A O   1 
ATOM   679 C  CB  . TYR A 1 106 ? -6.482  3.331   -6.057  1.00 29.34 ? 397 TYR A CB  1 
ATOM   680 C  CG  . TYR A 1 106 ? -5.120  3.972   -6.086  1.00 28.69 ? 397 TYR A CG  1 
ATOM   681 C  CD1 . TYR A 1 106 ? -4.428  4.165   -4.902  1.00 28.06 ? 397 TYR A CD1 1 
ATOM   682 C  CD2 . TYR A 1 106 ? -4.597  4.549   -7.239  1.00 32.97 ? 397 TYR A CD2 1 
ATOM   683 C  CE1 . TYR A 1 106 ? -3.235  4.858   -4.863  1.00 29.06 ? 397 TYR A CE1 1 
ATOM   684 C  CE2 . TYR A 1 106 ? -3.398  5.248   -7.218  1.00 29.98 ? 397 TYR A CE2 1 
ATOM   685 C  CZ  . TYR A 1 106 ? -2.715  5.393   -6.023  1.00 30.50 ? 397 TYR A CZ  1 
ATOM   686 O  OH  . TYR A 1 106 ? -1.562  6.094   -5.931  1.00 34.73 ? 397 TYR A OH  1 
ATOM   687 N  N   . SER A 1 107 ? -8.450  5.714   -7.202  1.00 33.29 ? 398 SER A N   1 
ATOM   688 C  CA  . SER A 1 107 ? -8.475  6.897   -8.089  1.00 37.19 ? 398 SER A CA  1 
ATOM   689 C  C   . SER A 1 107 ? -8.850  8.149   -7.288  1.00 34.29 ? 398 SER A C   1 
ATOM   690 O  O   . SER A 1 107 ? -8.602  9.261   -7.811  1.00 38.12 ? 398 SER A O   1 
ATOM   691 C  CB  . SER A 1 107 ? -9.400  6.701   -9.262  1.00 37.78 ? 398 SER A CB  1 
ATOM   692 O  OG  . SER A 1 107 ? -10.715 6.638   -8.773  1.00 38.37 ? 398 SER A OG  1 
ATOM   693 N  N   . ARG A 1 108 ? -9.463  7.993   -6.105  1.00 32.42 ? 399 ARG A N   1 
ATOM   694 C  CA  . ARG A 1 108 ? -9.743  9.106   -5.164  1.00 37.10 ? 399 ARG A CA  1 
ATOM   695 C  C   . ARG A 1 108 ? -8.450  9.809   -4.710  1.00 34.82 ? 399 ARG A C   1 
ATOM   696 O  O   . ARG A 1 108 ? -8.482  11.041  -4.536  1.00 31.77 ? 399 ARG A O   1 
ATOM   697 C  CB  . ARG A 1 108 ? -10.526 8.611   -3.956  1.00 43.88 ? 399 ARG A CB  1 
ATOM   698 C  CG  . ARG A 1 108 ? -11.905 8.088   -4.328  1.00 58.14 ? 399 ARG A CG  1 
ATOM   699 C  CD  . ARG A 1 108 ? -12.930 8.225   -3.213  1.00 66.88 ? 399 ARG A CD  1 
ATOM   700 N  NE  . ARG A 1 108 ? -13.964 7.224   -3.420  1.00 77.02 ? 399 ARG A NE  1 
ATOM   701 C  CZ  . ARG A 1 108 ? -13.906 5.963   -2.991  1.00 87.62 ? 399 ARG A CZ  1 
ATOM   702 N  NH1 . ARG A 1 108 ? -12.871 5.529   -2.291  1.00 87.20 ? 399 ARG A NH1 1 
ATOM   703 N  NH2 . ARG A 1 108 ? -14.900 5.133   -3.262  1.00 93.45 ? 399 ARG A NH2 1 
ATOM   704 N  N   . PHE A 1 109 ? -7.333  9.090   -4.571  1.00 29.97 ? 400 PHE A N   1 
ATOM   705 C  CA  . PHE A 1 109 ? -6.023  9.709   -4.248  1.00 29.58 ? 400 PHE A CA  1 
ATOM   706 C  C   . PHE A 1 109 ? -5.527  10.545  -5.419  1.00 32.61 ? 400 PHE A C   1 
ATOM   707 O  O   . PHE A 1 109 ? -5.167  11.706  -5.207  1.00 35.51 ? 400 PHE A O   1 
ATOM   708 C  CB  . PHE A 1 109 ? -5.003  8.638   -3.891  1.00 26.67 ? 400 PHE A CB  1 
ATOM   709 C  CG  . PHE A 1 109 ? -5.310  7.967   -2.581  1.00 24.55 ? 400 PHE A CG  1 
ATOM   710 C  CD1 . PHE A 1 109 ? -4.960  8.566   -1.377  1.00 23.10 ? 400 PHE A CD1 1 
ATOM   711 C  CD2 . PHE A 1 109 ? -5.965  6.740   -2.540  1.00 26.05 ? 400 PHE A CD2 1 
ATOM   712 C  CE1 . PHE A 1 109 ? -5.214  7.935   -0.170  1.00 25.73 ? 400 PHE A CE1 1 
ATOM   713 C  CE2 . PHE A 1 109 ? -6.206  6.110   -1.337  1.00 24.60 ? 400 PHE A CE2 1 
ATOM   714 C  CZ  . PHE A 1 109 ? -5.803  6.689   -0.149  1.00 27.68 ? 400 PHE A CZ  1 
ATOM   715 N  N   . GLU A 1 110 ? -5.578  9.995   -6.623  1.00 34.43 ? 401 GLU A N   1 
ATOM   716 C  CA  . GLU A 1 110 ? -5.263  10.725  -7.882  1.00 39.66 ? 401 GLU A CA  1 
ATOM   717 C  C   . GLU A 1 110 ? -6.154  11.980  -8.011  1.00 36.73 ? 401 GLU A C   1 
ATOM   718 O  O   . GLU A 1 110 ? -5.594  13.048  -8.364  1.00 41.74 ? 401 GLU A O   1 
ATOM   719 C  CB  . GLU A 1 110 ? -5.345  9.753   -9.067  1.00 49.23 ? 401 GLU A CB  1 
ATOM   720 C  CG  . GLU A 1 110 ? -4.380  8.588   -8.898  1.00 55.37 ? 401 GLU A CG  1 
ATOM   721 C  CD  . GLU A 1 110 ? -4.219  7.638   -10.071 1.00 61.57 ? 401 GLU A CD  1 
ATOM   722 O  OE1 . GLU A 1 110 ? -5.251  7.107   -10.549 1.00 64.36 ? 401 GLU A OE1 1 
ATOM   723 O  OE2 . GLU A 1 110 ? -3.052  7.414   -10.479 1.00 64.70 ? 401 GLU A OE2 1 
ATOM   724 N  N   . ALA A 1 111 ? -7.442  11.889  -7.667  1.00 37.34 ? 402 ALA A N   1 
ATOM   725 C  CA  . ALA A 1 111 ? -8.423  13.008  -7.669  1.00 37.48 ? 402 ALA A CA  1 
ATOM   726 C  C   . ALA A 1 111 ? -8.038  14.102  -6.660  1.00 38.11 ? 402 ALA A C   1 
ATOM   727 O  O   . ALA A 1 111 ? -8.384  15.267  -6.890  1.00 40.68 ? 402 ALA A O   1 
ATOM   728 C  CB  . ALA A 1 111 ? -9.816  12.492  -7.371  1.00 32.34 ? 402 ALA A CB  1 
ATOM   729 N  N   . LYS A 1 112 ? -7.370  13.773  -5.553  1.00 37.35 ? 403 LYS A N   1 
ATOM   730 C  CA  . LYS A 1 112 ? -6.883  14.795  -4.599  1.00 34.72 ? 403 LYS A CA  1 
ATOM   731 C  C   . LYS A 1 112 ? -5.904  15.735  -5.306  1.00 38.31 ? 403 LYS A C   1 
ATOM   732 O  O   . LYS A 1 112 ? -5.989  16.956  -5.119  1.00 39.35 ? 403 LYS A O   1 
ATOM   733 C  CB  . LYS A 1 112 ? -6.140  14.173  -3.415  1.00 34.36 ? 403 LYS A CB  1 
ATOM   734 C  CG  . LYS A 1 112 ? -7.012  13.445  -2.407  1.00 33.01 ? 403 LYS A CG  1 
ATOM   735 C  CD  . LYS A 1 112 ? -6.190  12.876  -1.264  1.00 32.04 ? 403 LYS A CD  1 
ATOM   736 C  CE  . LYS A 1 112 ? -6.957  11.877  -0.432  1.00 29.48 ? 403 LYS A CE  1 
ATOM   737 N  NZ  . LYS A 1 112 ? -6.157  11.534  0.760   1.00 28.79 ? 403 LYS A NZ  1 
ATOM   738 N  N   . ILE A 1 113 ? -4.967  15.192  -6.061  1.00 35.69 ? 404 ILE A N   1 
ATOM   739 C  CA  . ILE A 1 113 ? -3.979  16.043  -6.776  1.00 43.95 ? 404 ILE A CA  1 
ATOM   740 C  C   . ILE A 1 113 ? -4.691  16.722  -7.955  1.00 42.89 ? 404 ILE A C   1 
ATOM   741 O  O   . ILE A 1 113 ? -4.475  17.934  -8.138  1.00 41.59 ? 404 ILE A O   1 
ATOM   742 C  CB  . ILE A 1 113 ? -2.751  15.238  -7.230  1.00 43.83 ? 404 ILE A CB  1 
ATOM   743 C  CG1 . ILE A 1 113 ? -2.057  14.548  -6.059  1.00 45.71 ? 404 ILE A CG1 1 
ATOM   744 C  CG2 . ILE A 1 113 ? -1.790  16.140  -7.997  1.00 49.40 ? 404 ILE A CG2 1 
ATOM   745 C  CD1 . ILE A 1 113 ? -1.813  15.442  -4.856  1.00 50.53 ? 404 ILE A CD1 1 
ATOM   746 N  N   . HIS A 1 114 ? -5.458  15.976  -8.749  1.00 41.54 ? 405 HIS A N   1 
ATOM   747 C  CA  . HIS A 1 114 ? -6.160  16.551  -9.929  1.00 52.20 ? 405 HIS A CA  1 
ATOM   748 C  C   . HIS A 1 114 ? -7.052  17.725  -9.483  1.00 47.16 ? 405 HIS A C   1 
ATOM   749 O  O   . HIS A 1 114 ? -6.909  18.834  -10.035 1.00 48.72 ? 405 HIS A O   1 
ATOM   750 C  CB  . HIS A 1 114 ? -6.975  15.497  -10.699 1.00 58.03 ? 405 HIS A CB  1 
ATOM   751 C  CG  . HIS A 1 114 ? -7.921  16.131  -11.670 1.00 72.34 ? 405 HIS A CG  1 
ATOM   752 N  ND1 . HIS A 1 114 ? -7.494  16.685  -12.875 1.00 74.76 ? 405 HIS A ND1 1 
ATOM   753 C  CD2 . HIS A 1 114 ? -9.252  16.371  -11.595 1.00 78.90 ? 405 HIS A CD2 1 
ATOM   754 C  CE1 . HIS A 1 114 ? -8.526  17.214  -13.504 1.00 82.07 ? 405 HIS A CE1 1 
ATOM   755 N  NE2 . HIS A 1 114 ? -9.619  17.036  -12.738 1.00 81.52 ? 405 HIS A NE2 1 
ATOM   756 N  N   . ASP A 1 115 ? -7.959  17.482  -8.539  1.00 44.56 ? 406 ASP A N   1 
ATOM   757 C  CA  . ASP A 1 115 ? -8.916  18.491  -8.014  1.00 46.24 ? 406 ASP A CA  1 
ATOM   758 C  C   . ASP A 1 115 ? -8.147  19.752  -7.597  1.00 48.05 ? 406 ASP A C   1 
ATOM   759 O  O   . ASP A 1 115 ? -8.664  20.859  -7.834  1.00 52.90 ? 406 ASP A O   1 
ATOM   760 C  CB  . ASP A 1 115 ? -9.752  17.941  -6.853  1.00 47.21 ? 406 ASP A CB  1 
ATOM   761 C  CG  . ASP A 1 115 ? -10.821 16.943  -7.270  1.00 53.46 ? 406 ASP A CG  1 
ATOM   762 O  OD1 . ASP A 1 115 ? -10.915 16.648  -8.485  1.00 59.48 ? 406 ASP A OD1 1 
ATOM   763 O  OD2 . ASP A 1 115 ? -11.548 16.461  -6.381  1.00 55.43 ? 406 ASP A OD2 1 
ATOM   764 N  N   . LEU A 1 116 ? -6.974  19.590  -6.984  1.00 46.03 ? 407 LEU A N   1 
ATOM   765 C  CA  . LEU A 1 116 ? -6.159  20.704  -6.420  1.00 50.20 ? 407 LEU A CA  1 
ATOM   766 C  C   . LEU A 1 116 ? -5.556  21.543  -7.568  1.00 51.07 ? 407 LEU A C   1 
ATOM   767 O  O   . LEU A 1 116 ? -5.729  22.781  -7.537  1.00 45.42 ? 407 LEU A O   1 
ATOM   768 C  CB  . LEU A 1 116 ? -5.081  20.097  -5.503  1.00 51.98 ? 407 LEU A CB  1 
ATOM   769 C  CG  . LEU A 1 116 ? -4.404  21.029  -4.494  1.00 59.15 ? 407 LEU A CG  1 
ATOM   770 C  CD1 . LEU A 1 116 ? -3.478  22.019  -5.178  1.00 65.04 ? 407 LEU A CD1 1 
ATOM   771 C  CD2 . LEU A 1 116 ? -5.430  21.774  -3.647  1.00 62.78 ? 407 LEU A CD2 1 
ATOM   772 N  N   . ARG A 1 117 ? -4.872  20.908  -8.534  1.00 55.99 ? 408 ARG A N   1 
ATOM   773 C  CA  . ARG A 1 117 ? -4.266  21.563  -9.737  1.00 64.62 ? 408 ARG A CA  1 
ATOM   774 C  C   . ARG A 1 117 ? -5.351  22.267  -10.570 1.00 64.63 ? 408 ARG A C   1 
ATOM   775 O  O   . ARG A 1 117 ? -5.044  23.306  -11.185 1.00 64.99 ? 408 ARG A O   1 
ATOM   776 C  CB  . ARG A 1 117 ? -3.493  20.531  -10.566 1.00 67.95 ? 408 ARG A CB  1 
ATOM   777 C  CG  . ARG A 1 117 ? -2.257  19.987  -9.854  1.00 76.57 ? 408 ARG A CG  1 
ATOM   778 C  CD  . ARG A 1 117 ? -1.540  18.867  -10.590 1.00 80.89 ? 408 ARG A CD  1 
ATOM   779 N  NE  . ARG A 1 117 ? -0.174  18.694  -10.098 1.00 86.51 ? 408 ARG A NE  1 
ATOM   780 C  CZ  . ARG A 1 117 ? 0.873   19.451  -10.442 1.00 90.55 ? 408 ARG A CZ  1 
ATOM   781 N  NH1 . ARG A 1 117 ? 0.738   20.451  -11.300 1.00 90.15 ? 408 ARG A NH1 1 
ATOM   782 N  NH2 . ARG A 1 117 ? 2.063   19.200  -9.924  1.00 90.21 ? 408 ARG A NH2 1 
ATOM   783 N  N   . GLU A 1 118 ? -6.578  21.732  -10.580 1.00 67.48 ? 409 GLU A N   1 
ATOM   784 C  CA  . GLU A 1 118 ? -7.771  22.341  -11.233 1.00 67.63 ? 409 GLU A CA  1 
ATOM   785 C  C   . GLU A 1 118 ? -8.245  23.545  -10.403 1.00 68.73 ? 409 GLU A C   1 
ATOM   786 O  O   . GLU A 1 118 ? -8.255  24.650  -10.982 1.00 66.50 ? 409 GLU A O   1 
ATOM   787 C  CB  . GLU A 1 118 ? -8.876  21.296  -11.415 1.00 70.21 ? 409 GLU A CB  1 
ATOM   788 C  CG  . GLU A 1 118 ? -10.096 21.799  -12.168 1.00 75.59 ? 409 GLU A CG  1 
ATOM   789 C  CD  . GLU A 1 118 ? -11.367 21.001  -11.915 1.00 80.53 ? 409 GLU A CD  1 
ATOM   790 O  OE1 . GLU A 1 118 ? -11.820 20.942  -10.745 1.00 74.11 ? 409 GLU A OE1 1 
ATOM   791 O  OE2 . GLU A 1 118 ? -11.904 20.436  -12.888 1.00 79.93 ? 409 GLU A OE2 1 
ATOM   792 N  N   . GLN A 1 119 ? -8.611  23.346  -9.117  1.00 63.04 ? 410 GLN A N   1 
ATOM   793 C  CA  . GLN A 1 119 ? -9.108  24.405  -8.180  1.00 62.00 ? 410 GLN A CA  1 
ATOM   794 C  C   . GLN A 1 119 ? -8.115  25.579  -8.132  1.00 63.01 ? 410 GLN A C   1 
ATOM   795 O  O   . GLN A 1 119 ? -8.526  26.651  -7.663  1.00 61.21 ? 410 GLN A O   1 
ATOM   796 C  CB  . GLN A 1 119 ? -9.305  23.901  -6.744  1.00 60.31 ? 410 GLN A CB  1 
ATOM   797 C  CG  . GLN A 1 119 ? -10.541 23.038  -6.499  1.00 61.08 ? 410 GLN A CG  1 
ATOM   798 C  CD  . GLN A 1 119 ? -10.342 21.958  -5.451  1.00 68.17 ? 410 GLN A CD  1 
ATOM   799 O  OE1 . GLN A 1 119 ? -9.439  22.005  -4.609  1.00 62.59 ? 410 GLN A OE1 1 
ATOM   800 N  NE2 . GLN A 1 119 ? -11.192 20.944  -5.490  1.00 70.33 ? 410 GLN A NE2 1 
ATOM   801 N  N   . LEU A 1 120 ? -6.859  25.369  -8.563  1.00 63.56 ? 411 LEU A N   1 
ATOM   802 C  CA  . LEU A 1 120 ? -5.807  26.415  -8.725  1.00 65.03 ? 411 LEU A CA  1 
ATOM   803 C  C   . LEU A 1 120 ? -6.095  27.236  -9.990  1.00 64.76 ? 411 LEU A C   1 
ATOM   804 O  O   . LEU A 1 120 ? -5.829  26.702  -11.092 1.00 74.26 ? 411 LEU A O   1 
ATOM   805 C  CB  . LEU A 1 120 ? -4.420  25.755  -8.794  1.00 63.09 ? 411 LEU A CB  1 
ATOM   806 C  CG  . LEU A 1 120 ? -3.527  25.902  -7.555  1.00 68.77 ? 411 LEU A CG  1 
ATOM   807 C  CD1 . LEU A 1 120 ? -2.831  24.594  -7.204  1.00 69.85 ? 411 LEU A CD1 1 
ATOM   808 C  CD2 . LEU A 1 120 ? -2.492  27.011  -7.736  1.00 67.79 ? 411 LEU A CD2 1 
ATOM   809 N  N   . ALA A 1 143 ? 1.463   19.395  -6.690  1.00 53.63 ? 434 ALA A N   1 
ATOM   810 C  CA  . ALA A 1 143 ? 0.909   18.968  -5.383  1.00 49.19 ? 434 ALA A CA  1 
ATOM   811 C  C   . ALA A 1 143 ? 1.239   17.494  -5.114  1.00 44.78 ? 434 ALA A C   1 
ATOM   812 O  O   . ALA A 1 143 ? 1.033   16.676  -6.026  1.00 44.51 ? 434 ALA A O   1 
ATOM   813 C  CB  . ALA A 1 143 ? -0.578  19.195  -5.378  1.00 53.50 ? 434 ALA A CB  1 
ATOM   814 N  N   . ARG A 1 144 ? 1.707   17.129  -3.913  1.00 42.59 ? 435 ARG A N   1 
ATOM   815 C  CA  . ARG A 1 144 ? 2.097   15.712  -3.664  1.00 34.60 ? 435 ARG A CA  1 
ATOM   816 C  C   . ARG A 1 144 ? 1.208   15.092  -2.586  1.00 28.63 ? 435 ARG A C   1 
ATOM   817 O  O   . ARG A 1 144 ? 0.875   15.771  -1.639  1.00 23.16 ? 435 ARG A O   1 
ATOM   818 C  CB  . ARG A 1 144 ? 3.588   15.604  -3.330  1.00 38.92 ? 435 ARG A CB  1 
ATOM   819 C  CG  . ARG A 1 144 ? 4.461   15.880  -4.549  1.00 49.84 ? 435 ARG A CG  1 
ATOM   820 C  CD  . ARG A 1 144 ? 5.975   15.961  -4.360  1.00 66.88 ? 435 ARG A CD  1 
ATOM   821 N  NE  . ARG A 1 144 ? 6.550   16.322  -5.667  1.00 84.38 ? 435 ARG A NE  1 
ATOM   822 C  CZ  . ARG A 1 144 ? 7.838   16.266  -6.025  1.00 91.74 ? 435 ARG A CZ  1 
ATOM   823 N  NH1 . ARG A 1 144 ? 8.182   16.620  -7.255  1.00 93.17 ? 435 ARG A NH1 1 
ATOM   824 N  NH2 . ARG A 1 144 ? 8.771   15.855  -5.181  1.00 96.51 ? 435 ARG A NH2 1 
ATOM   825 N  N   . LEU A 1 145 ? 0.932   13.797  -2.707  1.00 23.75 ? 436 LEU A N   1 
ATOM   826 C  CA  . LEU A 1 145 ? 0.280   13.021  -1.627  1.00 23.71 ? 436 LEU A CA  1 
ATOM   827 C  C   . LEU A 1 145 ? 1.254   12.766  -0.462  1.00 24.41 ? 436 LEU A C   1 
ATOM   828 O  O   . LEU A 1 145 ? 2.485   12.601  -0.691  1.00 22.98 ? 436 LEU A O   1 
ATOM   829 C  CB  . LEU A 1 145 ? -0.166  11.698  -2.230  1.00 23.95 ? 436 LEU A CB  1 
ATOM   830 C  CG  . LEU A 1 145 ? -1.174  11.794  -3.356  1.00 26.16 ? 436 LEU A CG  1 
ATOM   831 C  CD1 . LEU A 1 145 ? -1.468  10.401  -3.881  1.00 27.65 ? 436 LEU A CD1 1 
ATOM   832 C  CD2 . LEU A 1 145 ? -2.428  12.479  -2.870  1.00 30.26 ? 436 LEU A CD2 1 
ATOM   833 N  N   . TRP A 1 146 ? 0.730   12.685  0.761   1.00 22.44 ? 437 TRP A N   1 
ATOM   834 C  CA  . TRP A 1 146 ? 1.475   12.190  1.938   1.00 21.77 ? 437 TRP A CA  1 
ATOM   835 C  C   . TRP A 1 146 ? 1.738   10.686  1.730   1.00 22.77 ? 437 TRP A C   1 
ATOM   836 O  O   . TRP A 1 146 ? 0.773   9.918   1.634   1.00 21.77 ? 437 TRP A O   1 
ATOM   837 C  CB  . TRP A 1 146 ? 0.647   12.449  3.191   1.00 21.32 ? 437 TRP A CB  1 
ATOM   838 C  CG  . TRP A 1 146 ? 1.332   12.249  4.492   1.00 20.71 ? 437 TRP A CG  1 
ATOM   839 C  CD1 . TRP A 1 146 ? 1.154   11.209  5.359   1.00 21.33 ? 437 TRP A CD1 1 
ATOM   840 C  CD2 . TRP A 1 146 ? 2.238   13.162  5.142   1.00 20.58 ? 437 TRP A CD2 1 
ATOM   841 N  NE1 . TRP A 1 146 ? 1.879   11.421  6.500   1.00 21.01 ? 437 TRP A NE1 1 
ATOM   842 C  CE2 . TRP A 1 146 ? 2.567   12.602  6.395   1.00 20.65 ? 437 TRP A CE2 1 
ATOM   843 C  CE3 . TRP A 1 146 ? 2.804   14.390  4.781   1.00 20.22 ? 437 TRP A CE3 1 
ATOM   844 C  CZ2 . TRP A 1 146 ? 3.414   13.244  7.300   1.00 21.15 ? 437 TRP A CZ2 1 
ATOM   845 C  CZ3 . TRP A 1 146 ? 3.637   15.017  5.670   1.00 19.99 ? 437 TRP A CZ3 1 
ATOM   846 C  CH2 . TRP A 1 146 ? 3.969   14.434  6.893   1.00 22.57 ? 437 TRP A CH2 1 
ATOM   847 N  N   . GLU A 1 147 ? 3.006   10.298  1.545   1.00 21.79 ? 438 GLU A N   1 
ATOM   848 C  CA  . GLU A 1 147 ? 3.400   8.978   0.990   1.00 20.35 ? 438 GLU A CA  1 
ATOM   849 C  C   . GLU A 1 147 ? 4.654   8.511   1.725   1.00 20.65 ? 438 GLU A C   1 
ATOM   850 O  O   . GLU A 1 147 ? 5.499   9.386   2.093   1.00 21.73 ? 438 GLU A O   1 
ATOM   851 C  CB  . GLU A 1 147 ? 3.615   9.154   -0.511  1.00 22.19 ? 438 GLU A CB  1 
ATOM   852 C  CG  . GLU A 1 147 ? 3.866   7.894   -1.300  1.00 22.93 ? 438 GLU A CG  1 
ATOM   853 C  CD  . GLU A 1 147 ? 4.000   8.123   -2.809  1.00 28.05 ? 438 GLU A CD  1 
ATOM   854 O  OE1 . GLU A 1 147 ? 4.270   9.293   -3.213  1.00 30.16 ? 438 GLU A OE1 1 
ATOM   855 O  OE2 . GLU A 1 147 ? 3.945   7.149   -3.561  1.00 26.29 ? 438 GLU A OE2 1 
ATOM   856 N  N   . THR A 1 148 ? 4.722   7.216   2.073   1.00 19.70 ? 439 THR A N   1 
ATOM   857 C  CA  . THR A 1 148 ? 5.869   6.604   2.768   1.00 20.32 ? 439 THR A CA  1 
ATOM   858 C  C   . THR A 1 148 ? 6.342   5.413   1.934   1.00 22.63 ? 439 THR A C   1 
ATOM   859 O  O   . THR A 1 148 ? 5.495   4.646   1.449   1.00 20.63 ? 439 THR A O   1 
ATOM   860 C  CB  . THR A 1 148 ? 5.525   6.167   4.193   1.00 21.63 ? 439 THR A CB  1 
ATOM   861 O  OG1 . THR A 1 148 ? 4.965   7.289   4.899   1.00 22.73 ? 439 THR A OG1 1 
ATOM   862 C  CG2 . THR A 1 148 ? 6.724   5.587   4.898   1.00 21.51 ? 439 THR A CG2 1 
ATOM   863 N  N   A SER A 1 149 ? 7.657   5.299   1.762   0.50 21.60 ? 440 SER A N   1 
ATOM   864 N  N   B SER A 1 149 ? 7.655   5.309   1.740   0.50 22.41 ? 440 SER A N   1 
ATOM   865 C  CA  A SER A 1 149 ? 8.333   4.165   1.090   0.50 22.71 ? 440 SER A CA  1 
ATOM   866 C  CA  B SER A 1 149 ? 8.318   4.164   1.072   0.50 24.22 ? 440 SER A CA  1 
ATOM   867 C  C   A SER A 1 149 ? 8.604   3.078   2.128   0.50 23.71 ? 440 SER A C   1 
ATOM   868 C  C   B SER A 1 149 ? 8.584   3.087   2.125   0.50 24.45 ? 440 SER A C   1 
ATOM   869 O  O   A SER A 1 149 ? 9.160   3.407   3.197   0.50 25.99 ? 440 SER A O   1 
ATOM   870 O  O   B SER A 1 149 ? 9.087   3.434   3.218   0.50 26.66 ? 440 SER A O   1 
ATOM   871 C  CB  A SER A 1 149 ? 9.593   4.588   0.385   0.50 23.02 ? 440 SER A CB  1 
ATOM   872 C  CB  B SER A 1 149 ? 9.569   4.574   0.325   0.50 25.68 ? 440 SER A CB  1 
ATOM   873 O  OG  A SER A 1 149 ? 9.289   5.452   -0.694  0.50 23.37 ? 440 SER A OG  1 
ATOM   874 O  OG  B SER A 1 149 ? 10.597  4.981   1.215   0.50 29.58 ? 440 SER A OG  1 
ATOM   875 N  N   . ILE A 1 150 ? 8.210   1.840   1.814   1.00 24.44 ? 441 ILE A N   1 
ATOM   876 C  CA  . ILE A 1 150 ? 8.244   0.667   2.732   1.00 28.13 ? 441 ILE A CA  1 
ATOM   877 C  C   . ILE A 1 150 ? 9.267   -0.308  2.130   1.00 32.98 ? 441 ILE A C   1 
ATOM   878 O  O   . ILE A 1 150 ? 9.827   -1.097  2.841   1.00 35.12 ? 441 ILE A O   1 
ATOM   879 C  CB  . ILE A 1 150 ? 6.857   -0.032  2.805   1.00 32.46 ? 441 ILE A CB  1 
ATOM   880 C  CG1 . ILE A 1 150 ? 5.716   0.898   3.205   1.00 32.05 ? 441 ILE A CG1 1 
ATOM   881 C  CG2 . ILE A 1 150 ? 6.951   -1.240  3.723   1.00 39.12 ? 441 ILE A CG2 1 
ATOM   882 C  CD1 . ILE A 1 150 ? 5.973   1.670   4.504   1.00 34.34 ? 441 ILE A CD1 1 
ATOM   883 O  OXT . ILE A 1 150 ? 9.516   -0.362  0.910   1.00 32.00 ? 441 ILE A OXT 1 
HETATM 884 CL CL  . CL  B 2 .   ? -3.567  -15.991 6.732   1.00 28.33 ? 601 CL  A CL  1 
HETATM 885 C  C4  . CHT C 3 .   ? 7.379   9.060   6.263   1.00 38.76 ? 602 CHT A C4  1 
HETATM 886 C  C5  . CHT C 3 .   ? 7.402   9.944   5.005   1.00 30.14 ? 602 CHT A C5  1 
HETATM 887 C  C6  . CHT C 3 .   ? 5.149   10.802  5.121   1.00 29.62 ? 602 CHT A C6  1 
HETATM 888 C  C7  . CHT C 3 .   ? 6.769   11.835  3.778   1.00 29.95 ? 602 CHT A C7  1 
HETATM 889 C  C8  . CHT C 3 .   ? 6.970   12.071  6.183   1.00 32.93 ? 602 CHT A C8  1 
HETATM 890 O  O6  . CHT C 3 .   ? 6.098   8.545   6.801   1.00 44.87 ? 602 CHT A O6  1 
HETATM 891 N  N1  . CHT C 3 .   ? 6.574   11.162  5.050   1.00 28.35 ? 602 CHT A N1  1 
HETATM 892 C  C1  . EDO D 4 .   ? -7.302  18.560  0.464   1.00 42.82 ? 603 EDO A C1  1 
HETATM 893 O  O1  . EDO D 4 .   ? -8.194  19.625  0.129   1.00 35.53 ? 603 EDO A O1  1 
HETATM 894 C  C2  . EDO D 4 .   ? -7.730  17.202  -0.011  1.00 48.23 ? 603 EDO A C2  1 
HETATM 895 O  O2  . EDO D 4 .   ? -9.014  16.828  0.473   1.00 51.43 ? 603 EDO A O2  1 
HETATM 896 C  C1  . EDO E 4 .   ? -11.129 4.615   0.333   1.00 46.16 ? 604 EDO A C1  1 
HETATM 897 O  O1  . EDO E 4 .   ? -11.109 3.262   0.728   1.00 55.57 ? 604 EDO A O1  1 
HETATM 898 C  C2  . EDO E 4 .   ? -9.928  5.068   -0.397  1.00 50.77 ? 604 EDO A C2  1 
HETATM 899 O  O2  . EDO E 4 .   ? -10.138 6.178   -1.260  1.00 54.65 ? 604 EDO A O2  1 
HETATM 900 C  C1  . EDO F 4 .   ? -2.208  11.550  6.630   1.00 36.81 ? 605 EDO A C1  1 
HETATM 901 O  O1  . EDO F 4 .   ? -3.412  12.052  7.142   1.00 35.66 ? 605 EDO A O1  1 
HETATM 902 C  C2  . EDO F 4 .   ? -2.344  10.335  5.758   1.00 37.52 ? 605 EDO A C2  1 
HETATM 903 O  O2  . EDO F 4 .   ? -2.869  10.532  4.470   1.00 32.17 ? 605 EDO A O2  1 
HETATM 904 C  C1  . EDO G 4 .   ? -12.560 1.395   2.590   1.00 55.43 ? 606 EDO A C1  1 
HETATM 905 O  O1  . EDO G 4 .   ? -11.849 0.941   1.449   1.00 55.33 ? 606 EDO A O1  1 
HETATM 906 C  C2  . EDO G 4 .   ? -11.885 1.059   3.854   1.00 55.05 ? 606 EDO A C2  1 
HETATM 907 O  O2  . EDO G 4 .   ? -11.494 -0.304  3.960   1.00 57.97 ? 606 EDO A O2  1 
HETATM 908 O  O   . HOH H 5 .   ? 4.073   -8.687  -4.659  1.00 36.02 ? 701 HOH A O   1 
HETATM 909 O  O   . HOH H 5 .   ? -2.411  -1.400  -10.927 1.00 40.32 ? 702 HOH A O   1 
HETATM 910 O  O   . HOH H 5 .   ? -10.435 12.471  -3.796  1.00 44.24 ? 703 HOH A O   1 
HETATM 911 O  O   . HOH H 5 .   ? -5.258  10.642  3.487   1.00 32.15 ? 704 HOH A O   1 
HETATM 912 O  O   . HOH H 5 .   ? 22.104  -8.236  5.377   1.00 30.31 ? 705 HOH A O   1 
HETATM 913 O  O   . HOH H 5 .   ? -3.437  14.532  6.428   1.00 22.94 ? 706 HOH A O   1 
HETATM 914 O  O   . HOH H 5 .   ? 3.687   7.700   -6.087  1.00 36.62 ? 707 HOH A O   1 
HETATM 915 O  O   . HOH H 5 .   ? 5.298   -5.887  -10.142 1.00 35.86 ? 708 HOH A O   1 
HETATM 916 O  O   . HOH H 5 .   ? 12.437  5.902   -0.389  1.00 29.84 ? 709 HOH A O   1 
HETATM 917 O  O   . HOH H 5 .   ? -1.784  9.707   2.176   1.00 20.88 ? 710 HOH A O   1 
HETATM 918 O  O   . HOH H 5 .   ? -10.387 13.388  7.019   1.00 34.04 ? 711 HOH A O   1 
HETATM 919 O  O   . HOH H 5 .   ? -6.066  -0.567  4.668   1.00 22.69 ? 712 HOH A O   1 
HETATM 920 O  O   . HOH H 5 .   ? 9.333   -3.646  -5.267  1.00 22.12 ? 713 HOH A O   1 
HETATM 921 O  O   . HOH H 5 .   ? 14.755  -6.858  -4.509  1.00 42.55 ? 714 HOH A O   1 
HETATM 922 O  O   . HOH H 5 .   ? 4.179   11.944  -2.787  1.00 31.21 ? 715 HOH A O   1 
HETATM 923 O  O   . HOH H 5 .   ? 4.329   -6.893  -7.769  1.00 28.97 ? 716 HOH A O   1 
HETATM 924 O  O   . HOH H 5 .   ? -10.964 2.348   6.411   1.00 30.68 ? 717 HOH A O   1 
HETATM 925 O  O   . HOH H 5 .   ? -12.833 8.285   4.187   1.00 49.40 ? 718 HOH A O   1 
HETATM 926 O  O   . HOH H 5 .   ? 2.771   -17.153 5.817   1.00 34.26 ? 719 HOH A O   1 
HETATM 927 O  O   . HOH H 5 .   ? -9.506  -7.685  12.612  1.00 26.64 ? 720 HOH A O   1 
HETATM 928 O  O   . HOH H 5 .   ? -9.412  8.915   -0.474  1.00 41.12 ? 721 HOH A O   1 
HETATM 929 O  O   . HOH H 5 .   ? -7.766  -8.376  -5.094  1.00 26.32 ? 722 HOH A O   1 
HETATM 930 O  O   . HOH H 5 .   ? -1.905  -11.646 -6.043  1.00 37.23 ? 723 HOH A O   1 
HETATM 931 O  O   . HOH H 5 .   ? -15.601 5.651   8.673   1.00 51.38 ? 724 HOH A O   1 
HETATM 932 O  O   . HOH H 5 .   ? -2.333  -11.728 14.406  1.00 24.41 ? 725 HOH A O   1 
HETATM 933 O  O   . HOH H 5 .   ? -14.640 9.712   8.650   1.00 44.37 ? 726 HOH A O   1 
HETATM 934 O  O   . HOH H 5 .   ? -12.887 -6.126  5.057   1.00 39.57 ? 727 HOH A O   1 
HETATM 935 O  O   . HOH H 5 .   ? 8.890   6.450   -4.881  1.00 45.62 ? 728 HOH A O   1 
HETATM 936 O  O   . HOH H 5 .   ? 10.840  1.376   -0.923  1.00 34.05 ? 729 HOH A O   1 
HETATM 937 O  O   . HOH H 5 .   ? 3.931   1.421   -9.505  1.00 30.01 ? 730 HOH A O   1 
HETATM 938 O  O   . HOH H 5 .   ? -0.269  9.053   10.479  1.00 25.72 ? 731 HOH A O   1 
HETATM 939 O  O   . HOH H 5 .   ? -7.538  4.296   7.127   1.00 30.37 ? 732 HOH A O   1 
HETATM 940 O  O   . HOH H 5 .   ? 2.297   -15.313 -2.311  1.00 32.30 ? 733 HOH A O   1 
HETATM 941 O  O   . HOH H 5 .   ? 1.904   12.589  -5.131  1.00 37.29 ? 734 HOH A O   1 
HETATM 942 O  O   . HOH H 5 .   ? -0.568  -17.380 0.309   1.00 38.52 ? 735 HOH A O   1 
HETATM 943 O  O   . HOH H 5 .   ? 9.423   2.252   -2.986  1.00 33.28 ? 736 HOH A O   1 
HETATM 944 O  O   . HOH H 5 .   ? 8.998   -13.305 -2.346  1.00 36.90 ? 737 HOH A O   1 
HETATM 945 O  O   . HOH H 5 .   ? 8.756   -12.207 9.314   1.00 48.65 ? 738 HOH A O   1 
HETATM 946 O  O   . HOH H 5 .   ? 1.835   10.064  9.135   1.00 27.97 ? 739 HOH A O   1 
HETATM 947 O  O   . HOH H 5 .   ? -9.656  12.767  1.717   1.00 47.58 ? 740 HOH A O   1 
HETATM 948 O  O   . HOH H 5 .   ? 1.472   -1.819  -10.177 1.00 37.12 ? 741 HOH A O   1 
HETATM 949 O  O   . HOH H 5 .   ? -7.323  -1.130  11.194  1.00 32.49 ? 742 HOH A O   1 
HETATM 950 O  O   . HOH H 5 .   ? 4.213   8.305   9.152   1.00 37.69 ? 743 HOH A O   1 
HETATM 951 O  O   . HOH H 5 .   ? 12.661  2.903   2.765   1.00 51.67 ? 744 HOH A O   1 
HETATM 952 O  O   . HOH H 5 .   ? -0.051  9.776   12.935  1.00 48.15 ? 745 HOH A O   1 
HETATM 953 O  O   . HOH H 5 .   ? 4.942   -3.261  -11.100 1.00 54.24 ? 746 HOH A O   1 
# 
loop_
_pdbx_poly_seq_scheme.asym_id 
_pdbx_poly_seq_scheme.entity_id 
_pdbx_poly_seq_scheme.seq_id 
_pdbx_poly_seq_scheme.mon_id 
_pdbx_poly_seq_scheme.ndb_seq_num 
_pdbx_poly_seq_scheme.pdb_seq_num 
_pdbx_poly_seq_scheme.auth_seq_num 
_pdbx_poly_seq_scheme.pdb_mon_id 
_pdbx_poly_seq_scheme.auth_mon_id 
_pdbx_poly_seq_scheme.pdb_strand_id 
_pdbx_poly_seq_scheme.pdb_ins_code 
_pdbx_poly_seq_scheme.hetero 
A 1 1   MET 1   292 ?   ?   ?   A . n 
A 1 2   ASN 2   293 ?   ?   ?   A . n 
A 1 3   HIS 3   294 ?   ?   ?   A . n 
A 1 4   LYS 4   295 ?   ?   ?   A . n 
A 1 5   VAL 5   296 ?   ?   ?   A . n 
A 1 6   HIS 6   297 ?   ?   ?   A . n 
A 1 7   HIS 7   298 ?   ?   ?   A . n 
A 1 8   HIS 8   299 ?   ?   ?   A . n 
A 1 9   HIS 9   300 ?   ?   ?   A . n 
A 1 10  HIS 10  301 ?   ?   ?   A . n 
A 1 11  HIS 11  302 ?   ?   ?   A . n 
A 1 12  ILE 12  303 ?   ?   ?   A . n 
A 1 13  GLU 13  304 ?   ?   ?   A . n 
A 1 14  GLY 14  305 ?   ?   ?   A . n 
A 1 15  ARG 15  306 ?   ?   ?   A . n 
A 1 16  HIS 16  307 307 HIS HIS A . n 
A 1 17  ASN 17  308 308 ASN ASN A . n 
A 1 18  ARG 18  309 309 ARG ARG A . n 
A 1 19  GLU 19  310 310 GLU GLU A . n 
A 1 20  PRO 20  311 311 PRO PRO A . n 
A 1 21  ARG 21  312 312 ARG ARG A . n 
A 1 22  ARG 22  313 313 ARG ARG A . n 
A 1 23  ILE 23  314 314 ILE ILE A . n 
A 1 24  VAL 24  315 315 VAL VAL A . n 
A 1 25  ILE 25  316 316 ILE ILE A . n 
A 1 26  HIS 26  317 317 HIS HIS A . n 
A 1 27  ARG 27  318 318 ARG ARG A . n 
A 1 28  GLY 28  319 319 GLY GLY A . n 
A 1 29  SER 29  320 320 SER SER A . n 
A 1 30  THR 30  321 321 THR THR A . n 
A 1 31  GLY 31  322 322 GLY GLY A . n 
A 1 32  LEU 32  323 323 LEU LEU A . n 
A 1 33  GLY 33  324 324 GLY GLY A . n 
A 1 34  PHE 34  325 325 PHE PHE A . n 
A 1 35  ASN 35  326 326 ASN ASN A . n 
A 1 36  ILE 36  327 327 ILE ILE A . n 
A 1 37  VAL 37  328 328 VAL VAL A . n 
A 1 38  GLY 38  329 329 GLY GLY A . n 
A 1 39  GLY 39  330 330 GLY GLY A . n 
A 1 40  GLU 40  331 331 GLU GLU A . n 
A 1 41  ASP 41  332 332 ASP ASP A . n 
A 1 42  GLY 42  333 333 GLY GLY A . n 
A 1 43  GLU 43  334 334 GLU GLU A . n 
A 1 44  GLY 44  335 335 GLY GLY A . n 
A 1 45  ILE 45  336 336 ILE ILE A . n 
A 1 46  PHE 46  337 337 PHE PHE A . n 
A 1 47  ILE 47  338 338 ILE ILE A . n 
A 1 48  SER 48  339 339 SER SER A . n 
A 1 49  PHE 49  340 340 PHE PHE A . n 
A 1 50  ILE 50  341 341 ILE ILE A . n 
A 1 51  LEU 51  342 342 LEU LEU A . n 
A 1 52  ALA 52  343 343 ALA ALA A . n 
A 1 53  GLY 53  344 344 GLY GLY A . n 
A 1 54  GLY 54  345 345 GLY GLY A . n 
A 1 55  PRO 55  346 346 PRO PRO A . n 
A 1 56  ALA 56  347 347 ALA ALA A . n 
A 1 57  ASP 57  348 348 ASP ASP A . n 
A 1 58  LEU 58  349 349 LEU LEU A . n 
A 1 59  SER 59  350 350 SER SER A . n 
A 1 60  GLY 60  351 351 GLY GLY A . n 
A 1 61  GLU 61  352 352 GLU GLU A . n 
A 1 62  LEU 62  353 353 LEU LEU A . n 
A 1 63  ARG 63  354 354 ARG ARG A . n 
A 1 64  LYS 64  355 355 LYS LYS A . n 
A 1 65  GLY 65  356 356 GLY GLY A . n 
A 1 66  ASP 66  357 357 ASP ASP A . n 
A 1 67  GLN 67  358 358 GLN GLN A . n 
A 1 68  ILE 68  359 359 ILE ILE A . n 
A 1 69  LEU 69  360 360 LEU LEU A . n 
A 1 70  SER 70  361 361 SER SER A . n 
A 1 71  VAL 71  362 362 VAL VAL A . n 
A 1 72  ASN 72  363 363 ASN ASN A . n 
A 1 73  GLY 73  364 364 GLY GLY A . n 
A 1 74  VAL 74  365 365 VAL VAL A . n 
A 1 75  ASP 75  366 366 ASP ASP A . n 
A 1 76  LEU 76  367 367 LEU LEU A . n 
A 1 77  ARG 77  368 368 ARG ARG A . n 
A 1 78  ASN 78  369 369 ASN ASN A . n 
A 1 79  ALA 79  370 370 ALA ALA A . n 
A 1 80  SER 80  371 371 SER SER A . n 
A 1 81  HIS 81  372 372 HIS HIS A . n 
A 1 82  GLU 82  373 373 GLU GLU A . n 
A 1 83  GLN 83  374 374 GLN GLN A . n 
A 1 84  ALA 84  375 375 ALA ALA A . n 
A 1 85  ALA 85  376 376 ALA ALA A . n 
A 1 86  ILE 86  377 377 ILE ILE A . n 
A 1 87  ALA 87  378 378 ALA ALA A . n 
A 1 88  LEU 88  379 379 LEU LEU A . n 
A 1 89  LYS 89  380 380 LYS LYS A . n 
A 1 90  ASN 90  381 381 ASN ASN A . n 
A 1 91  ALA 91  382 382 ALA ALA A . n 
A 1 92  GLY 92  383 383 GLY GLY A . n 
A 1 93  GLN 93  384 384 GLN GLN A . n 
A 1 94  THR 94  385 385 THR THR A . n 
A 1 95  VAL 95  386 386 VAL VAL A . n 
A 1 96  THR 96  387 387 THR THR A . n 
A 1 97  ILE 97  388 388 ILE ILE A . n 
A 1 98  ILE 98  389 389 ILE ILE A . n 
A 1 99  ALA 99  390 390 ALA ALA A . n 
A 1 100 GLN 100 391 391 GLN GLN A . n 
A 1 101 TYR 101 392 392 TYR TYR A . n 
A 1 102 LYS 102 393 393 LYS LYS A . n 
A 1 103 PRO 103 394 394 PRO PRO A . n 
A 1 104 GLU 104 395 395 GLU GLU A . n 
A 1 105 GLU 105 396 396 GLU GLU A . n 
A 1 106 TYR 106 397 397 TYR TYR A . n 
A 1 107 SER 107 398 398 SER SER A . n 
A 1 108 ARG 108 399 399 ARG ARG A . n 
A 1 109 PHE 109 400 400 PHE PHE A . n 
A 1 110 GLU 110 401 401 GLU GLU A . n 
A 1 111 ALA 111 402 402 ALA ALA A . n 
A 1 112 LYS 112 403 403 LYS LYS A . n 
A 1 113 ILE 113 404 404 ILE ILE A . n 
A 1 114 HIS 114 405 405 HIS HIS A . n 
A 1 115 ASP 115 406 406 ASP ASP A . n 
A 1 116 LEU 116 407 407 LEU LEU A . n 
A 1 117 ARG 117 408 408 ARG ARG A . n 
A 1 118 GLU 118 409 409 GLU GLU A . n 
A 1 119 GLN 119 410 410 GLN GLN A . n 
A 1 120 LEU 120 411 411 LEU LEU A . n 
A 1 121 MET 121 412 ?   ?   ?   A . n 
A 1 122 ASN 122 413 ?   ?   ?   A . n 
A 1 123 SER 123 414 ?   ?   ?   A . n 
A 1 124 SER 124 415 ?   ?   ?   A . n 
A 1 125 LEU 125 416 ?   ?   ?   A . n 
A 1 126 GLY 126 417 ?   ?   ?   A . n 
A 1 127 SER 127 418 ?   ?   ?   A . n 
A 1 128 GLY 128 419 ?   ?   ?   A . n 
A 1 129 THR 129 420 ?   ?   ?   A . n 
A 1 130 ALA 130 421 ?   ?   ?   A . n 
A 1 131 SER 131 422 ?   ?   ?   A . n 
A 1 132 GLY 132 423 ?   ?   ?   A . n 
A 1 133 SER 133 424 ?   ?   ?   A . n 
A 1 134 SER 134 425 ?   ?   ?   A . n 
A 1 135 GLY 135 426 ?   ?   ?   A . n 
A 1 136 LYS 136 427 ?   ?   ?   A . n 
A 1 137 LYS 137 428 ?   ?   ?   A . n 
A 1 138 VAL 138 429 ?   ?   ?   A . n 
A 1 139 ASN 139 430 ?   ?   ?   A . n 
A 1 140 ARG 140 431 ?   ?   ?   A . n 
A 1 141 GLN 141 432 ?   ?   ?   A . n 
A 1 142 SER 142 433 ?   ?   ?   A . n 
A 1 143 ALA 143 434 434 ALA ALA A . n 
A 1 144 ARG 144 435 435 ARG ARG A . n 
A 1 145 LEU 145 436 436 LEU LEU A . n 
A 1 146 TRP 146 437 437 TRP TRP A . n 
A 1 147 GLU 147 438 438 GLU GLU A . n 
A 1 148 THR 148 439 439 THR THR A . n 
A 1 149 SER 149 440 440 SER SER A . n 
A 1 150 ILE 150 441 441 ILE ILE A . n 
# 
loop_
_pdbx_nonpoly_scheme.asym_id 
_pdbx_nonpoly_scheme.entity_id 
_pdbx_nonpoly_scheme.mon_id 
_pdbx_nonpoly_scheme.ndb_seq_num 
_pdbx_nonpoly_scheme.pdb_seq_num 
_pdbx_nonpoly_scheme.auth_seq_num 
_pdbx_nonpoly_scheme.pdb_mon_id 
_pdbx_nonpoly_scheme.auth_mon_id 
_pdbx_nonpoly_scheme.pdb_strand_id 
_pdbx_nonpoly_scheme.pdb_ins_code 
B 2 CL  1  601 601 CL  CL  A . 
C 3 CHT 1  602 1   CHT CHT A . 
D 4 EDO 1  603 1   EDO EDO A . 
E 4 EDO 1  604 2   EDO EDO A . 
F 4 EDO 1  605 3   EDO EDO A . 
G 4 EDO 1  606 4   EDO EDO A . 
H 5 HOH 1  701 95  HOH HOH A . 
H 5 HOH 2  702 28  HOH HOH A . 
H 5 HOH 3  703 68  HOH HOH A . 
H 5 HOH 4  704 99  HOH HOH A . 
H 5 HOH 5  705 41  HOH HOH A . 
H 5 HOH 6  706 5   HOH HOH A . 
H 5 HOH 7  707 44  HOH HOH A . 
H 5 HOH 8  708 22  HOH HOH A . 
H 5 HOH 9  709 6   HOH HOH A . 
H 5 HOH 10 710 14  HOH HOH A . 
H 5 HOH 11 711 36  HOH HOH A . 
H 5 HOH 12 712 1   HOH HOH A . 
H 5 HOH 13 713 3   HOH HOH A . 
H 5 HOH 14 714 20  HOH HOH A . 
H 5 HOH 15 715 34  HOH HOH A . 
H 5 HOH 16 716 16  HOH HOH A . 
H 5 HOH 17 717 31  HOH HOH A . 
H 5 HOH 18 718 45  HOH HOH A . 
H 5 HOH 19 719 46  HOH HOH A . 
H 5 HOH 20 720 13  HOH HOH A . 
H 5 HOH 21 721 101 HOH HOH A . 
H 5 HOH 22 722 4   HOH HOH A . 
H 5 HOH 23 723 32  HOH HOH A . 
H 5 HOH 24 724 51  HOH HOH A . 
H 5 HOH 25 725 25  HOH HOH A . 
H 5 HOH 26 726 78  HOH HOH A . 
H 5 HOH 27 727 17  HOH HOH A . 
H 5 HOH 28 728 48  HOH HOH A . 
H 5 HOH 29 729 39  HOH HOH A . 
H 5 HOH 30 730 8   HOH HOH A . 
H 5 HOH 31 731 12  HOH HOH A . 
H 5 HOH 32 732 21  HOH HOH A . 
H 5 HOH 33 733 15  HOH HOH A . 
H 5 HOH 34 734 42  HOH HOH A . 
H 5 HOH 35 735 24  HOH HOH A . 
H 5 HOH 36 736 26  HOH HOH A . 
H 5 HOH 37 737 18  HOH HOH A . 
H 5 HOH 38 738 35  HOH HOH A . 
H 5 HOH 39 739 37  HOH HOH A . 
H 5 HOH 40 740 102 HOH HOH A . 
H 5 HOH 41 741 7   HOH HOH A . 
H 5 HOH 42 742 19  HOH HOH A . 
H 5 HOH 43 743 57  HOH HOH A . 
H 5 HOH 44 744 100 HOH HOH A . 
H 5 HOH 45 745 59  HOH HOH A . 
H 5 HOH 46 746 60  HOH HOH A . 
# 
_pdbx_struct_assembly.id                   1 
_pdbx_struct_assembly.details              author_defined_assembly 
_pdbx_struct_assembly.method_details       ? 
_pdbx_struct_assembly.oligomeric_details   monomeric 
_pdbx_struct_assembly.oligomeric_count     1 
# 
_pdbx_struct_assembly_gen.assembly_id       1 
_pdbx_struct_assembly_gen.oper_expression   1 
_pdbx_struct_assembly_gen.asym_id_list      A,B,C,D,E,F,G,H 
# 
loop_
_pdbx_struct_assembly_prop.biol_id 
_pdbx_struct_assembly_prop.type 
_pdbx_struct_assembly_prop.value 
_pdbx_struct_assembly_prop.details 
1 'ABSA (A^2)' 1000 ? 
1 MORE         9    ? 
1 'SSA (A^2)'  6620 ? 
# 
_pdbx_struct_oper_list.id                   1 
_pdbx_struct_oper_list.type                 'identity operation' 
_pdbx_struct_oper_list.name                 1_555 
_pdbx_struct_oper_list.symmetry_operation   x,y,z 
_pdbx_struct_oper_list.matrix[1][1]         1.0000000000 
_pdbx_struct_oper_list.matrix[1][2]         0.0000000000 
_pdbx_struct_oper_list.matrix[1][3]         0.0000000000 
_pdbx_struct_oper_list.vector[1]            0.0000000000 
_pdbx_struct_oper_list.matrix[2][1]         0.0000000000 
_pdbx_struct_oper_list.matrix[2][2]         1.0000000000 
_pdbx_struct_oper_list.matrix[2][3]         0.0000000000 
_pdbx_struct_oper_list.vector[2]            0.0000000000 
_pdbx_struct_oper_list.matrix[3][1]         0.0000000000 
_pdbx_struct_oper_list.matrix[3][2]         0.0000000000 
_pdbx_struct_oper_list.matrix[3][3]         1.0000000000 
_pdbx_struct_oper_list.vector[3]            0.0000000000 
# 
loop_
_pdbx_audit_revision_history.ordinal 
_pdbx_audit_revision_history.data_content_type 
_pdbx_audit_revision_history.major_revision 
_pdbx_audit_revision_history.minor_revision 
_pdbx_audit_revision_history.revision_date 
1 'Structure model' 1 0 2021-01-06 
2 'Structure model' 1 1 2021-01-20 
3 'Structure model' 1 2 2023-11-29 
# 
_pdbx_audit_revision_details.ordinal             1 
_pdbx_audit_revision_details.revision_ordinal    1 
_pdbx_audit_revision_details.data_content_type   'Structure model' 
_pdbx_audit_revision_details.provider            repository 
_pdbx_audit_revision_details.type                'Initial release' 
_pdbx_audit_revision_details.description         ? 
_pdbx_audit_revision_details.details             ? 
# 
loop_
_pdbx_audit_revision_group.ordinal 
_pdbx_audit_revision_group.revision_ordinal 
_pdbx_audit_revision_group.data_content_type 
_pdbx_audit_revision_group.group 
1 2 'Structure model' 'Database references'    
2 3 'Structure model' 'Data collection'        
3 3 'Structure model' 'Database references'    
4 3 'Structure model' 'Refinement description' 
# 
loop_
_pdbx_audit_revision_category.ordinal 
_pdbx_audit_revision_category.revision_ordinal 
_pdbx_audit_revision_category.data_content_type 
_pdbx_audit_revision_category.category 
1 2 'Structure model' citation                      
2 2 'Structure model' citation_author               
3 3 'Structure model' chem_comp_atom                
4 3 'Structure model' chem_comp_bond                
5 3 'Structure model' database_2                    
6 3 'Structure model' pdbx_initial_refinement_model 
# 
loop_
_pdbx_audit_revision_item.ordinal 
_pdbx_audit_revision_item.revision_ordinal 
_pdbx_audit_revision_item.data_content_type 
_pdbx_audit_revision_item.item 
1 2 'Structure model' '_citation.journal_abbrev'            
2 2 'Structure model' '_citation.journal_id_CSD'            
3 2 'Structure model' '_citation.journal_volume'            
4 2 'Structure model' '_citation.pdbx_database_id_PubMed'   
5 2 'Structure model' '_citation.title'                     
6 2 'Structure model' '_citation.year'                      
7 3 'Structure model' '_database_2.pdbx_DOI'                
8 3 'Structure model' '_database_2.pdbx_database_accession' 
# 
loop_
_software.citation_id 
_software.classification 
_software.compiler_name 
_software.compiler_version 
_software.contact_author 
_software.contact_author_email 
_software.date 
_software.description 
_software.dependencies 
_software.hardware 
_software.language 
_software.location 
_software.mods 
_software.name 
_software.os 
_software.os_version 
_software.type 
_software.version 
_software.pdbx_ordinal 
? refinement       ? ? ? ? ? ? ? ? ? ? ? REFMAC   ? ? ? 5.8.0258 1 
? 'data reduction' ? ? ? ? ? ? ? ? ? ? ? HKL-2000 ? ? ? .        2 
? 'data scaling'   ? ? ? ? ? ? ? ? ? ? ? HKL-2000 ? ? ? .        3 
? phasing          ? ? ? ? ? ? ? ? ? ? ? MOLREP   ? ? ? .        4 
# 
_pdbx_entry_details.entry_id                 7CQF 
_pdbx_entry_details.has_ligand_of_interest   N 
_pdbx_entry_details.compound_details         ? 
_pdbx_entry_details.source_details           ? 
_pdbx_entry_details.nonpolymer_details       ? 
_pdbx_entry_details.sequence_details         ? 
# 
_pdbx_validate_close_contact.id               1 
_pdbx_validate_close_contact.PDB_model_num    1 
_pdbx_validate_close_contact.auth_atom_id_1   OG 
_pdbx_validate_close_contact.auth_asym_id_1   A 
_pdbx_validate_close_contact.auth_comp_id_1   SER 
_pdbx_validate_close_contact.auth_seq_id_1    350 
_pdbx_validate_close_contact.PDB_ins_code_1   ? 
_pdbx_validate_close_contact.label_alt_id_1   ? 
_pdbx_validate_close_contact.auth_atom_id_2   O 
_pdbx_validate_close_contact.auth_asym_id_2   A 
_pdbx_validate_close_contact.auth_comp_id_2   HOH 
_pdbx_validate_close_contact.auth_seq_id_2    701 
_pdbx_validate_close_contact.PDB_ins_code_2   ? 
_pdbx_validate_close_contact.label_alt_id_2   ? 
_pdbx_validate_close_contact.dist             2.14 
# 
_pdbx_validate_torsion.id              1 
_pdbx_validate_torsion.PDB_model_num   1 
_pdbx_validate_torsion.auth_comp_id    SER 
_pdbx_validate_torsion.auth_asym_id    A 
_pdbx_validate_torsion.auth_seq_id     320 
_pdbx_validate_torsion.PDB_ins_code    ? 
_pdbx_validate_torsion.label_alt_id    ? 
_pdbx_validate_torsion.phi             -100.42 
_pdbx_validate_torsion.psi             45.05 
# 
loop_
_pdbx_unobs_or_zero_occ_residues.id 
_pdbx_unobs_or_zero_occ_residues.PDB_model_num 
_pdbx_unobs_or_zero_occ_residues.polymer_flag 
_pdbx_unobs_or_zero_occ_residues.occupancy_flag 
_pdbx_unobs_or_zero_occ_residues.auth_asym_id 
_pdbx_unobs_or_zero_occ_residues.auth_comp_id 
_pdbx_unobs_or_zero_occ_residues.auth_seq_id 
_pdbx_unobs_or_zero_occ_residues.PDB_ins_code 
_pdbx_unobs_or_zero_occ_residues.label_asym_id 
_pdbx_unobs_or_zero_occ_residues.label_comp_id 
_pdbx_unobs_or_zero_occ_residues.label_seq_id 
1  1 Y 1 A MET 292 ? A MET 1   
2  1 Y 1 A ASN 293 ? A ASN 2   
3  1 Y 1 A HIS 294 ? A HIS 3   
4  1 Y 1 A LYS 295 ? A LYS 4   
5  1 Y 1 A VAL 296 ? A VAL 5   
6  1 Y 1 A HIS 297 ? A HIS 6   
7  1 Y 1 A HIS 298 ? A HIS 7   
8  1 Y 1 A HIS 299 ? A HIS 8   
9  1 Y 1 A HIS 300 ? A HIS 9   
10 1 Y 1 A HIS 301 ? A HIS 10  
11 1 Y 1 A HIS 302 ? A HIS 11  
12 1 Y 1 A ILE 303 ? A ILE 12  
13 1 Y 1 A GLU 304 ? A GLU 13  
14 1 Y 1 A GLY 305 ? A GLY 14  
15 1 Y 1 A ARG 306 ? A ARG 15  
16 1 Y 1 A MET 412 ? A MET 121 
17 1 Y 1 A ASN 413 ? A ASN 122 
18 1 Y 1 A SER 414 ? A SER 123 
19 1 Y 1 A SER 415 ? A SER 124 
20 1 Y 1 A LEU 416 ? A LEU 125 
21 1 Y 1 A GLY 417 ? A GLY 126 
22 1 Y 1 A SER 418 ? A SER 127 
23 1 Y 1 A GLY 419 ? A GLY 128 
24 1 Y 1 A THR 420 ? A THR 129 
25 1 Y 1 A ALA 421 ? A ALA 130 
26 1 Y 1 A SER 422 ? A SER 131 
27 1 Y 1 A GLY 423 ? A GLY 132 
28 1 Y 1 A SER 424 ? A SER 133 
29 1 Y 1 A SER 425 ? A SER 134 
30 1 Y 1 A GLY 426 ? A GLY 135 
31 1 Y 1 A LYS 427 ? A LYS 136 
32 1 Y 1 A LYS 428 ? A LYS 137 
33 1 Y 1 A VAL 429 ? A VAL 138 
34 1 Y 1 A ASN 430 ? A ASN 139 
35 1 Y 1 A ARG 431 ? A ARG 140 
36 1 Y 1 A GLN 432 ? A GLN 141 
37 1 Y 1 A SER 433 ? A SER 142 
# 
loop_
_chem_comp_atom.comp_id 
_chem_comp_atom.atom_id 
_chem_comp_atom.type_symbol 
_chem_comp_atom.pdbx_aromatic_flag 
_chem_comp_atom.pdbx_stereo_config 
_chem_comp_atom.pdbx_ordinal 
ALA N    N  N N 1   
ALA CA   C  N S 2   
ALA C    C  N N 3   
ALA O    O  N N 4   
ALA CB   C  N N 5   
ALA OXT  O  N N 6   
ALA H    H  N N 7   
ALA H2   H  N N 8   
ALA HA   H  N N 9   
ALA HB1  H  N N 10  
ALA HB2  H  N N 11  
ALA HB3  H  N N 12  
ALA HXT  H  N N 13  
ARG N    N  N N 14  
ARG CA   C  N S 15  
ARG C    C  N N 16  
ARG O    O  N N 17  
ARG CB   C  N N 18  
ARG CG   C  N N 19  
ARG CD   C  N N 20  
ARG NE   N  N N 21  
ARG CZ   C  N N 22  
ARG NH1  N  N N 23  
ARG NH2  N  N N 24  
ARG OXT  O  N N 25  
ARG H    H  N N 26  
ARG H2   H  N N 27  
ARG HA   H  N N 28  
ARG HB2  H  N N 29  
ARG HB3  H  N N 30  
ARG HG2  H  N N 31  
ARG HG3  H  N N 32  
ARG HD2  H  N N 33  
ARG HD3  H  N N 34  
ARG HE   H  N N 35  
ARG HH11 H  N N 36  
ARG HH12 H  N N 37  
ARG HH21 H  N N 38  
ARG HH22 H  N N 39  
ARG HXT  H  N N 40  
ASN N    N  N N 41  
ASN CA   C  N S 42  
ASN C    C  N N 43  
ASN O    O  N N 44  
ASN CB   C  N N 45  
ASN CG   C  N N 46  
ASN OD1  O  N N 47  
ASN ND2  N  N N 48  
ASN OXT  O  N N 49  
ASN H    H  N N 50  
ASN H2   H  N N 51  
ASN HA   H  N N 52  
ASN HB2  H  N N 53  
ASN HB3  H  N N 54  
ASN HD21 H  N N 55  
ASN HD22 H  N N 56  
ASN HXT  H  N N 57  
ASP N    N  N N 58  
ASP CA   C  N S 59  
ASP C    C  N N 60  
ASP O    O  N N 61  
ASP CB   C  N N 62  
ASP CG   C  N N 63  
ASP OD1  O  N N 64  
ASP OD2  O  N N 65  
ASP OXT  O  N N 66  
ASP H    H  N N 67  
ASP H2   H  N N 68  
ASP HA   H  N N 69  
ASP HB2  H  N N 70  
ASP HB3  H  N N 71  
ASP HD2  H  N N 72  
ASP HXT  H  N N 73  
CHT C4   C  N N 74  
CHT C5   C  N N 75  
CHT C6   C  N N 76  
CHT C7   C  N N 77  
CHT C8   C  N N 78  
CHT O6   O  N N 79  
CHT N1   N  N N 80  
CHT HC41 H  N N 81  
CHT HC42 H  N N 82  
CHT HC51 H  N N 83  
CHT HC52 H  N N 84  
CHT H61  H  N N 85  
CHT H62  H  N N 86  
CHT H63  H  N N 87  
CHT H71  H  N N 88  
CHT H72  H  N N 89  
CHT H73  H  N N 90  
CHT H81  H  N N 91  
CHT H82  H  N N 92  
CHT H83  H  N N 93  
CHT HO6  H  N N 94  
CL  CL   CL N N 95  
EDO C1   C  N N 96  
EDO O1   O  N N 97  
EDO C2   C  N N 98  
EDO O2   O  N N 99  
EDO H11  H  N N 100 
EDO H12  H  N N 101 
EDO HO1  H  N N 102 
EDO H21  H  N N 103 
EDO H22  H  N N 104 
EDO HO2  H  N N 105 
GLN N    N  N N 106 
GLN CA   C  N S 107 
GLN C    C  N N 108 
GLN O    O  N N 109 
GLN CB   C  N N 110 
GLN CG   C  N N 111 
GLN CD   C  N N 112 
GLN OE1  O  N N 113 
GLN NE2  N  N N 114 
GLN OXT  O  N N 115 
GLN H    H  N N 116 
GLN H2   H  N N 117 
GLN HA   H  N N 118 
GLN HB2  H  N N 119 
GLN HB3  H  N N 120 
GLN HG2  H  N N 121 
GLN HG3  H  N N 122 
GLN HE21 H  N N 123 
GLN HE22 H  N N 124 
GLN HXT  H  N N 125 
GLU N    N  N N 126 
GLU CA   C  N S 127 
GLU C    C  N N 128 
GLU O    O  N N 129 
GLU CB   C  N N 130 
GLU CG   C  N N 131 
GLU CD   C  N N 132 
GLU OE1  O  N N 133 
GLU OE2  O  N N 134 
GLU OXT  O  N N 135 
GLU H    H  N N 136 
GLU H2   H  N N 137 
GLU HA   H  N N 138 
GLU HB2  H  N N 139 
GLU HB3  H  N N 140 
GLU HG2  H  N N 141 
GLU HG3  H  N N 142 
GLU HE2  H  N N 143 
GLU HXT  H  N N 144 
GLY N    N  N N 145 
GLY CA   C  N N 146 
GLY C    C  N N 147 
GLY O    O  N N 148 
GLY OXT  O  N N 149 
GLY H    H  N N 150 
GLY H2   H  N N 151 
GLY HA2  H  N N 152 
GLY HA3  H  N N 153 
GLY HXT  H  N N 154 
HIS N    N  N N 155 
HIS CA   C  N S 156 
HIS C    C  N N 157 
HIS O    O  N N 158 
HIS CB   C  N N 159 
HIS CG   C  Y N 160 
HIS ND1  N  Y N 161 
HIS CD2  C  Y N 162 
HIS CE1  C  Y N 163 
HIS NE2  N  Y N 164 
HIS OXT  O  N N 165 
HIS H    H  N N 166 
HIS H2   H  N N 167 
HIS HA   H  N N 168 
HIS HB2  H  N N 169 
HIS HB3  H  N N 170 
HIS HD1  H  N N 171 
HIS HD2  H  N N 172 
HIS HE1  H  N N 173 
HIS HE2  H  N N 174 
HIS HXT  H  N N 175 
HOH O    O  N N 176 
HOH H1   H  N N 177 
HOH H2   H  N N 178 
ILE N    N  N N 179 
ILE CA   C  N S 180 
ILE C    C  N N 181 
ILE O    O  N N 182 
ILE CB   C  N S 183 
ILE CG1  C  N N 184 
ILE CG2  C  N N 185 
ILE CD1  C  N N 186 
ILE OXT  O  N N 187 
ILE H    H  N N 188 
ILE H2   H  N N 189 
ILE HA   H  N N 190 
ILE HB   H  N N 191 
ILE HG12 H  N N 192 
ILE HG13 H  N N 193 
ILE HG21 H  N N 194 
ILE HG22 H  N N 195 
ILE HG23 H  N N 196 
ILE HD11 H  N N 197 
ILE HD12 H  N N 198 
ILE HD13 H  N N 199 
ILE HXT  H  N N 200 
LEU N    N  N N 201 
LEU CA   C  N S 202 
LEU C    C  N N 203 
LEU O    O  N N 204 
LEU CB   C  N N 205 
LEU CG   C  N N 206 
LEU CD1  C  N N 207 
LEU CD2  C  N N 208 
LEU OXT  O  N N 209 
LEU H    H  N N 210 
LEU H2   H  N N 211 
LEU HA   H  N N 212 
LEU HB2  H  N N 213 
LEU HB3  H  N N 214 
LEU HG   H  N N 215 
LEU HD11 H  N N 216 
LEU HD12 H  N N 217 
LEU HD13 H  N N 218 
LEU HD21 H  N N 219 
LEU HD22 H  N N 220 
LEU HD23 H  N N 221 
LEU HXT  H  N N 222 
LYS N    N  N N 223 
LYS CA   C  N S 224 
LYS C    C  N N 225 
LYS O    O  N N 226 
LYS CB   C  N N 227 
LYS CG   C  N N 228 
LYS CD   C  N N 229 
LYS CE   C  N N 230 
LYS NZ   N  N N 231 
LYS OXT  O  N N 232 
LYS H    H  N N 233 
LYS H2   H  N N 234 
LYS HA   H  N N 235 
LYS HB2  H  N N 236 
LYS HB3  H  N N 237 
LYS HG2  H  N N 238 
LYS HG3  H  N N 239 
LYS HD2  H  N N 240 
LYS HD3  H  N N 241 
LYS HE2  H  N N 242 
LYS HE3  H  N N 243 
LYS HZ1  H  N N 244 
LYS HZ2  H  N N 245 
LYS HZ3  H  N N 246 
LYS HXT  H  N N 247 
MET N    N  N N 248 
MET CA   C  N S 249 
MET C    C  N N 250 
MET O    O  N N 251 
MET CB   C  N N 252 
MET CG   C  N N 253 
MET SD   S  N N 254 
MET CE   C  N N 255 
MET OXT  O  N N 256 
MET H    H  N N 257 
MET H2   H  N N 258 
MET HA   H  N N 259 
MET HB2  H  N N 260 
MET HB3  H  N N 261 
MET HG2  H  N N 262 
MET HG3  H  N N 263 
MET HE1  H  N N 264 
MET HE2  H  N N 265 
MET HE3  H  N N 266 
MET HXT  H  N N 267 
PHE N    N  N N 268 
PHE CA   C  N S 269 
PHE C    C  N N 270 
PHE O    O  N N 271 
PHE CB   C  N N 272 
PHE CG   C  Y N 273 
PHE CD1  C  Y N 274 
PHE CD2  C  Y N 275 
PHE CE1  C  Y N 276 
PHE CE2  C  Y N 277 
PHE CZ   C  Y N 278 
PHE OXT  O  N N 279 
PHE H    H  N N 280 
PHE H2   H  N N 281 
PHE HA   H  N N 282 
PHE HB2  H  N N 283 
PHE HB3  H  N N 284 
PHE HD1  H  N N 285 
PHE HD2  H  N N 286 
PHE HE1  H  N N 287 
PHE HE2  H  N N 288 
PHE HZ   H  N N 289 
PHE HXT  H  N N 290 
PRO N    N  N N 291 
PRO CA   C  N S 292 
PRO C    C  N N 293 
PRO O    O  N N 294 
PRO CB   C  N N 295 
PRO CG   C  N N 296 
PRO CD   C  N N 297 
PRO OXT  O  N N 298 
PRO H    H  N N 299 
PRO HA   H  N N 300 
PRO HB2  H  N N 301 
PRO HB3  H  N N 302 
PRO HG2  H  N N 303 
PRO HG3  H  N N 304 
PRO HD2  H  N N 305 
PRO HD3  H  N N 306 
PRO HXT  H  N N 307 
SER N    N  N N 308 
SER CA   C  N S 309 
SER C    C  N N 310 
SER O    O  N N 311 
SER CB   C  N N 312 
SER OG   O  N N 313 
SER OXT  O  N N 314 
SER H    H  N N 315 
SER H2   H  N N 316 
SER HA   H  N N 317 
SER HB2  H  N N 318 
SER HB3  H  N N 319 
SER HG   H  N N 320 
SER HXT  H  N N 321 
THR N    N  N N 322 
THR CA   C  N S 323 
THR C    C  N N 324 
THR O    O  N N 325 
THR CB   C  N R 326 
THR OG1  O  N N 327 
THR CG2  C  N N 328 
THR OXT  O  N N 329 
THR H    H  N N 330 
THR H2   H  N N 331 
THR HA   H  N N 332 
THR HB   H  N N 333 
THR HG1  H  N N 334 
THR HG21 H  N N 335 
THR HG22 H  N N 336 
THR HG23 H  N N 337 
THR HXT  H  N N 338 
TRP N    N  N N 339 
TRP CA   C  N S 340 
TRP C    C  N N 341 
TRP O    O  N N 342 
TRP CB   C  N N 343 
TRP CG   C  Y N 344 
TRP CD1  C  Y N 345 
TRP CD2  C  Y N 346 
TRP NE1  N  Y N 347 
TRP CE2  C  Y N 348 
TRP CE3  C  Y N 349 
TRP CZ2  C  Y N 350 
TRP CZ3  C  Y N 351 
TRP CH2  C  Y N 352 
TRP OXT  O  N N 353 
TRP H    H  N N 354 
TRP H2   H  N N 355 
TRP HA   H  N N 356 
TRP HB2  H  N N 357 
TRP HB3  H  N N 358 
TRP HD1  H  N N 359 
TRP HE1  H  N N 360 
TRP HE3  H  N N 361 
TRP HZ2  H  N N 362 
TRP HZ3  H  N N 363 
TRP HH2  H  N N 364 
TRP HXT  H  N N 365 
TYR N    N  N N 366 
TYR CA   C  N S 367 
TYR C    C  N N 368 
TYR O    O  N N 369 
TYR CB   C  N N 370 
TYR CG   C  Y N 371 
TYR CD1  C  Y N 372 
TYR CD2  C  Y N 373 
TYR CE1  C  Y N 374 
TYR CE2  C  Y N 375 
TYR CZ   C  Y N 376 
TYR OH   O  N N 377 
TYR OXT  O  N N 378 
TYR H    H  N N 379 
TYR H2   H  N N 380 
TYR HA   H  N N 381 
TYR HB2  H  N N 382 
TYR HB3  H  N N 383 
TYR HD1  H  N N 384 
TYR HD2  H  N N 385 
TYR HE1  H  N N 386 
TYR HE2  H  N N 387 
TYR HH   H  N N 388 
TYR HXT  H  N N 389 
VAL N    N  N N 390 
VAL CA   C  N S 391 
VAL C    C  N N 392 
VAL O    O  N N 393 
VAL CB   C  N N 394 
VAL CG1  C  N N 395 
VAL CG2  C  N N 396 
VAL OXT  O  N N 397 
VAL H    H  N N 398 
VAL H2   H  N N 399 
VAL HA   H  N N 400 
VAL HB   H  N N 401 
VAL HG11 H  N N 402 
VAL HG12 H  N N 403 
VAL HG13 H  N N 404 
VAL HG21 H  N N 405 
VAL HG22 H  N N 406 
VAL HG23 H  N N 407 
VAL HXT  H  N N 408 
# 
loop_
_chem_comp_bond.comp_id 
_chem_comp_bond.atom_id_1 
_chem_comp_bond.atom_id_2 
_chem_comp_bond.value_order 
_chem_comp_bond.pdbx_aromatic_flag 
_chem_comp_bond.pdbx_stereo_config 
_chem_comp_bond.pdbx_ordinal 
ALA N   CA   sing N N 1   
ALA N   H    sing N N 2   
ALA N   H2   sing N N 3   
ALA CA  C    sing N N 4   
ALA CA  CB   sing N N 5   
ALA CA  HA   sing N N 6   
ALA C   O    doub N N 7   
ALA C   OXT  sing N N 8   
ALA CB  HB1  sing N N 9   
ALA CB  HB2  sing N N 10  
ALA CB  HB3  sing N N 11  
ALA OXT HXT  sing N N 12  
ARG N   CA   sing N N 13  
ARG N   H    sing N N 14  
ARG N   H2   sing N N 15  
ARG CA  C    sing N N 16  
ARG CA  CB   sing N N 17  
ARG CA  HA   sing N N 18  
ARG C   O    doub N N 19  
ARG C   OXT  sing N N 20  
ARG CB  CG   sing N N 21  
ARG CB  HB2  sing N N 22  
ARG CB  HB3  sing N N 23  
ARG CG  CD   sing N N 24  
ARG CG  HG2  sing N N 25  
ARG CG  HG3  sing N N 26  
ARG CD  NE   sing N N 27  
ARG CD  HD2  sing N N 28  
ARG CD  HD3  sing N N 29  
ARG NE  CZ   sing N N 30  
ARG NE  HE   sing N N 31  
ARG CZ  NH1  sing N N 32  
ARG CZ  NH2  doub N N 33  
ARG NH1 HH11 sing N N 34  
ARG NH1 HH12 sing N N 35  
ARG NH2 HH21 sing N N 36  
ARG NH2 HH22 sing N N 37  
ARG OXT HXT  sing N N 38  
ASN N   CA   sing N N 39  
ASN N   H    sing N N 40  
ASN N   H2   sing N N 41  
ASN CA  C    sing N N 42  
ASN CA  CB   sing N N 43  
ASN CA  HA   sing N N 44  
ASN C   O    doub N N 45  
ASN C   OXT  sing N N 46  
ASN CB  CG   sing N N 47  
ASN CB  HB2  sing N N 48  
ASN CB  HB3  sing N N 49  
ASN CG  OD1  doub N N 50  
ASN CG  ND2  sing N N 51  
ASN ND2 HD21 sing N N 52  
ASN ND2 HD22 sing N N 53  
ASN OXT HXT  sing N N 54  
ASP N   CA   sing N N 55  
ASP N   H    sing N N 56  
ASP N   H2   sing N N 57  
ASP CA  C    sing N N 58  
ASP CA  CB   sing N N 59  
ASP CA  HA   sing N N 60  
ASP C   O    doub N N 61  
ASP C   OXT  sing N N 62  
ASP CB  CG   sing N N 63  
ASP CB  HB2  sing N N 64  
ASP CB  HB3  sing N N 65  
ASP CG  OD1  doub N N 66  
ASP CG  OD2  sing N N 67  
ASP OD2 HD2  sing N N 68  
ASP OXT HXT  sing N N 69  
CHT C4  C5   sing N N 70  
CHT C4  O6   sing N N 71  
CHT C4  HC41 sing N N 72  
CHT C4  HC42 sing N N 73  
CHT C5  N1   sing N N 74  
CHT C5  HC51 sing N N 75  
CHT C5  HC52 sing N N 76  
CHT C6  N1   sing N N 77  
CHT C6  H61  sing N N 78  
CHT C6  H62  sing N N 79  
CHT C6  H63  sing N N 80  
CHT C7  N1   sing N N 81  
CHT C7  H71  sing N N 82  
CHT C7  H72  sing N N 83  
CHT C7  H73  sing N N 84  
CHT C8  N1   sing N N 85  
CHT C8  H81  sing N N 86  
CHT C8  H82  sing N N 87  
CHT C8  H83  sing N N 88  
CHT O6  HO6  sing N N 89  
EDO C1  O1   sing N N 90  
EDO C1  C2   sing N N 91  
EDO C1  H11  sing N N 92  
EDO C1  H12  sing N N 93  
EDO O1  HO1  sing N N 94  
EDO C2  O2   sing N N 95  
EDO C2  H21  sing N N 96  
EDO C2  H22  sing N N 97  
EDO O2  HO2  sing N N 98  
GLN N   CA   sing N N 99  
GLN N   H    sing N N 100 
GLN N   H2   sing N N 101 
GLN CA  C    sing N N 102 
GLN CA  CB   sing N N 103 
GLN CA  HA   sing N N 104 
GLN C   O    doub N N 105 
GLN C   OXT  sing N N 106 
GLN CB  CG   sing N N 107 
GLN CB  HB2  sing N N 108 
GLN CB  HB3  sing N N 109 
GLN CG  CD   sing N N 110 
GLN CG  HG2  sing N N 111 
GLN CG  HG3  sing N N 112 
GLN CD  OE1  doub N N 113 
GLN CD  NE2  sing N N 114 
GLN NE2 HE21 sing N N 115 
GLN NE2 HE22 sing N N 116 
GLN OXT HXT  sing N N 117 
GLU N   CA   sing N N 118 
GLU N   H    sing N N 119 
GLU N   H2   sing N N 120 
GLU CA  C    sing N N 121 
GLU CA  CB   sing N N 122 
GLU CA  HA   sing N N 123 
GLU C   O    doub N N 124 
GLU C   OXT  sing N N 125 
GLU CB  CG   sing N N 126 
GLU CB  HB2  sing N N 127 
GLU CB  HB3  sing N N 128 
GLU CG  CD   sing N N 129 
GLU CG  HG2  sing N N 130 
GLU CG  HG3  sing N N 131 
GLU CD  OE1  doub N N 132 
GLU CD  OE2  sing N N 133 
GLU OE2 HE2  sing N N 134 
GLU OXT HXT  sing N N 135 
GLY N   CA   sing N N 136 
GLY N   H    sing N N 137 
GLY N   H2   sing N N 138 
GLY CA  C    sing N N 139 
GLY CA  HA2  sing N N 140 
GLY CA  HA3  sing N N 141 
GLY C   O    doub N N 142 
GLY C   OXT  sing N N 143 
GLY OXT HXT  sing N N 144 
HIS N   CA   sing N N 145 
HIS N   H    sing N N 146 
HIS N   H2   sing N N 147 
HIS CA  C    sing N N 148 
HIS CA  CB   sing N N 149 
HIS CA  HA   sing N N 150 
HIS C   O    doub N N 151 
HIS C   OXT  sing N N 152 
HIS CB  CG   sing N N 153 
HIS CB  HB2  sing N N 154 
HIS CB  HB3  sing N N 155 
HIS CG  ND1  sing Y N 156 
HIS CG  CD2  doub Y N 157 
HIS ND1 CE1  doub Y N 158 
HIS ND1 HD1  sing N N 159 
HIS CD2 NE2  sing Y N 160 
HIS CD2 HD2  sing N N 161 
HIS CE1 NE2  sing Y N 162 
HIS CE1 HE1  sing N N 163 
HIS NE2 HE2  sing N N 164 
HIS OXT HXT  sing N N 165 
HOH O   H1   sing N N 166 
HOH O   H2   sing N N 167 
ILE N   CA   sing N N 168 
ILE N   H    sing N N 169 
ILE N   H2   sing N N 170 
ILE CA  C    sing N N 171 
ILE CA  CB   sing N N 172 
ILE CA  HA   sing N N 173 
ILE C   O    doub N N 174 
ILE C   OXT  sing N N 175 
ILE CB  CG1  sing N N 176 
ILE CB  CG2  sing N N 177 
ILE CB  HB   sing N N 178 
ILE CG1 CD1  sing N N 179 
ILE CG1 HG12 sing N N 180 
ILE CG1 HG13 sing N N 181 
ILE CG2 HG21 sing N N 182 
ILE CG2 HG22 sing N N 183 
ILE CG2 HG23 sing N N 184 
ILE CD1 HD11 sing N N 185 
ILE CD1 HD12 sing N N 186 
ILE CD1 HD13 sing N N 187 
ILE OXT HXT  sing N N 188 
LEU N   CA   sing N N 189 
LEU N   H    sing N N 190 
LEU N   H2   sing N N 191 
LEU CA  C    sing N N 192 
LEU CA  CB   sing N N 193 
LEU CA  HA   sing N N 194 
LEU C   O    doub N N 195 
LEU C   OXT  sing N N 196 
LEU CB  CG   sing N N 197 
LEU CB  HB2  sing N N 198 
LEU CB  HB3  sing N N 199 
LEU CG  CD1  sing N N 200 
LEU CG  CD2  sing N N 201 
LEU CG  HG   sing N N 202 
LEU CD1 HD11 sing N N 203 
LEU CD1 HD12 sing N N 204 
LEU CD1 HD13 sing N N 205 
LEU CD2 HD21 sing N N 206 
LEU CD2 HD22 sing N N 207 
LEU CD2 HD23 sing N N 208 
LEU OXT HXT  sing N N 209 
LYS N   CA   sing N N 210 
LYS N   H    sing N N 211 
LYS N   H2   sing N N 212 
LYS CA  C    sing N N 213 
LYS CA  CB   sing N N 214 
LYS CA  HA   sing N N 215 
LYS C   O    doub N N 216 
LYS C   OXT  sing N N 217 
LYS CB  CG   sing N N 218 
LYS CB  HB2  sing N N 219 
LYS CB  HB3  sing N N 220 
LYS CG  CD   sing N N 221 
LYS CG  HG2  sing N N 222 
LYS CG  HG3  sing N N 223 
LYS CD  CE   sing N N 224 
LYS CD  HD2  sing N N 225 
LYS CD  HD3  sing N N 226 
LYS CE  NZ   sing N N 227 
LYS CE  HE2  sing N N 228 
LYS CE  HE3  sing N N 229 
LYS NZ  HZ1  sing N N 230 
LYS NZ  HZ2  sing N N 231 
LYS NZ  HZ3  sing N N 232 
LYS OXT HXT  sing N N 233 
MET N   CA   sing N N 234 
MET N   H    sing N N 235 
MET N   H2   sing N N 236 
MET CA  C    sing N N 237 
MET CA  CB   sing N N 238 
MET CA  HA   sing N N 239 
MET C   O    doub N N 240 
MET C   OXT  sing N N 241 
MET CB  CG   sing N N 242 
MET CB  HB2  sing N N 243 
MET CB  HB3  sing N N 244 
MET CG  SD   sing N N 245 
MET CG  HG2  sing N N 246 
MET CG  HG3  sing N N 247 
MET SD  CE   sing N N 248 
MET CE  HE1  sing N N 249 
MET CE  HE2  sing N N 250 
MET CE  HE3  sing N N 251 
MET OXT HXT  sing N N 252 
PHE N   CA   sing N N 253 
PHE N   H    sing N N 254 
PHE N   H2   sing N N 255 
PHE CA  C    sing N N 256 
PHE CA  CB   sing N N 257 
PHE CA  HA   sing N N 258 
PHE C   O    doub N N 259 
PHE C   OXT  sing N N 260 
PHE CB  CG   sing N N 261 
PHE CB  HB2  sing N N 262 
PHE CB  HB3  sing N N 263 
PHE CG  CD1  doub Y N 264 
PHE CG  CD2  sing Y N 265 
PHE CD1 CE1  sing Y N 266 
PHE CD1 HD1  sing N N 267 
PHE CD2 CE2  doub Y N 268 
PHE CD2 HD2  sing N N 269 
PHE CE1 CZ   doub Y N 270 
PHE CE1 HE1  sing N N 271 
PHE CE2 CZ   sing Y N 272 
PHE CE2 HE2  sing N N 273 
PHE CZ  HZ   sing N N 274 
PHE OXT HXT  sing N N 275 
PRO N   CA   sing N N 276 
PRO N   CD   sing N N 277 
PRO N   H    sing N N 278 
PRO CA  C    sing N N 279 
PRO CA  CB   sing N N 280 
PRO CA  HA   sing N N 281 
PRO C   O    doub N N 282 
PRO C   OXT  sing N N 283 
PRO CB  CG   sing N N 284 
PRO CB  HB2  sing N N 285 
PRO CB  HB3  sing N N 286 
PRO CG  CD   sing N N 287 
PRO CG  HG2  sing N N 288 
PRO CG  HG3  sing N N 289 
PRO CD  HD2  sing N N 290 
PRO CD  HD3  sing N N 291 
PRO OXT HXT  sing N N 292 
SER N   CA   sing N N 293 
SER N   H    sing N N 294 
SER N   H2   sing N N 295 
SER CA  C    sing N N 296 
SER CA  CB   sing N N 297 
SER CA  HA   sing N N 298 
SER C   O    doub N N 299 
SER C   OXT  sing N N 300 
SER CB  OG   sing N N 301 
SER CB  HB2  sing N N 302 
SER CB  HB3  sing N N 303 
SER OG  HG   sing N N 304 
SER OXT HXT  sing N N 305 
THR N   CA   sing N N 306 
THR N   H    sing N N 307 
THR N   H2   sing N N 308 
THR CA  C    sing N N 309 
THR CA  CB   sing N N 310 
THR CA  HA   sing N N 311 
THR C   O    doub N N 312 
THR C   OXT  sing N N 313 
THR CB  OG1  sing N N 314 
THR CB  CG2  sing N N 315 
THR CB  HB   sing N N 316 
THR OG1 HG1  sing N N 317 
THR CG2 HG21 sing N N 318 
THR CG2 HG22 sing N N 319 
THR CG2 HG23 sing N N 320 
THR OXT HXT  sing N N 321 
TRP N   CA   sing N N 322 
TRP N   H    sing N N 323 
TRP N   H2   sing N N 324 
TRP CA  C    sing N N 325 
TRP CA  CB   sing N N 326 
TRP CA  HA   sing N N 327 
TRP C   O    doub N N 328 
TRP C   OXT  sing N N 329 
TRP CB  CG   sing N N 330 
TRP CB  HB2  sing N N 331 
TRP CB  HB3  sing N N 332 
TRP CG  CD1  doub Y N 333 
TRP CG  CD2  sing Y N 334 
TRP CD1 NE1  sing Y N 335 
TRP CD1 HD1  sing N N 336 
TRP CD2 CE2  doub Y N 337 
TRP CD2 CE3  sing Y N 338 
TRP NE1 CE2  sing Y N 339 
TRP NE1 HE1  sing N N 340 
TRP CE2 CZ2  sing Y N 341 
TRP CE3 CZ3  doub Y N 342 
TRP CE3 HE3  sing N N 343 
TRP CZ2 CH2  doub Y N 344 
TRP CZ2 HZ2  sing N N 345 
TRP CZ3 CH2  sing Y N 346 
TRP CZ3 HZ3  sing N N 347 
TRP CH2 HH2  sing N N 348 
TRP OXT HXT  sing N N 349 
TYR N   CA   sing N N 350 
TYR N   H    sing N N 351 
TYR N   H2   sing N N 352 
TYR CA  C    sing N N 353 
TYR CA  CB   sing N N 354 
TYR CA  HA   sing N N 355 
TYR C   O    doub N N 356 
TYR C   OXT  sing N N 357 
TYR CB  CG   sing N N 358 
TYR CB  HB2  sing N N 359 
TYR CB  HB3  sing N N 360 
TYR CG  CD1  doub Y N 361 
TYR CG  CD2  sing Y N 362 
TYR CD1 CE1  sing Y N 363 
TYR CD1 HD1  sing N N 364 
TYR CD2 CE2  doub Y N 365 
TYR CD2 HD2  sing N N 366 
TYR CE1 CZ   doub Y N 367 
TYR CE1 HE1  sing N N 368 
TYR CE2 CZ   sing Y N 369 
TYR CE2 HE2  sing N N 370 
TYR CZ  OH   sing N N 371 
TYR OH  HH   sing N N 372 
TYR OXT HXT  sing N N 373 
VAL N   CA   sing N N 374 
VAL N   H    sing N N 375 
VAL N   H2   sing N N 376 
VAL CA  C    sing N N 377 
VAL CA  CB   sing N N 378 
VAL CA  HA   sing N N 379 
VAL C   O    doub N N 380 
VAL C   OXT  sing N N 381 
VAL CB  CG1  sing N N 382 
VAL CB  CG2  sing N N 383 
VAL CB  HB   sing N N 384 
VAL CG1 HG11 sing N N 385 
VAL CG1 HG12 sing N N 386 
VAL CG1 HG13 sing N N 387 
VAL CG2 HG21 sing N N 388 
VAL CG2 HG22 sing N N 389 
VAL CG2 HG23 sing N N 390 
VAL OXT HXT  sing N N 391 
# 
_pdbx_audit_support.funding_organization   'Japan Society for the Promotion of Science (JSPS)' 
_pdbx_audit_support.country                Japan 
_pdbx_audit_support.grant_number           18H03983 
_pdbx_audit_support.ordinal                1 
# 
loop_
_pdbx_entity_nonpoly.entity_id 
_pdbx_entity_nonpoly.name 
_pdbx_entity_nonpoly.comp_id 
2 'CHLORIDE ION' CL  
3 'CHOLINE ION'  CHT 
4 1,2-ETHANEDIOL EDO 
5 water          HOH 
# 
_pdbx_initial_refinement_model.id               1 
_pdbx_initial_refinement_model.entity_id_list   ? 
_pdbx_initial_refinement_model.type             'experimental model' 
_pdbx_initial_refinement_model.source_name      PDB 
_pdbx_initial_refinement_model.accession_code   1TP3 
_pdbx_initial_refinement_model.details          ? 
# 
_pdbx_struct_assembly_auth_evidence.id                     1 
_pdbx_struct_assembly_auth_evidence.assembly_id            1 
_pdbx_struct_assembly_auth_evidence.experimental_support   'gel filtration' 
_pdbx_struct_assembly_auth_evidence.details                ? 
# 
